data_7L27
#
_entry.id   7L27
#
_cell.length_a   82.370
_cell.length_b   58.790
_cell.length_c   157.660
_cell.angle_alpha   90.000
_cell.angle_beta   90.690
_cell.angle_gamma   90.000
#
_symmetry.space_group_name_H-M   'P 1 21 1'
#
loop_
_entity.id
_entity.type
_entity.pdbx_description
1 polymer "cGMP-inhibited 3',5'-cyclic phosphodiesterase A"
2 non-polymer 'MANGANESE (II) ION'
3 non-polymer 'MAGNESIUM ION'
4 non-polymer 'ACETATE ION'
5 non-polymer 'CALCIUM ION'
6 water water
#
_entity_poly.entity_id   1
_entity_poly.type   'polypeptide(L)'
_entity_poly.pdbx_seq_one_letter_code
;GKPILAPEPLVMDNLDSIMEQLNTWNFPIFDLVENIGRKCGRILSQVSYRLFEDMGLFEAFKIPIREFMNYFHALEIGYR
DIPYHNRIHATDVLHAVWYLTTQPIPGLSTVIGGSGGSYVFSKTYNVTDDKYGCLSGNIPALELMALYVAAAMHDYDHPG
RTNAFLVATSAPQAVLYNDRSVLENHHAAAAWNLFMSRPEYNFLINLDHVEFKHFRFLVIEAILATDLKKHFDFVAKFNG
KVNDDVGIDWTNENDRLLVCQMCIKLADINGPAKCKELHLQWTDGIVNEFYEQGDEEASLGLPISPFMDRSAPQLANLQE
SFISHIVGPLCNSYDSAGLMPGKWVEGGSGGSRRKIYCQITQHLLQNHKMWKKVIEEEQR
;
_entity_poly.pdbx_strand_id   A,B,C,D
#
loop_
_chem_comp.id
_chem_comp.type
_chem_comp.name
_chem_comp.formula
ACT non-polymer 'ACETATE ION' 'C2 H3 O2 -1'
CA non-polymer 'CALCIUM ION' 'Ca 2'
MG non-polymer 'MAGNESIUM ION' 'Mg 2'
MN non-polymer 'MANGANESE (II) ION' 'Mn 2'
#
# COMPACT_ATOMS: atom_id res chain seq x y z
N LYS A 2 -29.43 50.70 -12.80
CA LYS A 2 -28.36 49.72 -13.15
C LYS A 2 -28.71 48.81 -14.33
N PRO A 3 -29.87 48.10 -14.30
CA PRO A 3 -30.33 47.38 -15.50
C PRO A 3 -30.73 48.35 -16.64
N ILE A 4 -30.43 47.95 -17.88
CA ILE A 4 -30.98 48.60 -19.06
C ILE A 4 -32.43 48.12 -19.11
N LEU A 5 -33.37 49.07 -19.14
CA LEU A 5 -34.79 48.77 -19.25
C LEU A 5 -35.30 49.28 -20.60
N ALA A 6 -36.33 48.62 -21.12
CA ALA A 6 -37.00 49.02 -22.35
C ALA A 6 -37.58 50.42 -22.22
N PRO A 7 -37.39 51.32 -23.22
CA PRO A 7 -37.96 52.66 -23.14
C PRO A 7 -39.48 52.75 -23.20
N GLU A 8 -39.97 53.87 -22.64
CA GLU A 8 -41.25 54.64 -22.85
C GLU A 8 -42.53 53.80 -22.94
N PRO A 9 -43.48 54.05 -23.88
CA PRO A 9 -44.38 52.98 -24.33
C PRO A 9 -43.50 51.91 -24.97
N LEU A 10 -43.71 50.65 -24.57
CA LEU A 10 -42.88 49.54 -24.99
C LEU A 10 -42.87 49.38 -26.51
N VAL A 11 -44.04 49.54 -27.14
CA VAL A 11 -44.19 49.39 -28.58
C VAL A 11 -44.26 50.77 -29.22
N MET A 12 -43.36 51.06 -30.17
CA MET A 12 -43.41 52.33 -30.94
C MET A 12 -44.58 52.30 -31.94
N ASP A 13 -45.50 53.26 -31.86
CA ASP A 13 -46.74 53.22 -32.64
C ASP A 13 -46.60 53.78 -34.07
N ASN A 14 -45.49 54.48 -34.34
CA ASN A 14 -45.28 55.20 -35.60
C ASN A 14 -44.65 54.34 -36.72
N LEU A 15 -44.46 53.04 -36.46
CA LEU A 15 -43.74 52.17 -37.37
C LEU A 15 -44.66 51.22 -38.16
N ASP A 16 -45.98 51.39 -38.02
CA ASP A 16 -46.95 50.39 -38.50
C ASP A 16 -46.87 50.06 -40.00
N SER A 17 -46.69 51.10 -40.84
CA SER A 17 -46.68 50.90 -42.29
C SER A 17 -45.43 50.17 -42.76
N ILE A 18 -44.30 50.38 -42.09
CA ILE A 18 -43.09 49.66 -42.43
C ILE A 18 -43.14 48.24 -41.85
N MET A 19 -43.64 48.10 -40.61
CA MET A 19 -43.73 46.77 -39.97
C MET A 19 -44.66 45.81 -40.69
N GLU A 20 -45.71 46.34 -41.33
CA GLU A 20 -46.62 45.48 -42.08
C GLU A 20 -45.91 44.71 -43.21
N GLN A 21 -44.77 45.26 -43.66
CA GLN A 21 -43.99 44.70 -44.77
C GLN A 21 -42.98 43.66 -44.36
N LEU A 22 -43.00 43.27 -43.07
CA LEU A 22 -42.16 42.18 -42.60
C LEU A 22 -42.38 40.88 -43.40
N ASN A 23 -43.59 40.67 -43.93
CA ASN A 23 -43.85 39.41 -44.64
C ASN A 23 -43.34 39.36 -46.09
N THR A 24 -42.32 40.19 -46.43
CA THR A 24 -41.69 40.13 -47.72
C THR A 24 -40.22 39.77 -47.51
N TRP A 25 -39.62 39.08 -48.48
CA TRP A 25 -38.22 38.68 -48.36
C TRP A 25 -37.30 39.90 -48.35
N ASN A 26 -37.50 40.79 -49.32
CA ASN A 26 -36.74 42.04 -49.38
C ASN A 26 -37.32 43.13 -48.48
N PHE A 27 -37.43 42.81 -47.19
CA PHE A 27 -37.94 43.77 -46.22
C PHE A 27 -37.03 45.00 -46.26
N PRO A 28 -37.57 46.24 -46.36
CA PRO A 28 -36.75 47.43 -46.42
C PRO A 28 -36.23 47.85 -45.07
N ILE A 29 -35.24 47.08 -44.60
CA ILE A 29 -34.70 47.25 -43.28
C ILE A 29 -34.02 48.61 -43.08
N PHE A 30 -33.39 49.15 -44.13
CA PHE A 30 -32.72 50.44 -44.02
C PHE A 30 -33.67 51.61 -43.95
N ASP A 31 -34.86 51.47 -44.55
CA ASP A 31 -35.96 52.41 -44.35
C ASP A 31 -36.41 52.39 -42.87
N LEU A 32 -36.50 51.19 -42.28
CA LEU A 32 -36.85 51.06 -40.87
C LEU A 32 -35.82 51.75 -39.99
N VAL A 33 -34.53 51.57 -40.32
CA VAL A 33 -33.43 52.26 -39.62
C VAL A 33 -33.61 53.78 -39.65
N GLU A 34 -33.91 54.32 -40.84
CA GLU A 34 -34.08 55.76 -40.98
C GLU A 34 -35.31 56.28 -40.25
N ASN A 35 -36.36 55.46 -40.23
CA ASN A 35 -37.63 55.80 -39.59
C ASN A 35 -37.51 55.81 -38.06
N ILE A 36 -36.77 54.84 -37.50
CA ILE A 36 -36.51 54.77 -36.06
C ILE A 36 -35.44 55.78 -35.62
N GLY A 37 -34.45 55.99 -36.50
CA GLY A 37 -33.24 56.77 -36.22
C GLY A 37 -32.03 55.87 -36.11
N ARG A 38 -30.93 56.24 -36.78
CA ARG A 38 -29.66 55.51 -36.70
C ARG A 38 -29.10 55.67 -35.28
N LYS A 39 -28.85 54.53 -34.64
CA LYS A 39 -28.34 54.46 -33.26
C LYS A 39 -29.38 54.89 -32.24
N CYS A 40 -30.66 54.84 -32.62
CA CYS A 40 -31.75 54.90 -31.64
C CYS A 40 -31.64 53.73 -30.66
N GLY A 41 -31.10 52.61 -31.14
CA GLY A 41 -30.98 51.40 -30.39
C GLY A 41 -32.27 50.70 -30.04
N ARG A 42 -33.23 50.67 -30.97
CA ARG A 42 -34.54 50.04 -30.72
C ARG A 42 -35.02 49.05 -31.79
N ILE A 43 -34.28 48.95 -32.89
CA ILE A 43 -34.75 48.21 -34.06
C ILE A 43 -34.98 46.73 -33.77
N LEU A 44 -34.04 46.11 -33.03
CA LEU A 44 -34.11 44.68 -32.75
C LEU A 44 -35.29 44.34 -31.84
N SER A 45 -35.48 45.13 -30.78
CA SER A 45 -36.56 44.89 -29.86
C SER A 45 -37.94 45.13 -30.51
N GLN A 46 -38.03 46.17 -31.36
CA GLN A 46 -39.30 46.47 -32.02
C GLN A 46 -39.71 45.38 -33.02
N VAL A 47 -38.76 44.91 -33.83
CA VAL A 47 -39.02 43.83 -34.76
C VAL A 47 -39.32 42.53 -34.03
N SER A 48 -38.53 42.23 -32.99
CA SER A 48 -38.73 41.00 -32.21
C SER A 48 -40.15 40.93 -31.63
N TYR A 49 -40.63 42.05 -31.09
CA TYR A 49 -42.01 42.13 -30.62
C TYR A 49 -43.03 41.75 -31.70
N ARG A 50 -42.89 42.36 -32.88
CA ARG A 50 -43.86 42.13 -33.95
C ARG A 50 -43.86 40.67 -34.41
N LEU A 51 -42.68 40.06 -34.50
CA LEU A 51 -42.58 38.69 -34.97
C LEU A 51 -43.10 37.70 -33.93
N PHE A 52 -42.81 37.93 -32.65
CA PHE A 52 -43.35 37.09 -31.59
C PHE A 52 -44.88 37.21 -31.51
N GLU A 53 -45.40 38.42 -31.67
CA GLU A 53 -46.83 38.63 -31.72
C GLU A 53 -47.45 37.92 -32.94
N ASP A 54 -46.81 38.06 -34.11
CA ASP A 54 -47.27 37.42 -35.33
C ASP A 54 -47.43 35.89 -35.16
N MET A 55 -46.54 35.29 -34.37
CA MET A 55 -46.54 33.84 -34.15
C MET A 55 -47.36 33.40 -32.95
N GLY A 56 -47.89 34.36 -32.17
CA GLY A 56 -48.62 34.07 -30.95
C GLY A 56 -47.71 33.41 -29.88
N LEU A 57 -46.41 33.73 -29.93
CA LEU A 57 -45.47 33.15 -28.98
C LEU A 57 -45.64 33.70 -27.55
N PHE A 58 -46.12 34.93 -27.41
CA PHE A 58 -46.36 35.50 -26.08
C PHE A 58 -47.41 34.67 -25.32
N GLU A 59 -48.50 34.30 -26.01
CA GLU A 59 -49.54 33.47 -25.45
C GLU A 59 -49.06 32.03 -25.23
N ALA A 60 -48.40 31.47 -26.25
CA ALA A 60 -47.91 30.08 -26.20
C ALA A 60 -47.06 29.77 -24.96
N PHE A 61 -46.19 30.71 -24.57
CA PHE A 61 -45.29 30.51 -23.44
C PHE A 61 -45.52 31.46 -22.27
N LYS A 62 -46.69 32.12 -22.28
CA LYS A 62 -47.08 33.06 -21.23
C LYS A 62 -45.92 34.02 -20.92
N ILE A 63 -45.35 34.59 -21.98
CA ILE A 63 -44.19 35.46 -21.89
C ILE A 63 -44.65 36.84 -21.42
N PRO A 64 -44.11 37.37 -20.29
CA PRO A 64 -44.42 38.73 -19.86
C PRO A 64 -43.71 39.72 -20.79
N ILE A 65 -44.48 40.65 -21.35
CA ILE A 65 -43.98 41.47 -22.45
C ILE A 65 -42.95 42.48 -21.96
N ARG A 66 -43.14 43.00 -20.75
CA ARG A 66 -42.18 43.95 -20.18
C ARG A 66 -40.77 43.35 -20.11
N GLU A 67 -40.67 42.14 -19.54
CA GLU A 67 -39.39 41.47 -19.37
C GLU A 67 -38.77 41.09 -20.73
N PHE A 68 -39.61 40.67 -21.66
CA PHE A 68 -39.19 40.41 -23.04
C PHE A 68 -38.55 41.67 -23.64
N MET A 69 -39.27 42.82 -23.56
CA MET A 69 -38.75 44.07 -24.12
C MET A 69 -37.48 44.54 -23.39
N ASN A 70 -37.46 44.39 -22.07
CA ASN A 70 -36.27 44.74 -21.30
C ASN A 70 -35.07 43.95 -21.82
N TYR A 71 -35.22 42.63 -21.95
CA TYR A 71 -34.10 41.80 -22.37
C TYR A 71 -33.63 42.16 -23.78
N PHE A 72 -34.59 42.25 -24.72
CA PHE A 72 -34.20 42.50 -26.10
C PHE A 72 -33.59 43.91 -26.28
N HIS A 73 -34.00 44.87 -25.44
CA HIS A 73 -33.39 46.18 -25.49
C HIS A 73 -31.96 46.15 -24.92
N ALA A 74 -31.78 45.48 -23.78
CA ALA A 74 -30.42 45.28 -23.25
C ALA A 74 -29.51 44.60 -24.29
N LEU A 75 -30.06 43.59 -24.98
CA LEU A 75 -29.35 42.83 -25.97
C LEU A 75 -28.94 43.74 -27.12
N GLU A 76 -29.89 44.49 -27.66
CA GLU A 76 -29.58 45.35 -28.79
C GLU A 76 -28.57 46.45 -28.47
N ILE A 77 -28.61 46.95 -27.24
CA ILE A 77 -27.67 47.98 -26.75
C ILE A 77 -26.24 47.44 -26.70
N GLY A 78 -26.10 46.15 -26.45
CA GLY A 78 -24.81 45.49 -26.40
C GLY A 78 -24.20 45.08 -27.73
N TYR A 79 -24.96 45.26 -28.83
CA TYR A 79 -24.37 45.23 -30.16
C TYR A 79 -23.66 46.57 -30.34
N ARG A 80 -22.41 46.50 -30.81
CA ARG A 80 -21.57 47.67 -30.98
C ARG A 80 -21.94 48.51 -32.20
N ASP A 81 -21.48 49.77 -32.20
CA ASP A 81 -21.66 50.69 -33.30
C ASP A 81 -20.55 50.43 -34.33
N ILE A 82 -20.63 49.26 -34.98
CA ILE A 82 -19.67 48.84 -35.99
C ILE A 82 -20.42 48.67 -37.30
N PRO A 83 -19.73 48.70 -38.46
CA PRO A 83 -20.43 48.81 -39.75
C PRO A 83 -21.28 47.63 -40.22
N TYR A 84 -20.98 46.40 -39.76
CA TYR A 84 -21.76 45.23 -40.18
C TYR A 84 -22.38 44.41 -39.03
N HIS A 85 -21.55 43.90 -38.12
CA HIS A 85 -22.06 43.01 -37.03
C HIS A 85 -22.70 43.84 -35.94
N ASN A 86 -23.81 44.51 -36.24
CA ASN A 86 -24.49 45.45 -35.37
C ASN A 86 -25.94 44.96 -35.21
N ARG A 87 -26.76 45.73 -34.49
CA ARG A 87 -28.11 45.31 -34.15
C ARG A 87 -29.01 45.28 -35.39
N ILE A 88 -28.62 45.98 -36.45
CA ILE A 88 -29.36 45.94 -37.71
C ILE A 88 -29.19 44.56 -38.40
N HIS A 89 -27.96 44.06 -38.43
CA HIS A 89 -27.67 42.70 -38.92
C HIS A 89 -28.41 41.66 -38.10
N ALA A 90 -28.43 41.80 -36.78
CA ALA A 90 -29.14 40.86 -35.94
C ALA A 90 -30.63 40.82 -36.28
N THR A 91 -31.22 42.00 -36.47
CA THR A 91 -32.60 42.14 -36.87
C THR A 91 -32.85 41.47 -38.22
N ASP A 92 -31.93 41.69 -39.16
CA ASP A 92 -31.98 41.09 -40.51
C ASP A 92 -31.99 39.55 -40.45
N VAL A 93 -31.14 38.99 -39.59
CA VAL A 93 -31.02 37.53 -39.44
C VAL A 93 -32.30 36.97 -38.78
N LEU A 94 -32.82 37.66 -37.78
CA LEU A 94 -34.07 37.25 -37.15
C LEU A 94 -35.22 37.26 -38.18
N HIS A 95 -35.33 38.35 -38.95
CA HIS A 95 -36.35 38.41 -39.98
C HIS A 95 -36.24 37.25 -40.96
N ALA A 96 -35.00 36.92 -41.37
CA ALA A 96 -34.78 35.86 -42.33
C ALA A 96 -35.17 34.50 -41.76
N VAL A 97 -34.80 34.19 -40.50
CA VAL A 97 -35.19 32.90 -39.92
C VAL A 97 -36.70 32.81 -39.76
N TRP A 98 -37.34 33.93 -39.39
CA TRP A 98 -38.80 33.97 -39.34
C TRP A 98 -39.40 33.71 -40.73
N TYR A 99 -38.87 34.36 -41.75
CA TYR A 99 -39.37 34.20 -43.10
C TYR A 99 -39.25 32.76 -43.58
N LEU A 100 -38.05 32.19 -43.39
CA LEU A 100 -37.80 30.83 -43.82
C LEU A 100 -38.67 29.78 -43.11
N THR A 101 -39.05 30.06 -41.86
CA THR A 101 -39.81 29.12 -41.07
C THR A 101 -41.32 29.31 -41.12
N THR A 102 -41.82 30.41 -41.69
CA THR A 102 -43.24 30.72 -41.70
C THR A 102 -43.89 30.82 -43.08
N GLN A 103 -43.07 31.05 -44.11
CA GLN A 103 -43.60 31.32 -45.42
C GLN A 103 -43.86 30.05 -46.21
N PRO A 104 -44.81 30.07 -47.18
CA PRO A 104 -45.18 28.86 -47.90
C PRO A 104 -44.01 28.22 -48.63
N ILE A 105 -43.88 26.91 -48.45
CA ILE A 105 -42.92 26.08 -49.12
C ILE A 105 -43.70 25.09 -50.00
N PRO A 106 -43.54 25.13 -51.35
CA PRO A 106 -44.32 24.26 -52.22
C PRO A 106 -43.97 22.78 -52.01
N GLY A 107 -44.99 21.95 -51.80
CA GLY A 107 -44.85 20.52 -51.65
C GLY A 107 -44.37 19.99 -50.31
N LEU A 108 -44.17 20.86 -49.33
CA LEU A 108 -43.81 20.43 -47.98
C LEU A 108 -45.06 19.95 -47.26
N SER A 109 -45.03 18.74 -46.70
CA SER A 109 -46.15 18.27 -45.85
C SER A 109 -45.97 18.74 -44.41
N THR A 110 -47.06 19.20 -43.79
CA THR A 110 -47.07 19.77 -42.45
C THR A 110 -47.82 18.81 -41.53
N VAL A 111 -47.36 18.67 -40.27
CA VAL A 111 -48.28 18.25 -39.21
C VAL A 111 -49.07 19.48 -38.83
N GLY A 117 -51.93 23.36 -30.82
CA GLY A 117 -51.13 22.38 -30.10
C GLY A 117 -49.72 22.88 -29.85
N SER A 118 -48.75 21.97 -29.96
CA SER A 118 -47.35 22.26 -29.73
C SER A 118 -46.67 23.15 -30.83
N TYR A 119 -47.48 23.55 -31.82
CA TYR A 119 -47.02 24.26 -33.00
C TYR A 119 -47.71 25.59 -33.12
N VAL A 120 -46.96 26.60 -33.62
CA VAL A 120 -47.49 27.92 -33.91
C VAL A 120 -47.38 28.21 -35.40
N PHE A 121 -48.22 29.13 -35.87
CA PHE A 121 -48.27 29.57 -37.26
C PHE A 121 -48.39 31.09 -37.35
N SER A 122 -47.77 31.65 -38.39
CA SER A 122 -47.82 33.08 -38.65
C SER A 122 -49.22 33.49 -39.07
N LYS A 123 -49.64 34.66 -38.56
CA LYS A 123 -50.84 35.32 -39.07
C LYS A 123 -50.76 35.67 -40.57
N THR A 124 -49.54 35.71 -41.13
CA THR A 124 -49.30 36.03 -42.55
C THR A 124 -49.54 34.85 -43.49
N TYR A 125 -49.76 33.66 -42.91
CA TYR A 125 -49.88 32.43 -43.70
C TYR A 125 -51.31 32.22 -44.29
N ASN A 126 -51.49 32.57 -45.58
CA ASN A 126 -52.83 32.65 -46.20
C ASN A 126 -53.21 31.56 -47.18
N VAL A 127 -52.21 30.91 -47.77
CA VAL A 127 -52.44 29.84 -48.74
C VAL A 127 -53.18 28.67 -48.07
N THR A 128 -54.35 28.36 -48.64
CA THR A 128 -55.22 27.31 -48.17
C THR A 128 -55.01 26.02 -49.00
N ASP A 129 -54.07 26.08 -49.94
CA ASP A 129 -53.75 25.00 -50.85
C ASP A 129 -52.87 23.95 -50.17
N ASP A 130 -53.40 22.73 -50.06
CA ASP A 130 -52.68 21.48 -49.69
C ASP A 130 -51.25 21.37 -50.19
N LYS A 131 -50.98 22.03 -51.30
CA LYS A 131 -49.70 21.98 -51.99
C LYS A 131 -48.65 22.96 -51.46
N TYR A 132 -48.91 23.61 -50.34
CA TYR A 132 -47.88 24.32 -49.57
C TYR A 132 -47.89 23.89 -48.11
N GLY A 133 -46.72 23.96 -47.49
CA GLY A 133 -46.58 23.93 -46.05
C GLY A 133 -45.54 24.93 -45.58
N CYS A 134 -45.21 24.92 -44.30
CA CYS A 134 -44.19 25.79 -43.73
C CYS A 134 -43.46 25.03 -42.64
N LEU A 135 -42.24 25.47 -42.32
CA LEU A 135 -41.45 24.78 -41.30
C LEU A 135 -42.09 24.83 -39.92
N SER A 136 -42.85 25.90 -39.62
CA SER A 136 -43.48 26.04 -38.31
C SER A 136 -44.59 24.99 -38.06
N GLY A 137 -45.03 24.32 -39.13
CA GLY A 137 -45.90 23.18 -39.06
C GLY A 137 -45.19 21.88 -38.73
N ASN A 138 -43.86 21.87 -38.76
CA ASN A 138 -43.04 20.68 -38.55
C ASN A 138 -42.04 20.78 -37.41
N ILE A 139 -41.80 22.01 -36.94
CA ILE A 139 -40.85 22.27 -35.86
C ILE A 139 -41.63 22.85 -34.68
N PRO A 140 -41.67 22.14 -33.53
CA PRO A 140 -42.42 22.61 -32.36
C PRO A 140 -42.06 24.03 -31.95
N ALA A 141 -43.04 24.71 -31.36
CA ALA A 141 -42.95 26.11 -31.02
C ALA A 141 -41.75 26.41 -30.11
N LEU A 142 -41.45 25.52 -29.16
CA LEU A 142 -40.31 25.74 -28.27
C LEU A 142 -38.99 25.84 -29.06
N GLU A 143 -38.84 24.96 -30.04
CA GLU A 143 -37.64 24.89 -30.88
C GLU A 143 -37.58 26.07 -31.84
N LEU A 144 -38.74 26.48 -32.36
CA LEU A 144 -38.79 27.65 -33.21
C LEU A 144 -38.40 28.91 -32.42
N MET A 145 -38.93 29.03 -31.19
CA MET A 145 -38.62 30.17 -30.35
C MET A 145 -37.11 30.21 -30.04
N ALA A 146 -36.51 29.04 -29.80
CA ALA A 146 -35.06 28.96 -29.58
C ALA A 146 -34.28 29.49 -30.80
N LEU A 147 -34.72 29.10 -31.99
CA LEU A 147 -34.10 29.56 -33.22
C LEU A 147 -34.19 31.10 -33.35
N TYR A 148 -35.36 31.67 -33.04
CA TYR A 148 -35.56 33.11 -33.13
C TYR A 148 -34.71 33.88 -32.12
N VAL A 149 -34.66 33.39 -30.87
CA VAL A 149 -33.85 34.00 -29.83
C VAL A 149 -32.36 33.90 -30.19
N ALA A 150 -31.95 32.74 -30.74
CA ALA A 150 -30.59 32.56 -31.21
C ALA A 150 -30.23 33.58 -32.26
N ALA A 151 -31.13 33.80 -33.22
CA ALA A 151 -30.87 34.78 -34.25
C ALA A 151 -30.65 36.18 -33.65
N ALA A 152 -31.51 36.59 -32.70
CA ALA A 152 -31.35 37.87 -32.06
C ALA A 152 -30.00 38.00 -31.31
N MET A 153 -29.53 36.93 -30.70
CA MET A 153 -28.29 37.02 -29.86
C MET A 153 -27.04 36.58 -30.61
N HIS A 154 -27.11 36.25 -31.89
CA HIS A 154 -26.01 35.42 -32.43
C HIS A 154 -24.71 36.17 -32.72
N ASP A 155 -24.74 37.50 -32.82
CA ASP A 155 -23.51 38.32 -32.95
C ASP A 155 -23.31 39.33 -31.79
N TYR A 156 -23.95 39.06 -30.64
CA TYR A 156 -23.91 39.97 -29.51
C TYR A 156 -22.49 40.34 -29.12
N ASP A 157 -22.24 41.65 -29.02
CA ASP A 157 -20.92 42.17 -28.57
C ASP A 157 -19.77 41.76 -29.51
N HIS A 158 -20.08 41.67 -30.80
CA HIS A 158 -19.07 41.42 -31.82
C HIS A 158 -18.12 42.62 -31.84
N PRO A 159 -16.80 42.39 -31.81
CA PRO A 159 -15.82 43.48 -31.79
C PRO A 159 -15.43 44.04 -33.16
N GLY A 160 -15.97 43.49 -34.24
CA GLY A 160 -15.61 43.91 -35.58
C GLY A 160 -14.29 43.39 -36.09
N ARG A 161 -13.88 42.24 -35.53
CA ARG A 161 -12.70 41.50 -35.93
C ARG A 161 -13.11 40.05 -36.12
N THR A 162 -12.44 39.35 -37.03
CA THR A 162 -12.71 37.94 -37.28
C THR A 162 -12.06 37.04 -36.21
N ASN A 163 -12.53 35.79 -36.14
CA ASN A 163 -11.89 34.77 -35.32
C ASN A 163 -10.41 34.67 -35.62
N ALA A 164 -10.06 34.67 -36.91
CA ALA A 164 -8.66 34.51 -37.32
C ALA A 164 -7.77 35.62 -36.74
N PHE A 165 -8.27 36.87 -36.76
CA PHE A 165 -7.54 38.00 -36.20
C PHE A 165 -7.35 37.84 -34.67
N LEU A 166 -8.42 37.44 -33.98
CA LEU A 166 -8.36 37.26 -32.52
C LEU A 166 -7.33 36.20 -32.16
N VAL A 167 -7.34 35.11 -32.93
CA VAL A 167 -6.42 33.99 -32.70
C VAL A 167 -4.99 34.42 -33.01
N ALA A 168 -4.79 35.08 -34.15
CA ALA A 168 -3.43 35.47 -34.56
C ALA A 168 -2.78 36.48 -33.60
N THR A 169 -3.60 37.33 -32.97
CA THR A 169 -3.11 38.35 -32.05
C THR A 169 -3.12 37.92 -30.58
N SER A 170 -3.50 36.66 -30.32
CA SER A 170 -3.64 36.15 -28.94
C SER A 170 -4.49 37.07 -28.10
N ALA A 171 -5.63 37.49 -28.65
CA ALA A 171 -6.54 38.34 -27.94
C ALA A 171 -7.07 37.62 -26.70
N PRO A 172 -7.37 38.34 -25.59
CA PRO A 172 -7.90 37.68 -24.39
C PRO A 172 -9.06 36.71 -24.68
N GLN A 173 -9.98 37.08 -25.59
CA GLN A 173 -11.07 36.19 -25.91
C GLN A 173 -10.62 34.88 -26.55
N ALA A 174 -9.60 34.95 -27.39
CA ALA A 174 -9.08 33.76 -28.07
C ALA A 174 -8.40 32.84 -27.03
N VAL A 175 -7.65 33.45 -26.11
CA VAL A 175 -7.05 32.66 -25.03
C VAL A 175 -8.14 32.05 -24.14
N LEU A 176 -9.16 32.83 -23.82
CA LEU A 176 -10.27 32.35 -22.97
C LEU A 176 -11.00 31.14 -23.56
N TYR A 177 -11.19 31.13 -24.88
CA TYR A 177 -11.91 30.07 -25.58
C TYR A 177 -11.03 29.06 -26.30
N ASN A 178 -9.74 29.08 -26.00
CA ASN A 178 -8.77 28.10 -26.51
C ASN A 178 -8.82 28.02 -28.04
N ASP A 179 -9.00 29.20 -28.66
CA ASP A 179 -9.03 29.41 -30.11
C ASP A 179 -10.20 28.73 -30.84
N ARG A 180 -11.18 28.20 -30.10
CA ARG A 180 -12.30 27.42 -30.67
C ARG A 180 -13.54 28.26 -30.74
N SER A 181 -14.07 28.49 -31.97
CA SER A 181 -15.27 29.28 -32.18
C SER A 181 -15.30 30.48 -31.22
N VAL A 182 -14.25 31.30 -31.30
CA VAL A 182 -13.99 32.32 -30.29
C VAL A 182 -15.13 33.32 -30.19
N LEU A 183 -15.49 33.92 -31.33
CA LEU A 183 -16.59 34.87 -31.33
C LEU A 183 -17.93 34.25 -30.93
N GLU A 184 -18.25 33.09 -31.54
CA GLU A 184 -19.58 32.48 -31.38
C GLU A 184 -19.80 32.00 -29.94
N ASN A 185 -18.75 31.43 -29.33
CA ASN A 185 -18.81 31.14 -27.92
C ASN A 185 -19.14 32.40 -27.10
N HIS A 186 -18.44 33.50 -27.40
CA HIS A 186 -18.64 34.76 -26.69
C HIS A 186 -20.06 35.30 -26.87
N HIS A 187 -20.56 35.32 -28.13
CA HIS A 187 -21.91 35.81 -28.36
C HIS A 187 -22.93 35.09 -27.48
N ALA A 188 -22.87 33.75 -27.49
CA ALA A 188 -23.77 32.93 -26.69
C ALA A 188 -23.60 33.16 -25.20
N ALA A 189 -22.37 33.12 -24.74
CA ALA A 189 -22.07 33.22 -23.33
C ALA A 189 -22.39 34.61 -22.77
N ALA A 190 -22.06 35.66 -23.52
CA ALA A 190 -22.32 37.01 -23.06
C ALA A 190 -23.84 37.31 -23.11
N ALA A 191 -24.52 36.83 -24.14
CA ALA A 191 -25.99 37.02 -24.22
C ALA A 191 -26.69 36.28 -23.08
N TRP A 192 -26.25 35.05 -22.77
CA TRP A 192 -26.83 34.28 -21.66
C TRP A 192 -26.52 34.87 -20.28
N ASN A 193 -25.28 35.32 -20.09
CA ASN A 193 -24.90 36.02 -18.86
C ASN A 193 -25.80 37.26 -18.66
N LEU A 194 -26.00 38.02 -19.73
CA LEU A 194 -26.87 39.18 -19.71
C LEU A 194 -28.27 38.77 -19.23
N PHE A 195 -28.82 37.74 -19.86
CA PHE A 195 -30.15 37.24 -19.53
C PHE A 195 -30.28 36.90 -18.05
N MET A 196 -29.29 36.17 -17.54
CA MET A 196 -29.33 35.70 -16.16
C MET A 196 -29.04 36.77 -15.12
N SER A 197 -28.49 37.90 -15.55
CA SER A 197 -28.01 38.92 -14.65
C SER A 197 -29.10 39.67 -13.88
N ARG A 198 -30.32 39.74 -14.44
CA ARG A 198 -31.38 40.57 -13.87
C ARG A 198 -32.73 39.86 -13.94
N PRO A 199 -33.54 39.87 -12.86
CA PRO A 199 -34.90 39.35 -12.92
C PRO A 199 -35.79 40.14 -13.92
N GLU A 200 -35.46 41.41 -14.15
CA GLU A 200 -36.17 42.24 -15.12
C GLU A 200 -36.07 41.73 -16.57
N TYR A 201 -35.17 40.77 -16.84
CA TYR A 201 -34.98 40.18 -18.16
C TYR A 201 -35.63 38.80 -18.34
N ASN A 202 -36.24 38.24 -17.28
CA ASN A 202 -36.71 36.85 -17.29
C ASN A 202 -38.04 36.65 -18.01
N PHE A 203 -37.98 36.70 -19.34
CA PHE A 203 -39.14 36.49 -20.17
C PHE A 203 -39.49 35.00 -20.35
N LEU A 204 -38.61 34.10 -19.88
CA LEU A 204 -38.82 32.66 -19.97
C LEU A 204 -39.28 32.04 -18.67
N ILE A 205 -39.76 32.88 -17.75
CA ILE A 205 -40.16 32.47 -16.41
C ILE A 205 -41.21 31.35 -16.36
N ASN A 206 -42.07 31.26 -17.38
CA ASN A 206 -43.12 30.22 -17.40
C ASN A 206 -42.77 28.92 -18.12
N LEU A 207 -41.52 28.80 -18.62
CA LEU A 207 -41.00 27.48 -19.00
C LEU A 207 -40.68 26.73 -17.72
N ASP A 208 -40.98 25.43 -17.68
CA ASP A 208 -40.52 24.60 -16.55
C ASP A 208 -39.01 24.33 -16.68
N HIS A 209 -38.43 23.73 -15.64
CA HIS A 209 -36.99 23.52 -15.57
C HIS A 209 -36.43 22.69 -16.74
N VAL A 210 -37.14 21.61 -17.12
CA VAL A 210 -36.74 20.75 -18.23
C VAL A 210 -36.76 21.54 -19.54
N GLU A 211 -37.87 22.25 -19.78
CA GLU A 211 -38.03 23.10 -20.96
C GLU A 211 -36.95 24.16 -21.08
N PHE A 212 -36.65 24.83 -19.96
CA PHE A 212 -35.65 25.87 -19.94
C PHE A 212 -34.28 25.31 -20.34
N LYS A 213 -33.90 24.19 -19.74
CA LYS A 213 -32.58 23.62 -20.00
C LYS A 213 -32.47 23.21 -21.46
N HIS A 214 -33.55 22.64 -22.01
CA HIS A 214 -33.58 22.25 -23.40
C HIS A 214 -33.53 23.47 -24.32
N PHE A 215 -34.33 24.49 -24.00
CA PHE A 215 -34.30 25.75 -24.72
C PHE A 215 -32.88 26.34 -24.81
N ARG A 216 -32.20 26.42 -23.67
CA ARG A 216 -30.84 26.93 -23.61
C ARG A 216 -29.87 26.16 -24.51
N PHE A 217 -29.95 24.82 -24.46
CA PHE A 217 -29.17 23.93 -25.31
C PHE A 217 -29.39 24.25 -26.79
N LEU A 218 -30.67 24.39 -27.17
CA LEU A 218 -31.01 24.69 -28.58
C LEU A 218 -30.48 26.04 -29.04
N VAL A 219 -30.56 27.05 -28.18
CA VAL A 219 -30.06 28.38 -28.48
C VAL A 219 -28.57 28.32 -28.72
N ILE A 220 -27.84 27.65 -27.82
CA ILE A 220 -26.41 27.55 -27.95
C ILE A 220 -26.01 26.81 -29.24
N GLU A 221 -26.66 25.68 -29.52
CA GLU A 221 -26.38 24.88 -30.71
C GLU A 221 -26.58 25.72 -31.97
N ALA A 222 -27.61 26.57 -31.97
CA ALA A 222 -27.89 27.40 -33.14
C ALA A 222 -26.83 28.50 -33.32
N ILE A 223 -26.45 29.20 -32.24
CA ILE A 223 -25.44 30.25 -32.30
C ILE A 223 -24.10 29.66 -32.75
N LEU A 224 -23.72 28.54 -32.14
CA LEU A 224 -22.43 27.94 -32.45
C LEU A 224 -22.36 27.45 -33.90
N ALA A 225 -23.52 27.14 -34.52
CA ALA A 225 -23.60 26.67 -35.90
C ALA A 225 -23.27 27.79 -36.91
N THR A 226 -23.26 29.03 -36.46
CA THR A 226 -22.92 30.17 -37.32
C THR A 226 -21.42 30.36 -37.59
N ASP A 227 -20.56 29.57 -36.90
CA ASP A 227 -19.11 29.60 -37.18
C ASP A 227 -18.84 28.93 -38.55
N LEU A 228 -18.42 29.72 -39.54
CA LEU A 228 -18.18 29.20 -40.88
C LEU A 228 -17.03 28.18 -40.99
N LYS A 229 -16.17 28.09 -39.97
CA LYS A 229 -15.21 27.00 -39.90
C LYS A 229 -15.90 25.62 -39.96
N LYS A 230 -17.17 25.56 -39.50
CA LYS A 230 -17.95 24.33 -39.48
C LYS A 230 -18.87 24.17 -40.70
N HIS A 231 -18.82 25.14 -41.62
CA HIS A 231 -19.79 25.25 -42.72
C HIS A 231 -19.90 23.97 -43.53
N PHE A 232 -18.74 23.45 -44.00
CA PHE A 232 -18.73 22.31 -44.90
C PHE A 232 -19.23 21.03 -44.22
N ASP A 233 -18.90 20.89 -42.93
CA ASP A 233 -19.39 19.79 -42.11
C ASP A 233 -20.92 19.78 -41.99
N PHE A 234 -21.52 20.95 -41.74
CA PHE A 234 -22.99 21.07 -41.65
C PHE A 234 -23.65 20.70 -42.98
N VAL A 235 -23.14 21.29 -44.06
CA VAL A 235 -23.69 21.06 -45.38
C VAL A 235 -23.56 19.58 -45.78
N ALA A 236 -22.40 18.99 -45.51
CA ALA A 236 -22.19 17.57 -45.82
C ALA A 236 -23.16 16.68 -45.02
N LYS A 237 -23.31 16.99 -43.73
CA LYS A 237 -24.19 16.23 -42.84
C LYS A 237 -25.65 16.34 -43.30
N PHE A 238 -26.05 17.55 -43.67
CA PHE A 238 -27.43 17.77 -44.11
C PHE A 238 -27.72 17.03 -45.41
N ASN A 239 -26.81 17.16 -46.39
CA ASN A 239 -26.92 16.45 -47.67
C ASN A 239 -26.99 14.93 -47.47
N GLY A 240 -26.21 14.44 -46.49
CA GLY A 240 -26.25 13.04 -46.08
C GLY A 240 -27.64 12.62 -45.62
N LYS A 241 -28.22 13.40 -44.70
CA LYS A 241 -29.53 13.11 -44.12
C LYS A 241 -30.65 13.16 -45.17
N VAL A 242 -30.57 14.14 -46.07
CA VAL A 242 -31.56 14.29 -47.14
C VAL A 242 -31.55 13.09 -48.09
N ASN A 243 -30.35 12.57 -48.38
CA ASN A 243 -30.14 11.53 -49.37
C ASN A 243 -30.04 10.08 -48.84
N ASP A 244 -30.24 9.87 -47.54
CA ASP A 244 -30.28 8.52 -46.98
C ASP A 244 -31.67 7.89 -47.12
N ASP A 245 -31.85 6.73 -46.46
CA ASP A 245 -32.93 5.79 -46.79
C ASP A 245 -34.35 6.34 -46.58
N VAL A 246 -34.52 7.25 -45.62
CA VAL A 246 -35.83 7.81 -45.29
C VAL A 246 -35.92 9.31 -45.51
N GLY A 247 -34.78 10.00 -45.66
CA GLY A 247 -34.73 11.46 -45.73
C GLY A 247 -34.94 12.12 -44.36
N ILE A 248 -35.31 13.40 -44.37
CA ILE A 248 -35.57 14.15 -43.12
C ILE A 248 -36.76 13.55 -42.40
N ASP A 249 -36.57 13.20 -41.12
CA ASP A 249 -37.63 12.64 -40.29
C ASP A 249 -38.03 13.71 -39.26
N TRP A 250 -39.18 14.36 -39.48
CA TRP A 250 -39.62 15.48 -38.62
C TRP A 250 -39.98 15.07 -37.18
N THR A 251 -40.16 13.77 -36.93
CA THR A 251 -40.39 13.26 -35.60
C THR A 251 -39.08 13.00 -34.83
N ASN A 252 -37.95 13.16 -35.52
CA ASN A 252 -36.62 12.99 -34.93
C ASN A 252 -36.00 14.33 -34.51
N GLU A 253 -35.76 14.48 -33.19
CA GLU A 253 -35.28 15.73 -32.64
C GLU A 253 -33.93 16.18 -33.21
N ASN A 254 -33.08 15.22 -33.59
CA ASN A 254 -31.76 15.55 -34.13
C ASN A 254 -31.84 16.08 -35.56
N ASP A 255 -32.72 15.47 -36.38
CA ASP A 255 -33.05 16.00 -37.70
C ASP A 255 -33.61 17.42 -37.60
N ARG A 256 -34.50 17.65 -36.64
CA ARG A 256 -35.11 19.00 -36.48
C ARG A 256 -34.03 20.02 -36.11
N LEU A 257 -33.10 19.65 -35.23
CA LEU A 257 -32.02 20.55 -34.86
C LEU A 257 -31.16 20.90 -36.09
N LEU A 258 -30.84 19.89 -36.91
CA LEU A 258 -30.04 20.10 -38.10
C LEU A 258 -30.74 21.06 -39.05
N VAL A 259 -32.07 20.91 -39.20
CA VAL A 259 -32.84 21.82 -40.05
C VAL A 259 -32.76 23.25 -39.50
N CYS A 260 -32.95 23.40 -38.18
CA CYS A 260 -32.84 24.70 -37.55
C CYS A 260 -31.46 25.33 -37.74
N GLN A 261 -30.40 24.53 -37.65
CA GLN A 261 -29.04 25.01 -37.86
C GLN A 261 -28.82 25.46 -39.29
N MET A 262 -29.35 24.72 -40.26
CA MET A 262 -29.23 25.11 -41.67
C MET A 262 -29.99 26.42 -41.90
N CYS A 263 -31.14 26.56 -41.23
CA CYS A 263 -31.96 27.75 -41.31
CA CYS A 263 -31.98 27.76 -41.31
C CYS A 263 -31.26 29.02 -40.80
N ILE A 264 -30.70 28.96 -39.57
CA ILE A 264 -29.94 30.09 -39.04
C ILE A 264 -28.69 30.37 -39.88
N LYS A 265 -28.07 29.32 -40.41
CA LYS A 265 -26.91 29.49 -41.29
C LYS A 265 -27.27 30.27 -42.55
N LEU A 266 -28.38 29.90 -43.19
CA LEU A 266 -28.83 30.59 -44.40
C LEU A 266 -29.22 32.03 -44.06
N ALA A 267 -29.97 32.19 -42.97
CA ALA A 267 -30.38 33.51 -42.50
C ALA A 267 -29.17 34.43 -42.27
N ASP A 268 -28.11 33.89 -41.68
CA ASP A 268 -26.91 34.70 -41.37
C ASP A 268 -26.28 35.23 -42.65
N ILE A 269 -26.22 34.41 -43.70
CA ILE A 269 -25.53 34.77 -44.95
C ILE A 269 -26.51 35.03 -46.08
N ASN A 270 -27.68 35.58 -45.71
CA ASN A 270 -28.79 35.78 -46.66
C ASN A 270 -28.51 36.85 -47.70
N GLY A 271 -27.58 37.77 -47.40
CA GLY A 271 -27.36 38.99 -48.16
C GLY A 271 -27.32 38.82 -49.67
N PRO A 272 -26.45 37.93 -50.20
CA PRO A 272 -26.38 37.72 -51.65
C PRO A 272 -27.64 37.12 -52.28
N ALA A 273 -28.59 36.66 -51.45
CA ALA A 273 -29.89 36.18 -51.92
C ALA A 273 -31.02 37.20 -51.78
N LYS A 274 -30.66 38.46 -51.49
CA LYS A 274 -31.60 39.57 -51.45
C LYS A 274 -31.55 40.32 -52.79
N CYS A 275 -32.50 41.24 -53.00
CA CYS A 275 -32.44 42.11 -54.16
C CYS A 275 -31.11 42.88 -54.17
N LYS A 276 -30.70 43.28 -55.37
CA LYS A 276 -29.47 43.99 -55.58
C LYS A 276 -29.27 45.18 -54.62
N GLU A 277 -30.29 46.02 -54.47
CA GLU A 277 -30.18 47.24 -53.66
C GLU A 277 -29.80 46.92 -52.24
N LEU A 278 -30.46 45.93 -51.64
CA LEU A 278 -30.16 45.51 -50.28
C LEU A 278 -28.76 44.90 -50.19
N HIS A 279 -28.48 43.95 -51.08
CA HIS A 279 -27.19 43.25 -51.11
C HIS A 279 -26.02 44.24 -51.22
N LEU A 280 -26.12 45.24 -52.11
CA LEU A 280 -25.05 46.22 -52.28
C LEU A 280 -24.84 47.09 -51.02
N GLN A 281 -25.93 47.44 -50.34
CA GLN A 281 -25.84 48.19 -49.10
C GLN A 281 -25.17 47.38 -47.99
N TRP A 282 -25.53 46.10 -47.85
CA TRP A 282 -24.90 45.25 -46.87
C TRP A 282 -23.41 45.04 -47.21
N THR A 283 -23.09 44.89 -48.50
CA THR A 283 -21.71 44.70 -48.95
C THR A 283 -20.81 45.86 -48.49
N ASP A 284 -21.33 47.09 -48.61
CA ASP A 284 -20.63 48.27 -48.12
C ASP A 284 -20.30 48.17 -46.63
N GLY A 285 -21.25 47.68 -45.83
CA GLY A 285 -21.06 47.48 -44.41
C GLY A 285 -19.96 46.46 -44.11
N ILE A 286 -20.01 45.32 -44.81
CA ILE A 286 -19.06 44.23 -44.62
C ILE A 286 -17.64 44.72 -44.84
N VAL A 287 -17.41 45.40 -45.97
CA VAL A 287 -16.05 45.83 -46.28
C VAL A 287 -15.59 46.97 -45.38
N ASN A 288 -16.50 47.86 -44.97
CA ASN A 288 -16.15 48.95 -44.08
C ASN A 288 -15.67 48.41 -42.73
N GLU A 289 -16.30 47.32 -42.28
CA GLU A 289 -15.88 46.65 -41.07
C GLU A 289 -14.51 45.99 -41.26
N PHE A 290 -14.34 45.28 -42.38
CA PHE A 290 -13.05 44.69 -42.72
C PHE A 290 -11.91 45.73 -42.72
N TYR A 291 -12.17 46.91 -43.30
CA TYR A 291 -11.12 47.91 -43.39
C TYR A 291 -10.60 48.37 -42.03
N GLU A 292 -11.49 48.40 -41.02
CA GLU A 292 -11.10 48.76 -39.67
C GLU A 292 -10.14 47.69 -39.14
N GLN A 293 -10.41 46.43 -39.49
CA GLN A 293 -9.52 45.31 -39.14
C GLN A 293 -8.18 45.44 -39.84
N GLY A 294 -8.21 45.71 -41.15
CA GLY A 294 -7.00 45.96 -41.93
C GLY A 294 -6.14 47.07 -41.36
N ASP A 295 -6.77 48.17 -40.94
CA ASP A 295 -6.07 49.29 -40.34
C ASP A 295 -5.33 48.82 -39.08
N GLU A 296 -6.00 48.02 -38.24
CA GLU A 296 -5.38 47.52 -37.02
C GLU A 296 -4.24 46.53 -37.34
N GLU A 297 -4.45 45.65 -38.31
CA GLU A 297 -3.42 44.72 -38.76
C GLU A 297 -2.14 45.48 -39.12
N ALA A 298 -2.27 46.50 -39.98
CA ALA A 298 -1.16 47.35 -40.38
C ALA A 298 -0.48 47.97 -39.16
N SER A 299 -1.29 48.51 -38.24
CA SER A 299 -0.82 49.13 -37.01
C SER A 299 0.03 48.16 -36.17
N LEU A 300 -0.35 46.88 -36.17
CA LEU A 300 0.34 45.84 -35.42
C LEU A 300 1.50 45.20 -36.21
N GLY A 301 1.73 45.70 -37.43
CA GLY A 301 2.81 45.23 -38.27
C GLY A 301 2.52 43.86 -38.87
N LEU A 302 1.24 43.49 -38.96
CA LEU A 302 0.81 42.25 -39.56
C LEU A 302 0.46 42.53 -41.02
N PRO A 303 0.52 41.53 -41.92
CA PRO A 303 0.02 41.71 -43.28
C PRO A 303 -1.49 41.92 -43.26
N ILE A 304 -1.98 42.77 -44.16
CA ILE A 304 -3.40 43.07 -44.26
C ILE A 304 -4.11 41.88 -44.90
N SER A 305 -5.12 41.37 -44.19
CA SER A 305 -5.87 40.20 -44.64
C SER A 305 -6.50 40.45 -46.00
N PRO A 306 -6.74 39.39 -46.81
CA PRO A 306 -7.42 39.56 -48.09
C PRO A 306 -8.77 40.28 -47.95
N PHE A 307 -9.02 41.22 -48.87
CA PHE A 307 -10.23 42.02 -48.96
C PHE A 307 -10.38 43.11 -47.89
N MET A 308 -9.38 43.27 -47.02
CA MET A 308 -9.47 44.19 -45.89
C MET A 308 -8.59 45.46 -46.01
N ASP A 309 -8.14 45.75 -47.23
CA ASP A 309 -7.27 46.88 -47.53
C ASP A 309 -8.06 47.99 -48.22
N ARG A 310 -8.34 49.06 -47.47
CA ARG A 310 -9.15 50.17 -47.96
C ARG A 310 -8.52 50.86 -49.15
N SER A 311 -7.19 50.84 -49.23
CA SER A 311 -6.48 51.45 -50.36
C SER A 311 -6.55 50.59 -51.64
N ALA A 312 -6.88 49.29 -51.49
CA ALA A 312 -7.00 48.35 -52.62
C ALA A 312 -8.26 47.49 -52.47
N PRO A 313 -9.46 48.08 -52.62
CA PRO A 313 -10.72 47.36 -52.39
C PRO A 313 -10.96 46.28 -53.44
N GLN A 314 -11.61 45.19 -53.04
CA GLN A 314 -11.86 44.05 -53.91
C GLN A 314 -13.27 43.49 -53.68
N LEU A 315 -14.27 44.36 -53.77
CA LEU A 315 -15.66 43.99 -53.47
C LEU A 315 -16.10 42.77 -54.27
N ALA A 316 -15.88 42.85 -55.58
CA ALA A 316 -16.39 41.84 -56.51
C ALA A 316 -15.76 40.48 -56.25
N ASN A 317 -14.44 40.43 -56.05
CA ASN A 317 -13.74 39.20 -55.77
C ASN A 317 -14.21 38.60 -54.46
N LEU A 318 -14.40 39.45 -53.44
CA LEU A 318 -14.93 39.02 -52.16
C LEU A 318 -16.30 38.34 -52.31
N GLN A 319 -17.25 39.05 -52.95
CA GLN A 319 -18.62 38.55 -53.00
C GLN A 319 -18.78 37.38 -54.00
N GLU A 320 -18.07 37.44 -55.13
CA GLU A 320 -18.13 36.36 -56.09
C GLU A 320 -17.66 35.06 -55.43
N SER A 321 -16.55 35.12 -54.71
CA SER A 321 -15.98 33.91 -54.12
C SER A 321 -16.81 33.43 -52.90
N PHE A 322 -17.36 34.36 -52.14
CA PHE A 322 -18.26 34.03 -51.03
C PHE A 322 -19.49 33.28 -51.55
N ILE A 323 -20.06 33.74 -52.67
CA ILE A 323 -21.20 33.05 -53.27
C ILE A 323 -20.80 31.67 -53.81
N SER A 324 -19.74 31.62 -54.60
CA SER A 324 -19.32 30.37 -55.23
C SER A 324 -18.98 29.28 -54.19
N HIS A 325 -18.31 29.69 -53.10
CA HIS A 325 -17.77 28.72 -52.14
C HIS A 325 -18.67 28.42 -50.94
N ILE A 326 -19.44 29.42 -50.48
CA ILE A 326 -20.20 29.31 -49.24
C ILE A 326 -21.72 29.38 -49.46
N VAL A 327 -22.21 30.50 -50.01
CA VAL A 327 -23.65 30.72 -50.05
C VAL A 327 -24.32 29.83 -51.06
N GLY A 328 -23.74 29.75 -52.26
CA GLY A 328 -24.26 28.93 -53.35
C GLY A 328 -24.47 27.47 -52.95
N PRO A 329 -23.43 26.76 -52.46
CA PRO A 329 -23.62 25.38 -52.01
C PRO A 329 -24.65 25.21 -50.86
N LEU A 330 -24.71 26.18 -49.93
CA LEU A 330 -25.71 26.11 -48.87
C LEU A 330 -27.15 26.22 -49.45
N CYS A 331 -27.36 27.20 -50.34
CA CYS A 331 -28.69 27.35 -50.98
C CYS A 331 -29.07 26.13 -51.80
N ASN A 332 -28.10 25.59 -52.56
CA ASN A 332 -28.35 24.39 -53.34
C ASN A 332 -28.76 23.23 -52.46
N SER A 333 -28.05 23.04 -51.34
CA SER A 333 -28.33 21.97 -50.40
C SER A 333 -29.74 22.13 -49.81
N TYR A 334 -30.06 23.34 -49.35
CA TYR A 334 -31.35 23.65 -48.72
C TYR A 334 -32.49 23.49 -49.71
N ASP A 335 -32.28 23.98 -50.94
CA ASP A 335 -33.24 23.85 -52.02
C ASP A 335 -33.47 22.37 -52.43
N SER A 336 -32.38 21.59 -52.49
CA SER A 336 -32.46 20.15 -52.78
C SER A 336 -33.28 19.37 -51.78
N ALA A 337 -33.30 19.83 -50.54
CA ALA A 337 -34.11 19.25 -49.47
C ALA A 337 -35.59 19.66 -49.59
N GLY A 338 -35.90 20.54 -50.55
CA GLY A 338 -37.26 21.04 -50.74
C GLY A 338 -37.76 22.01 -49.68
N LEU A 339 -36.84 22.73 -49.03
CA LEU A 339 -37.20 23.63 -47.95
C LEU A 339 -37.23 25.13 -48.30
N MET A 340 -36.89 25.50 -49.53
CA MET A 340 -36.92 26.93 -49.90
C MET A 340 -38.35 27.41 -50.05
N PRO A 341 -38.70 28.58 -49.48
CA PRO A 341 -39.97 29.23 -49.83
C PRO A 341 -40.01 29.45 -51.34
N GLY A 342 -41.20 29.32 -51.92
CA GLY A 342 -41.41 29.50 -53.34
C GLY A 342 -42.88 29.49 -53.63
N LYS A 343 -43.22 29.63 -54.92
CA LYS A 343 -44.58 29.68 -55.42
C LYS A 343 -44.72 28.71 -56.59
N TRP A 344 -45.82 27.97 -56.61
CA TRP A 344 -46.22 27.18 -57.78
C TRP A 344 -46.58 28.19 -58.87
N VAL A 345 -46.08 27.95 -60.08
CA VAL A 345 -46.46 28.67 -61.26
C VAL A 345 -46.50 27.65 -62.36
N ARG A 354 -47.06 21.81 -62.90
CA ARG A 354 -46.60 23.13 -62.52
C ARG A 354 -45.10 23.15 -62.19
N LYS A 355 -44.49 24.33 -62.40
CA LYS A 355 -43.11 24.62 -62.02
C LYS A 355 -43.11 25.32 -60.65
N ILE A 356 -41.91 25.55 -60.10
CA ILE A 356 -41.75 26.39 -58.91
C ILE A 356 -40.94 27.63 -59.25
N TYR A 357 -41.41 28.79 -58.77
CA TYR A 357 -40.63 30.01 -58.85
C TYR A 357 -40.07 30.30 -57.46
N CYS A 358 -38.74 30.33 -57.34
CA CYS A 358 -38.08 30.59 -56.08
C CYS A 358 -37.32 31.91 -56.09
N GLN A 359 -37.89 32.91 -55.41
CA GLN A 359 -37.32 34.26 -55.37
C GLN A 359 -35.90 34.27 -54.85
N ILE A 360 -35.69 33.52 -53.79
CA ILE A 360 -34.41 33.50 -53.07
C ILE A 360 -33.26 33.02 -53.97
N THR A 361 -33.45 31.87 -54.63
CA THR A 361 -32.42 31.33 -55.53
C THR A 361 -32.27 32.19 -56.80
N GLN A 362 -33.37 32.81 -57.24
CA GLN A 362 -33.27 33.74 -58.38
C GLN A 362 -32.41 34.95 -58.08
N HIS A 363 -32.60 35.57 -56.92
CA HIS A 363 -31.76 36.69 -56.50
C HIS A 363 -30.29 36.27 -56.41
N LEU A 364 -30.02 35.11 -55.83
CA LEU A 364 -28.64 34.64 -55.70
C LEU A 364 -27.96 34.50 -57.05
N LEU A 365 -28.67 33.91 -58.01
CA LEU A 365 -28.17 33.76 -59.39
C LEU A 365 -27.87 35.14 -60.00
N GLN A 366 -28.81 36.08 -59.81
CA GLN A 366 -28.69 37.41 -60.38
C GLN A 366 -27.48 38.17 -59.80
N ASN A 367 -27.32 38.11 -58.47
CA ASN A 367 -26.21 38.77 -57.81
C ASN A 367 -24.86 38.14 -58.17
N HIS A 368 -24.83 36.80 -58.31
CA HIS A 368 -23.61 36.11 -58.72
C HIS A 368 -23.17 36.58 -60.12
N LYS A 369 -24.13 36.61 -61.05
CA LYS A 369 -23.91 37.12 -62.40
C LYS A 369 -23.39 38.56 -62.39
N MET A 370 -23.99 39.41 -61.54
CA MET A 370 -23.59 40.81 -61.43
C MET A 370 -22.10 40.93 -61.04
N TRP A 371 -21.68 40.18 -60.03
CA TRP A 371 -20.30 40.27 -59.58
C TRP A 371 -19.32 39.72 -60.61
N LYS A 372 -19.72 38.66 -61.30
CA LYS A 372 -18.92 38.07 -62.37
C LYS A 372 -18.67 39.08 -63.47
N LYS A 373 -19.70 39.86 -63.80
CA LYS A 373 -19.63 40.89 -64.83
C LYS A 373 -18.71 42.03 -64.41
N VAL A 374 -18.76 42.44 -63.14
CA VAL A 374 -17.84 43.43 -62.60
C VAL A 374 -16.39 42.92 -62.79
N ILE A 375 -16.15 41.67 -62.38
CA ILE A 375 -14.83 41.06 -62.51
C ILE A 375 -14.34 41.04 -63.97
N GLU A 376 -15.23 40.68 -64.89
CA GLU A 376 -14.94 40.64 -66.33
C GLU A 376 -14.44 41.99 -66.86
N GLU A 377 -15.05 43.09 -66.38
CA GLU A 377 -14.69 44.43 -66.84
C GLU A 377 -13.43 44.94 -66.15
N LYS B 2 4.49 41.03 -8.19
CA LYS B 2 3.37 40.33 -8.92
C LYS B 2 3.64 38.86 -9.19
N PRO B 3 4.72 38.50 -9.92
CA PRO B 3 4.90 37.11 -10.33
C PRO B 3 5.28 36.16 -9.18
N ILE B 4 4.71 34.96 -9.19
CA ILE B 4 5.16 33.86 -8.36
C ILE B 4 6.44 33.38 -9.03
N LEU B 5 7.53 33.34 -8.25
CA LEU B 5 8.83 32.85 -8.71
C LEU B 5 9.16 31.54 -8.01
N ALA B 6 9.96 30.70 -8.68
CA ALA B 6 10.40 29.42 -8.13
C ALA B 6 11.28 29.66 -6.90
N PRO B 7 11.09 28.93 -5.79
CA PRO B 7 11.93 29.09 -4.59
C PRO B 7 13.40 28.70 -4.76
N GLU B 8 14.22 29.34 -3.90
CA GLU B 8 15.57 29.01 -3.38
C GLU B 8 16.59 28.44 -4.37
N PRO B 9 17.36 27.36 -4.04
CA PRO B 9 17.92 26.51 -5.10
C PRO B 9 16.75 25.90 -5.85
N LEU B 10 16.79 26.00 -7.18
CA LEU B 10 15.67 25.61 -8.03
C LEU B 10 15.35 24.10 -7.86
N VAL B 11 16.39 23.28 -7.78
CA VAL B 11 16.25 21.84 -7.59
C VAL B 11 16.51 21.49 -6.13
N MET B 12 15.53 20.85 -5.47
CA MET B 12 15.70 20.36 -4.09
C MET B 12 16.64 19.15 -4.07
N ASP B 13 17.72 19.21 -3.29
CA ASP B 13 18.51 17.99 -3.01
C ASP B 13 17.92 17.22 -1.79
N ASN B 14 18.41 15.99 -1.60
CA ASN B 14 17.91 15.07 -0.57
C ASN B 14 16.62 14.31 -0.90
N LEU B 15 16.12 14.51 -2.12
CA LEU B 15 15.00 13.71 -2.64
C LEU B 15 15.44 12.60 -3.62
N ASP B 16 16.78 12.44 -3.77
CA ASP B 16 17.34 11.52 -4.77
C ASP B 16 16.87 10.08 -4.69
N SER B 17 16.74 9.51 -3.47
CA SER B 17 16.34 8.12 -3.31
C SER B 17 14.91 7.86 -3.73
N ILE B 18 14.01 8.82 -3.50
CA ILE B 18 12.63 8.68 -3.95
C ILE B 18 12.53 8.98 -5.46
N MET B 19 13.25 10.00 -5.93
CA MET B 19 13.21 10.36 -7.35
C MET B 19 13.75 9.28 -8.27
N GLU B 20 14.72 8.49 -7.78
CA GLU B 20 15.27 7.39 -8.57
C GLU B 20 14.22 6.34 -8.91
N GLN B 21 13.12 6.31 -8.14
CA GLN B 21 12.03 5.37 -8.37
C GLN B 21 10.99 5.82 -9.39
N LEU B 22 11.22 6.98 -10.04
CA LEU B 22 10.31 7.47 -11.07
C LEU B 22 10.11 6.45 -12.20
N ASN B 23 11.13 5.62 -12.49
CA ASN B 23 11.01 4.67 -13.58
C ASN B 23 10.26 3.38 -13.25
N THR B 24 9.35 3.44 -12.27
CA THR B 24 8.49 2.32 -11.95
C THR B 24 7.07 2.79 -12.09
N TRP B 25 6.16 1.87 -12.42
CA TRP B 25 4.76 2.21 -12.59
C TRP B 25 4.14 2.66 -11.27
N ASN B 26 4.33 1.85 -10.23
CA ASN B 26 3.84 2.19 -8.90
C ASN B 26 4.80 3.10 -8.14
N PHE B 27 5.12 4.24 -8.75
CA PHE B 27 5.96 5.23 -8.11
C PHE B 27 5.29 5.62 -6.79
N PRO B 28 6.01 5.64 -5.65
CA PRO B 28 5.39 5.94 -4.36
C PRO B 28 5.21 7.46 -4.15
N ILE B 29 4.24 7.99 -4.87
CA ILE B 29 4.02 9.41 -4.92
C ILE B 29 3.65 10.02 -3.57
N PHE B 30 2.92 9.27 -2.72
CA PHE B 30 2.55 9.78 -1.40
C PHE B 30 3.71 9.83 -0.41
N ASP B 31 4.69 8.93 -0.58
CA ASP B 31 5.99 9.06 0.10
C ASP B 31 6.74 10.31 -0.35
N LEU B 32 6.69 10.63 -1.65
CA LEU B 32 7.30 11.85 -2.16
C LEU B 32 6.66 13.08 -1.53
N VAL B 33 5.32 13.06 -1.43
CA VAL B 33 4.57 14.13 -0.76
C VAL B 33 5.06 14.35 0.68
N GLU B 34 5.21 13.25 1.42
CA GLU B 34 5.64 13.34 2.81
C GLU B 34 7.08 13.80 2.93
N ASN B 35 7.90 13.40 1.97
CA ASN B 35 9.35 13.73 1.94
C ASN B 35 9.52 15.22 1.66
N ILE B 36 8.76 15.76 0.70
CA ILE B 36 8.81 17.18 0.35
C ILE B 36 8.11 18.06 1.41
N GLY B 37 7.02 17.52 1.97
CA GLY B 37 6.16 18.22 2.91
C GLY B 37 4.80 18.48 2.29
N ARG B 38 3.72 18.17 3.03
CA ARG B 38 2.34 18.38 2.57
C ARG B 38 2.08 19.87 2.47
N LYS B 39 1.73 20.32 1.25
CA LYS B 39 1.45 21.72 0.94
C LYS B 39 2.73 22.60 1.02
N CYS B 40 3.89 21.95 0.83
CA CYS B 40 5.11 22.64 0.44
C CYS B 40 4.89 23.40 -0.87
N GLY B 41 4.03 22.84 -1.73
CA GLY B 41 3.71 23.37 -3.04
C GLY B 41 4.86 23.31 -4.02
N ARG B 42 5.63 22.20 -3.99
CA ARG B 42 6.77 22.05 -4.90
C ARG B 42 6.82 20.72 -5.67
N ILE B 43 5.91 19.80 -5.36
CA ILE B 43 5.99 18.44 -5.91
C ILE B 43 5.94 18.41 -7.45
N LEU B 44 5.05 19.21 -8.04
CA LEU B 44 4.86 19.20 -9.50
C LEU B 44 6.08 19.78 -10.23
N SER B 45 6.59 20.91 -9.73
CA SER B 45 7.77 21.52 -10.36
C SER B 45 9.03 20.62 -10.20
N GLN B 46 9.17 19.97 -9.04
CA GLN B 46 10.34 19.12 -8.82
C GLN B 46 10.33 17.86 -9.72
N VAL B 47 9.17 17.21 -9.82
CA VAL B 47 9.04 16.06 -10.69
C VAL B 47 9.17 16.47 -12.18
N SER B 48 8.54 17.58 -12.55
CA SER B 48 8.62 18.11 -13.91
C SER B 48 10.05 18.32 -14.37
N TYR B 49 10.85 18.93 -13.48
CA TYR B 49 12.28 19.11 -13.77
C TYR B 49 12.96 17.78 -14.07
N ARG B 50 12.76 16.79 -13.19
CA ARG B 50 13.45 15.51 -13.34
C ARG B 50 13.09 14.81 -14.64
N LEU B 51 11.80 14.87 -15.03
CA LEU B 51 11.34 14.18 -16.21
C LEU B 51 11.81 14.89 -17.49
N PHE B 52 11.78 16.22 -17.49
CA PHE B 52 12.32 16.99 -18.63
C PHE B 52 13.82 16.74 -18.80
N GLU B 53 14.55 16.68 -17.68
CA GLU B 53 15.98 16.36 -17.72
C GLU B 53 16.20 14.95 -18.23
N ASP B 54 15.41 13.99 -17.74
CA ASP B 54 15.52 12.60 -18.18
C ASP B 54 15.38 12.46 -19.70
N MET B 55 14.53 13.31 -20.30
CA MET B 55 14.26 13.28 -21.74
C MET B 55 15.18 14.18 -22.57
N GLY B 56 16.04 14.95 -21.90
CA GLY B 56 16.89 15.92 -22.56
C GLY B 56 16.13 17.03 -23.25
N LEU B 57 14.94 17.36 -22.72
CA LEU B 57 14.07 18.37 -23.34
C LEU B 57 14.63 19.79 -23.15
N PHE B 58 15.38 20.03 -22.06
CA PHE B 58 15.99 21.34 -21.84
C PHE B 58 16.96 21.68 -22.99
N GLU B 59 17.78 20.71 -23.39
CA GLU B 59 18.73 20.89 -24.49
C GLU B 59 17.99 20.93 -25.83
N ALA B 60 17.06 20.00 -26.04
CA ALA B 60 16.32 19.89 -27.30
C ALA B 60 15.65 21.21 -27.72
N PHE B 61 15.08 21.95 -26.76
CA PHE B 61 14.37 23.20 -27.05
C PHE B 61 14.99 24.42 -26.40
N LYS B 62 16.24 24.29 -25.95
CA LYS B 62 16.98 25.38 -25.34
C LYS B 62 16.13 26.10 -24.30
N ILE B 63 15.52 25.31 -23.43
CA ILE B 63 14.61 25.79 -22.41
C ILE B 63 15.43 26.37 -21.26
N PRO B 64 15.24 27.65 -20.88
CA PRO B 64 15.92 28.19 -19.69
C PRO B 64 15.25 27.66 -18.43
N ILE B 65 16.06 27.09 -17.54
CA ILE B 65 15.54 26.36 -16.38
C ILE B 65 14.83 27.25 -15.38
N ARG B 66 15.31 28.48 -15.22
CA ARG B 66 14.69 29.41 -14.29
C ARG B 66 13.22 29.68 -14.67
N GLU B 67 12.99 30.02 -15.95
CA GLU B 67 11.65 30.35 -16.43
C GLU B 67 10.74 29.09 -16.38
N PHE B 68 11.30 27.94 -16.71
CA PHE B 68 10.61 26.68 -16.58
C PHE B 68 10.12 26.49 -15.13
N MET B 69 11.03 26.62 -14.16
CA MET B 69 10.68 26.42 -12.76
C MET B 69 9.70 27.49 -12.26
N ASN B 70 9.89 28.73 -12.70
CA ASN B 70 8.96 29.79 -12.35
C ASN B 70 7.54 29.40 -12.81
N TYR B 71 7.41 28.99 -14.07
CA TYR B 71 6.07 28.67 -14.59
C TYR B 71 5.46 27.49 -13.87
N PHE B 72 6.22 26.41 -13.72
CA PHE B 72 5.68 25.20 -13.12
C PHE B 72 5.35 25.41 -11.63
N HIS B 73 6.08 26.30 -10.94
CA HIS B 73 5.76 26.63 -9.57
C HIS B 73 4.48 27.48 -9.50
N ALA B 74 4.36 28.48 -10.37
CA ALA B 74 3.10 29.26 -10.46
C ALA B 74 1.91 28.34 -10.74
N LEU B 75 2.10 27.37 -11.64
CA LEU B 75 1.09 26.43 -12.06
C LEU B 75 0.68 25.57 -10.86
N GLU B 76 1.68 25.00 -10.16
CA GLU B 76 1.35 24.14 -9.02
C GLU B 76 0.64 24.87 -7.89
N ILE B 77 1.00 26.14 -7.68
CA ILE B 77 0.40 26.97 -6.65
C ILE B 77 -1.09 27.22 -6.94
N GLY B 78 -1.45 27.24 -8.24
CA GLY B 78 -2.82 27.46 -8.67
C GLY B 78 -3.70 26.22 -8.67
N TYR B 79 -3.14 25.06 -8.34
CA TYR B 79 -3.93 23.90 -8.00
C TYR B 79 -4.38 24.10 -6.56
N ARG B 80 -5.68 23.92 -6.31
CA ARG B 80 -6.28 24.16 -5.00
C ARG B 80 -5.97 23.06 -4.00
N ASP B 81 -6.14 23.37 -2.71
CA ASP B 81 -5.99 22.41 -1.63
C ASP B 81 -7.29 21.65 -1.47
N ILE B 82 -7.59 20.80 -2.45
CA ILE B 82 -8.80 19.97 -2.45
C ILE B 82 -8.36 18.52 -2.43
N PRO B 83 -9.23 17.56 -2.04
CA PRO B 83 -8.80 16.19 -1.79
C PRO B 83 -8.27 15.34 -2.97
N TYR B 84 -8.71 15.63 -4.20
CA TYR B 84 -8.28 14.86 -5.37
C TYR B 84 -7.62 15.68 -6.49
N HIS B 85 -8.35 16.67 -7.04
CA HIS B 85 -7.83 17.41 -8.20
C HIS B 85 -6.84 18.50 -7.82
N ASN B 86 -5.71 18.05 -7.26
CA ASN B 86 -4.70 18.91 -6.64
C ASN B 86 -3.38 18.67 -7.37
N ARG B 87 -2.31 19.32 -6.91
CA ARG B 87 -1.04 19.28 -7.61
C ARG B 87 -0.41 17.90 -7.53
N ILE B 88 -0.82 17.09 -6.55
CA ILE B 88 -0.35 15.71 -6.46
C ILE B 88 -0.90 14.85 -7.61
N HIS B 89 -2.20 15.00 -7.91
CA HIS B 89 -2.83 14.36 -9.06
C HIS B 89 -2.18 14.80 -10.37
N ALA B 90 -1.90 16.10 -10.51
CA ALA B 90 -1.24 16.58 -11.72
C ALA B 90 0.12 15.93 -11.91
N THR B 91 0.88 15.83 -10.82
CA THR B 91 2.17 15.15 -10.83
C THR B 91 2.02 13.69 -11.22
N ASP B 92 1.01 13.01 -10.66
CA ASP B 92 0.70 11.62 -10.98
C ASP B 92 0.42 11.41 -12.47
N VAL B 93 -0.38 12.30 -13.05
CA VAL B 93 -0.73 12.22 -14.47
C VAL B 93 0.48 12.47 -15.37
N LEU B 94 1.31 13.46 -14.99
CA LEU B 94 2.55 13.70 -15.72
C LEU B 94 3.47 12.48 -15.67
N HIS B 95 3.64 11.89 -14.47
CA HIS B 95 4.44 10.70 -14.35
C HIS B 95 3.93 9.57 -15.25
N ALA B 96 2.62 9.38 -15.28
CA ALA B 96 2.01 8.32 -16.05
C ALA B 96 2.22 8.53 -17.55
N VAL B 97 2.02 9.76 -18.05
CA VAL B 97 2.26 10.01 -19.48
C VAL B 97 3.73 9.80 -19.84
N TRP B 98 4.64 10.19 -18.95
CA TRP B 98 6.05 9.95 -19.16
C TRP B 98 6.32 8.41 -19.21
N TYR B 99 5.74 7.68 -18.26
CA TYR B 99 5.95 6.24 -18.20
C TYR B 99 5.44 5.56 -19.48
N LEU B 100 4.23 5.92 -19.88
CA LEU B 100 3.61 5.32 -21.04
C LEU B 100 4.37 5.61 -22.34
N THR B 101 5.04 6.77 -22.40
CA THR B 101 5.74 7.20 -23.60
C THR B 101 7.21 6.82 -23.69
N THR B 102 7.79 6.34 -22.58
CA THR B 102 9.23 6.06 -22.52
C THR B 102 9.58 4.60 -22.26
N GLN B 103 8.65 3.84 -21.69
CA GLN B 103 8.94 2.50 -21.25
C GLN B 103 8.75 1.48 -22.37
N PRO B 104 9.47 0.33 -22.32
CA PRO B 104 9.40 -0.64 -23.42
C PRO B 104 8.01 -1.20 -23.67
N ILE B 105 7.64 -1.22 -24.95
CA ILE B 105 6.40 -1.77 -25.43
C ILE B 105 6.73 -2.94 -26.35
N PRO B 106 6.31 -4.19 -26.02
CA PRO B 106 6.67 -5.35 -26.83
C PRO B 106 6.06 -5.28 -28.22
N GLY B 107 6.91 -5.46 -29.25
CA GLY B 107 6.51 -5.56 -30.64
C GLY B 107 6.15 -4.27 -31.32
N LEU B 108 6.36 -3.14 -30.65
CA LEU B 108 6.12 -1.83 -31.26
C LEU B 108 7.31 -1.53 -32.17
N SER B 109 7.00 -1.20 -33.44
CA SER B 109 7.99 -0.85 -34.41
C SER B 109 8.30 0.64 -34.29
N THR B 110 9.56 0.98 -34.55
CA THR B 110 9.99 2.37 -34.67
C THR B 110 9.75 2.88 -36.10
N VAL B 111 9.23 4.11 -36.19
CA VAL B 111 8.91 4.75 -37.43
C VAL B 111 10.17 4.95 -38.29
N ILE B 112 10.00 4.70 -39.59
CA ILE B 112 11.12 4.57 -40.49
C ILE B 112 11.80 5.92 -40.60
N GLY B 117 12.09 14.57 -38.40
CA GLY B 117 11.70 15.03 -37.09
C GLY B 117 12.80 14.85 -36.05
N SER B 118 12.73 15.67 -35.00
CA SER B 118 13.55 15.50 -33.82
C SER B 118 12.80 14.62 -32.83
N TYR B 119 13.43 13.53 -32.36
CA TYR B 119 12.88 12.66 -31.34
C TYR B 119 13.80 12.64 -30.13
N VAL B 120 13.21 12.50 -28.94
CA VAL B 120 13.93 12.35 -27.71
C VAL B 120 13.66 10.98 -27.09
N PHE B 121 14.62 10.53 -26.28
CA PHE B 121 14.55 9.28 -25.57
C PHE B 121 14.95 9.47 -24.12
N SER B 122 14.28 8.70 -23.25
CA SER B 122 14.60 8.65 -21.85
C SER B 122 15.97 8.04 -21.65
N LYS B 123 16.71 8.57 -20.68
CA LYS B 123 17.93 7.93 -20.19
C LYS B 123 17.70 6.50 -19.68
N THR B 124 16.46 6.18 -19.30
CA THR B 124 16.07 4.85 -18.81
C THR B 124 15.85 3.81 -19.92
N TYR B 125 15.86 4.26 -21.17
CA TYR B 125 15.53 3.43 -22.32
C TYR B 125 16.82 2.86 -22.90
N ASP B 130 15.22 -4.82 -30.82
CA ASP B 130 14.36 -5.31 -31.89
C ASP B 130 12.90 -5.52 -31.40
N LYS B 131 12.76 -6.27 -30.31
CA LYS B 131 11.49 -6.83 -29.88
C LYS B 131 10.69 -5.89 -28.98
N TYR B 132 11.26 -4.72 -28.64
CA TYR B 132 10.57 -3.63 -27.94
C TYR B 132 10.77 -2.32 -28.66
N GLY B 133 9.81 -1.41 -28.49
CA GLY B 133 9.91 0.00 -28.85
C GLY B 133 9.33 0.86 -27.73
N CYS B 134 9.33 2.19 -27.94
CA CYS B 134 8.64 3.12 -27.04
C CYS B 134 7.99 4.21 -27.87
N LEU B 135 6.98 4.85 -27.29
CA LEU B 135 6.25 5.90 -28.01
C LEU B 135 7.10 7.10 -28.37
N SER B 136 8.11 7.41 -27.56
CA SER B 136 8.95 8.58 -27.81
C SER B 136 9.84 8.40 -29.07
N GLY B 137 9.96 7.15 -29.54
CA GLY B 137 10.57 6.81 -30.81
C GLY B 137 9.68 7.04 -32.01
N ASN B 138 8.38 7.27 -31.78
CA ASN B 138 7.38 7.42 -32.84
C ASN B 138 6.65 8.75 -32.82
N ILE B 139 6.78 9.49 -31.72
CA ILE B 139 6.11 10.78 -31.56
C ILE B 139 7.18 11.86 -31.41
N PRO B 140 7.27 12.82 -32.36
CA PRO B 140 8.29 13.86 -32.30
C PRO B 140 8.35 14.60 -30.98
N ALA B 141 9.56 15.04 -30.61
CA ALA B 141 9.83 15.70 -29.34
C ALA B 141 8.89 16.88 -29.05
N LEU B 142 8.58 17.70 -30.06
CA LEU B 142 7.68 18.84 -29.85
C LEU B 142 6.29 18.38 -29.36
N GLU B 143 5.78 17.31 -29.97
CA GLU B 143 4.49 16.73 -29.64
C GLU B 143 4.51 16.05 -28.30
N LEU B 144 5.61 15.36 -27.98
CA LEU B 144 5.75 14.73 -26.67
C LEU B 144 5.77 15.81 -25.59
N MET B 145 6.53 16.89 -25.83
CA MET B 145 6.62 17.95 -24.85
C MET B 145 5.24 18.58 -24.62
N ALA B 146 4.46 18.74 -25.70
CA ALA B 146 3.08 19.24 -25.57
C ALA B 146 2.22 18.34 -24.67
N LEU B 147 2.34 17.03 -24.86
CA LEU B 147 1.65 16.08 -24.04
C LEU B 147 2.05 16.21 -22.53
N TYR B 148 3.35 16.34 -22.26
CA TYR B 148 3.82 16.47 -20.88
C TYR B 148 3.35 17.78 -20.22
N VAL B 149 3.43 18.88 -20.96
CA VAL B 149 2.97 20.15 -20.46
C VAL B 149 1.43 20.11 -20.22
N ALA B 150 0.70 19.48 -21.16
CA ALA B 150 -0.73 19.27 -20.99
C ALA B 150 -1.05 18.53 -19.71
N ALA B 151 -0.31 17.45 -19.46
CA ALA B 151 -0.53 16.70 -18.23
C ALA B 151 -0.36 17.58 -16.97
N ALA B 152 0.70 18.40 -16.95
CA ALA B 152 0.94 19.28 -15.83
C ALA B 152 -0.18 20.30 -15.64
N MET B 153 -0.75 20.78 -16.74
CA MET B 153 -1.77 21.86 -16.60
C MET B 153 -3.20 21.35 -16.67
N HIS B 154 -3.44 20.05 -16.71
CA HIS B 154 -4.76 19.61 -17.21
C HIS B 154 -5.92 19.75 -16.23
N ASP B 155 -5.64 19.91 -14.92
CA ASP B 155 -6.68 20.20 -13.90
C ASP B 155 -6.46 21.51 -13.14
N TYR B 156 -5.72 22.44 -13.76
CA TYR B 156 -5.36 23.69 -13.13
C TYR B 156 -6.60 24.43 -12.64
N ASP B 157 -6.55 24.85 -11.37
CA ASP B 157 -7.62 25.61 -10.72
C ASP B 157 -8.96 24.89 -10.71
N HIS B 158 -8.92 23.56 -10.58
CA HIS B 158 -10.13 22.76 -10.44
C HIS B 158 -10.81 23.15 -9.13
N PRO B 159 -12.13 23.44 -9.15
CA PRO B 159 -12.85 23.86 -7.95
C PRO B 159 -13.37 22.73 -7.05
N GLY B 160 -13.14 21.47 -7.43
CA GLY B 160 -13.64 20.35 -6.69
C GLY B 160 -15.11 20.05 -6.85
N ARG B 161 -15.66 20.46 -8.01
CA ARG B 161 -17.02 20.15 -8.43
C ARG B 161 -16.95 19.64 -9.87
N THR B 162 -17.88 18.74 -10.23
CA THR B 162 -17.92 18.14 -11.57
C THR B 162 -18.54 19.14 -12.58
N ASN B 163 -18.31 18.88 -13.87
CA ASN B 163 -18.98 19.64 -14.94
C ASN B 163 -20.49 19.64 -14.73
N ALA B 164 -21.05 18.47 -14.41
CA ALA B 164 -22.49 18.34 -14.26
C ALA B 164 -23.03 19.27 -13.16
N PHE B 165 -22.30 19.38 -12.04
CA PHE B 165 -22.69 20.29 -10.96
C PHE B 165 -22.65 21.75 -11.41
N LEU B 166 -21.58 22.13 -12.09
CA LEU B 166 -21.42 23.51 -12.56
C LEU B 166 -22.57 23.87 -13.52
N VAL B 167 -22.93 22.93 -14.40
CA VAL B 167 -24.00 23.11 -15.39
C VAL B 167 -25.36 23.19 -14.68
N ALA B 168 -25.61 22.26 -13.75
CA ALA B 168 -26.90 22.21 -13.04
C ALA B 168 -27.15 23.45 -12.20
N THR B 169 -26.09 24.05 -11.65
CA THR B 169 -26.19 25.24 -10.81
C THR B 169 -26.02 26.56 -11.55
N SER B 170 -25.88 26.51 -12.88
CA SER B 170 -25.61 27.69 -13.70
C SER B 170 -24.44 28.50 -13.15
N ALA B 171 -23.37 27.81 -12.80
CA ALA B 171 -22.18 28.46 -12.29
C ALA B 171 -21.58 29.37 -13.36
N PRO B 172 -20.97 30.51 -12.98
CA PRO B 172 -20.41 31.43 -13.98
C PRO B 172 -19.53 30.76 -15.03
N GLN B 173 -18.74 29.78 -14.63
CA GLN B 173 -17.89 29.07 -15.61
C GLN B 173 -18.72 28.29 -16.63
N ALA B 174 -19.83 27.70 -16.20
CA ALA B 174 -20.69 26.94 -17.11
C ALA B 174 -21.35 27.89 -18.11
N VAL B 175 -21.77 29.06 -17.62
CA VAL B 175 -22.37 30.07 -18.51
C VAL B 175 -21.29 30.57 -19.48
N LEU B 176 -20.07 30.80 -18.98
CA LEU B 176 -18.98 31.29 -19.82
C LEU B 176 -18.63 30.36 -20.96
N TYR B 177 -18.68 29.04 -20.71
CA TYR B 177 -18.29 28.02 -21.68
C TYR B 177 -19.49 27.30 -22.35
N ASN B 178 -20.68 27.86 -22.18
CA ASN B 178 -21.89 27.37 -22.85
C ASN B 178 -22.13 25.88 -22.57
N ASP B 179 -21.83 25.49 -21.32
CA ASP B 179 -22.01 24.13 -20.81
C ASP B 179 -21.14 23.05 -21.49
N ARG B 180 -20.18 23.45 -22.32
CA ARG B 180 -19.36 22.52 -23.11
C ARG B 180 -17.98 22.39 -22.51
N SER B 181 -17.62 21.17 -22.11
CA SER B 181 -16.31 20.87 -21.47
C SER B 181 -15.89 22.02 -20.55
N VAL B 182 -16.76 22.35 -19.59
CA VAL B 182 -16.63 23.56 -18.81
C VAL B 182 -15.29 23.62 -18.04
N LEU B 183 -15.02 22.59 -17.24
CA LEU B 183 -13.77 22.56 -16.48
C LEU B 183 -12.54 22.50 -17.38
N GLU B 184 -12.56 21.64 -18.40
CA GLU B 184 -11.41 21.40 -19.27
C GLU B 184 -11.06 22.64 -20.08
N ASN B 185 -12.06 23.33 -20.61
CA ASN B 185 -11.82 24.61 -21.21
C ASN B 185 -11.13 25.58 -20.24
N HIS B 186 -11.63 25.66 -19.01
CA HIS B 186 -11.07 26.52 -17.98
C HIS B 186 -9.61 26.16 -17.65
N HIS B 187 -9.33 24.86 -17.43
CA HIS B 187 -7.95 24.44 -17.11
C HIS B 187 -6.98 24.93 -18.17
N ALA B 188 -7.32 24.69 -19.44
CA ALA B 188 -6.47 25.08 -20.56
C ALA B 188 -6.33 26.60 -20.63
N ALA B 189 -7.47 27.31 -20.58
CA ALA B 189 -7.46 28.72 -20.75
C ALA B 189 -6.76 29.45 -19.60
N ALA B 190 -7.02 29.02 -18.37
CA ALA B 190 -6.40 29.64 -17.20
C ALA B 190 -4.88 29.34 -17.14
N ALA B 191 -4.50 28.11 -17.49
CA ALA B 191 -3.06 27.76 -17.53
C ALA B 191 -2.34 28.54 -18.61
N TRP B 192 -2.96 28.71 -19.78
CA TRP B 192 -2.35 29.52 -20.86
C TRP B 192 -2.30 31.01 -20.53
N ASN B 193 -3.37 31.55 -19.94
CA ASN B 193 -3.38 32.92 -19.48
C ASN B 193 -2.21 33.17 -18.48
N LEU B 194 -2.06 32.23 -17.53
CA LEU B 194 -0.98 32.30 -16.55
C LEU B 194 0.36 32.39 -17.28
N PHE B 195 0.59 31.46 -18.22
CA PHE B 195 1.81 31.38 -18.99
C PHE B 195 2.11 32.72 -19.69
N MET B 196 1.10 33.29 -20.35
CA MET B 196 1.30 34.51 -21.13
C MET B 196 1.41 35.77 -20.29
N SER B 197 1.04 35.70 -19.01
CA SER B 197 0.94 36.87 -18.17
C SER B 197 2.30 37.54 -17.83
N ARG B 198 3.39 36.77 -17.83
CA ARG B 198 4.68 37.25 -17.34
C ARG B 198 5.84 36.75 -18.21
N PRO B 199 6.81 37.60 -18.56
CA PRO B 199 8.02 37.12 -19.24
C PRO B 199 8.85 36.13 -18.40
N GLU B 200 8.71 36.22 -17.08
CA GLU B 200 9.40 35.29 -16.16
C GLU B 200 8.94 33.83 -16.31
N TYR B 201 7.82 33.61 -17.03
CA TYR B 201 7.29 32.26 -17.27
C TYR B 201 7.62 31.68 -18.65
N ASN B 202 8.26 32.46 -19.51
CA ASN B 202 8.44 32.09 -20.92
C ASN B 202 9.57 31.09 -21.14
N PHE B 203 9.30 29.82 -20.79
CA PHE B 203 10.25 28.74 -20.98
C PHE B 203 10.29 28.22 -22.42
N LEU B 204 9.35 28.68 -23.26
CA LEU B 204 9.24 28.28 -24.66
C LEU B 204 9.80 29.35 -25.61
N ILE B 205 10.60 30.26 -25.07
CA ILE B 205 11.15 31.40 -25.81
C ILE B 205 11.94 31.02 -27.07
N ASN B 206 12.55 29.83 -27.09
CA ASN B 206 13.28 29.38 -28.27
C ASN B 206 12.52 28.56 -29.32
N LEU B 207 11.23 28.35 -29.12
CA LEU B 207 10.35 27.87 -30.19
C LEU B 207 10.11 29.05 -31.13
N ASP B 208 10.11 28.80 -32.45
CA ASP B 208 9.69 29.82 -33.41
C ASP B 208 8.17 29.97 -33.37
N HIS B 209 7.65 30.99 -34.06
CA HIS B 209 6.23 31.31 -34.03
C HIS B 209 5.33 30.16 -34.49
N VAL B 210 5.71 29.47 -35.56
CA VAL B 210 4.97 28.32 -36.10
C VAL B 210 4.94 27.19 -35.09
N GLU B 211 6.11 26.86 -34.54
CA GLU B 211 6.25 25.84 -33.49
C GLU B 211 5.41 26.14 -32.27
N PHE B 212 5.44 27.39 -31.80
CA PHE B 212 4.68 27.79 -30.64
C PHE B 212 3.18 27.62 -30.88
N LYS B 213 2.68 28.08 -32.03
CA LYS B 213 1.27 28.00 -32.31
C LYS B 213 0.81 26.55 -32.39
N HIS B 214 1.66 25.70 -32.99
CA HIS B 214 1.36 24.29 -33.09
C HIS B 214 1.39 23.63 -31.70
N PHE B 215 2.42 23.95 -30.93
CA PHE B 215 2.53 23.47 -29.55
C PHE B 215 1.26 23.79 -28.73
N ARG B 216 0.81 25.05 -28.80
CA ARG B 216 -0.39 25.48 -28.09
C ARG B 216 -1.63 24.68 -28.50
N PHE B 217 -1.81 24.48 -29.81
CA PHE B 217 -2.89 23.65 -30.34
C PHE B 217 -2.85 22.24 -29.75
N LEU B 218 -1.67 21.62 -29.74
CA LEU B 218 -1.51 20.26 -29.20
C LEU B 218 -1.82 20.18 -27.72
N VAL B 219 -1.38 21.17 -26.95
CA VAL B 219 -1.65 21.21 -25.51
C VAL B 219 -3.14 21.29 -25.28
N ILE B 220 -3.82 22.21 -25.98
CA ILE B 220 -5.25 22.36 -25.84
C ILE B 220 -6.01 21.08 -26.19
N GLU B 221 -5.66 20.46 -27.31
CA GLU B 221 -6.31 19.24 -27.76
C GLU B 221 -6.17 18.15 -26.71
N ALA B 222 -5.00 18.06 -26.08
CA ALA B 222 -4.77 17.04 -25.05
C ALA B 222 -5.60 17.30 -23.79
N ILE B 223 -5.60 18.55 -23.31
CA ILE B 223 -6.35 18.89 -22.10
C ILE B 223 -7.85 18.67 -22.34
N LEU B 224 -8.36 19.13 -23.48
CA LEU B 224 -9.78 18.99 -23.78
C LEU B 224 -10.21 17.51 -23.90
N ALA B 225 -9.28 16.63 -24.27
CA ALA B 225 -9.53 15.20 -24.41
C ALA B 225 -9.79 14.50 -23.08
N THR B 226 -9.48 15.18 -21.97
CA THR B 226 -9.70 14.61 -20.64
C THR B 226 -11.15 14.72 -20.14
N ASP B 227 -12.04 15.36 -20.91
CA ASP B 227 -13.47 15.42 -20.60
C ASP B 227 -14.13 14.07 -20.81
N LEU B 228 -14.55 13.41 -19.72
CA LEU B 228 -15.12 12.06 -19.84
C LEU B 228 -16.46 11.97 -20.58
N LYS B 229 -17.14 13.11 -20.76
CA LYS B 229 -18.31 13.15 -21.63
C LYS B 229 -17.98 12.66 -23.05
N LYS B 230 -16.72 12.85 -23.46
CA LYS B 230 -16.21 12.47 -24.77
C LYS B 230 -15.52 11.12 -24.79
N HIS B 231 -15.53 10.41 -23.65
CA HIS B 231 -14.77 9.17 -23.48
C HIS B 231 -15.02 8.14 -24.58
N PHE B 232 -16.30 7.81 -24.78
CA PHE B 232 -16.69 6.78 -25.74
C PHE B 232 -16.42 7.19 -27.17
N ASP B 233 -16.54 8.48 -27.47
CA ASP B 233 -16.17 9.02 -28.79
C ASP B 233 -14.70 8.82 -29.11
N PHE B 234 -13.81 9.09 -28.14
CA PHE B 234 -12.37 8.88 -28.33
C PHE B 234 -12.05 7.42 -28.52
N VAL B 235 -12.61 6.57 -27.63
CA VAL B 235 -12.39 5.15 -27.70
C VAL B 235 -12.90 4.56 -29.00
N ALA B 236 -14.10 4.98 -29.44
CA ALA B 236 -14.66 4.48 -30.70
C ALA B 236 -13.80 4.92 -31.89
N LYS B 237 -13.34 6.17 -31.88
CA LYS B 237 -12.50 6.70 -32.94
C LYS B 237 -11.16 5.96 -33.00
N PHE B 238 -10.57 5.73 -31.83
CA PHE B 238 -9.29 5.04 -31.76
C PHE B 238 -9.40 3.59 -32.23
N ASN B 239 -10.42 2.87 -31.75
CA ASN B 239 -10.72 1.51 -32.17
C ASN B 239 -10.94 1.41 -33.69
N GLY B 240 -11.61 2.44 -34.24
CA GLY B 240 -11.79 2.59 -35.67
C GLY B 240 -10.45 2.64 -36.40
N LYS B 241 -9.54 3.51 -35.94
CA LYS B 241 -8.23 3.71 -36.56
C LYS B 241 -7.36 2.47 -36.47
N VAL B 242 -7.41 1.78 -35.32
CA VAL B 242 -6.66 0.56 -35.11
C VAL B 242 -7.11 -0.55 -36.06
N ASN B 243 -8.42 -0.64 -36.29
CA ASN B 243 -9.04 -1.73 -37.03
C ASN B 243 -9.38 -1.45 -38.51
N ASP B 244 -8.95 -0.29 -39.03
CA ASP B 244 -9.19 0.09 -40.43
C ASP B 244 -8.14 -0.49 -41.37
N ASP B 245 -8.15 -0.01 -42.62
CA ASP B 245 -7.05 -0.19 -43.57
C ASP B 245 -5.74 0.46 -43.06
N VAL B 246 -4.81 -0.39 -42.60
CA VAL B 246 -3.43 -0.03 -42.31
C VAL B 246 -3.09 0.17 -40.82
N GLY B 247 -4.10 0.46 -39.99
CA GLY B 247 -3.89 0.72 -38.57
C GLY B 247 -3.31 2.10 -38.31
N ILE B 248 -2.70 2.31 -37.14
CA ILE B 248 -2.05 3.57 -36.79
C ILE B 248 -0.90 3.84 -37.74
N ASP B 249 -0.91 5.04 -38.35
CA ASP B 249 0.16 5.49 -39.22
C ASP B 249 0.97 6.55 -38.48
N TRP B 250 2.18 6.19 -38.02
CA TRP B 250 3.01 7.08 -37.22
C TRP B 250 3.52 8.32 -37.95
N THR B 251 3.46 8.31 -39.28
CA THR B 251 3.84 9.45 -40.10
C THR B 251 2.68 10.43 -40.29
N ASN B 252 1.49 10.06 -39.81
CA ASN B 252 0.29 10.89 -39.92
C ASN B 252 0.05 11.69 -38.63
N GLU B 253 0.08 13.02 -38.75
CA GLU B 253 -0.03 13.91 -37.58
C GLU B 253 -1.33 13.74 -36.81
N ASN B 254 -2.41 13.39 -37.50
CA ASN B 254 -3.72 13.21 -36.85
C ASN B 254 -3.80 11.93 -36.03
N ASP B 255 -3.24 10.84 -36.58
CA ASP B 255 -3.07 9.60 -35.84
C ASP B 255 -2.24 9.82 -34.58
N ARG B 256 -1.11 10.54 -34.71
CA ARG B 256 -0.26 10.82 -33.56
C ARG B 256 -0.99 11.63 -32.48
N LEU B 257 -1.79 12.61 -32.88
CA LEU B 257 -2.56 13.39 -31.93
C LEU B 257 -3.54 12.47 -31.17
N LEU B 258 -4.21 11.58 -31.89
CA LEU B 258 -5.16 10.66 -31.28
C LEU B 258 -4.46 9.77 -30.27
N VAL B 259 -3.26 9.30 -30.61
CA VAL B 259 -2.46 8.49 -29.66
C VAL B 259 -2.14 9.29 -28.41
N CYS B 260 -1.71 10.55 -28.59
CA CYS B 260 -1.40 11.40 -27.46
C CYS B 260 -2.64 11.63 -26.57
N GLN B 261 -3.80 11.80 -27.20
CA GLN B 261 -5.03 11.96 -26.46
C GLN B 261 -5.42 10.73 -25.65
N MET B 262 -5.23 9.54 -26.24
CA MET B 262 -5.52 8.29 -25.56
C MET B 262 -4.55 8.13 -24.39
N CYS B 263 -3.30 8.55 -24.59
CA CYS B 263 -2.25 8.49 -23.56
CA CYS B 263 -2.25 8.49 -23.57
C CYS B 263 -2.58 9.34 -22.33
N ILE B 264 -2.90 10.63 -22.55
CA ILE B 264 -3.27 11.50 -21.44
C ILE B 264 -4.56 11.01 -20.78
N LYS B 265 -5.50 10.47 -21.58
CA LYS B 265 -6.72 9.90 -21.03
C LYS B 265 -6.43 8.75 -20.05
N LEU B 266 -5.56 7.82 -20.45
CA LEU B 266 -5.20 6.69 -19.61
C LEU B 266 -4.46 7.16 -18.37
N ALA B 267 -3.52 8.10 -18.57
CA ALA B 267 -2.76 8.69 -17.48
C ALA B 267 -3.68 9.33 -16.44
N ASP B 268 -4.70 10.03 -16.93
CA ASP B 268 -5.66 10.73 -16.03
C ASP B 268 -6.36 9.71 -15.12
N ILE B 269 -6.77 8.56 -15.66
CA ILE B 269 -7.58 7.59 -14.90
C ILE B 269 -6.76 6.34 -14.57
N ASN B 270 -5.47 6.54 -14.35
CA ASN B 270 -4.54 5.44 -14.10
C ASN B 270 -4.77 4.71 -12.76
N GLY B 271 -5.38 5.39 -11.80
CA GLY B 271 -5.45 4.91 -10.42
C GLY B 271 -5.87 3.46 -10.21
N PRO B 272 -6.99 3.02 -10.80
CA PRO B 272 -7.42 1.62 -10.68
C PRO B 272 -6.46 0.61 -11.31
N ALA B 273 -5.50 1.10 -12.11
CA ALA B 273 -4.48 0.25 -12.72
C ALA B 273 -3.13 0.30 -11.97
N LYS B 274 -3.12 0.88 -10.77
CA LYS B 274 -1.96 0.88 -9.87
C LYS B 274 -2.13 -0.23 -8.84
N CYS B 275 -1.05 -0.48 -8.08
CA CYS B 275 -1.11 -1.40 -6.96
C CYS B 275 -2.21 -0.96 -5.99
N LYS B 276 -2.73 -1.93 -5.24
CA LYS B 276 -3.83 -1.71 -4.33
C LYS B 276 -3.63 -0.50 -3.39
N GLU B 277 -2.43 -0.42 -2.78
CA GLU B 277 -2.12 0.66 -1.82
C GLU B 277 -2.35 2.06 -2.45
N LEU B 278 -1.82 2.27 -3.65
CA LEU B 278 -1.95 3.53 -4.33
C LEU B 278 -3.41 3.80 -4.71
N HIS B 279 -4.04 2.79 -5.34
CA HIS B 279 -5.45 2.92 -5.76
C HIS B 279 -6.38 3.26 -4.60
N LEU B 280 -6.21 2.59 -3.46
CA LEU B 280 -7.05 2.86 -2.28
C LEU B 280 -6.87 4.27 -1.74
N GLN B 281 -5.64 4.78 -1.79
CA GLN B 281 -5.37 6.14 -1.35
C GLN B 281 -6.00 7.18 -2.28
N TRP B 282 -5.90 6.95 -3.59
CA TRP B 282 -6.57 7.82 -4.56
C TRP B 282 -8.09 7.78 -4.39
N THR B 283 -8.63 6.58 -4.15
CA THR B 283 -10.07 6.40 -3.96
C THR B 283 -10.59 7.25 -2.81
N ASP B 284 -9.85 7.28 -1.70
CA ASP B 284 -10.19 8.12 -0.55
C ASP B 284 -10.29 9.59 -0.93
N GLY B 285 -9.35 10.06 -1.78
CA GLY B 285 -9.34 11.41 -2.23
C GLY B 285 -10.56 11.75 -3.10
N ILE B 286 -10.86 10.86 -4.04
CA ILE B 286 -11.98 11.05 -4.99
C ILE B 286 -13.29 11.17 -4.22
N VAL B 287 -13.54 10.24 -3.29
CA VAL B 287 -14.81 10.30 -2.57
C VAL B 287 -14.90 11.47 -1.62
N ASN B 288 -13.77 11.85 -1.01
CA ASN B 288 -13.75 12.99 -0.10
C ASN B 288 -14.09 14.28 -0.83
N GLU B 289 -13.62 14.38 -2.08
CA GLU B 289 -13.94 15.52 -2.92
C GLU B 289 -15.43 15.48 -3.32
N PHE B 290 -15.92 14.31 -3.74
CA PHE B 290 -17.36 14.12 -3.98
C PHE B 290 -18.25 14.53 -2.81
N TYR B 291 -17.86 14.15 -1.58
CA TYR B 291 -18.70 14.45 -0.44
C TYR B 291 -18.86 15.93 -0.19
N GLU B 292 -17.82 16.72 -0.53
CA GLU B 292 -17.91 18.17 -0.40
C GLU B 292 -18.96 18.69 -1.39
N GLN B 293 -19.02 18.07 -2.57
CA GLN B 293 -20.03 18.40 -3.59
C GLN B 293 -21.42 18.00 -3.09
N GLY B 294 -21.55 16.77 -2.57
CA GLY B 294 -22.80 16.31 -1.96
C GLY B 294 -23.33 17.23 -0.87
N ASP B 295 -22.43 17.69 -0.01
CA ASP B 295 -22.78 18.63 1.06
C ASP B 295 -23.39 19.89 0.44
N GLU B 296 -22.74 20.42 -0.61
CA GLU B 296 -23.23 21.63 -1.25
C GLU B 296 -24.57 21.40 -1.96
N GLU B 297 -24.69 20.26 -2.65
CA GLU B 297 -25.96 19.89 -3.31
C GLU B 297 -27.12 19.94 -2.30
N ALA B 298 -26.95 19.26 -1.16
CA ALA B 298 -27.93 19.27 -0.08
C ALA B 298 -28.26 20.69 0.37
N SER B 299 -27.21 21.49 0.58
CA SER B 299 -27.32 22.88 0.99
C SER B 299 -28.18 23.70 0.03
N LEU B 300 -28.06 23.40 -1.26
CA LEU B 300 -28.79 24.10 -2.33
C LEU B 300 -30.17 23.48 -2.59
N GLY B 301 -30.52 22.44 -1.83
CA GLY B 301 -31.80 21.79 -1.94
C GLY B 301 -31.91 20.91 -3.17
N LEU B 302 -30.75 20.49 -3.71
CA LEU B 302 -30.69 19.61 -4.86
C LEU B 302 -30.55 18.18 -4.33
N PRO B 303 -30.93 17.16 -5.13
CA PRO B 303 -30.67 15.76 -4.74
C PRO B 303 -29.16 15.52 -4.73
N ILE B 304 -28.70 14.70 -3.79
CA ILE B 304 -27.29 14.36 -3.68
C ILE B 304 -26.95 13.39 -4.80
N SER B 305 -25.95 13.74 -5.62
CA SER B 305 -25.55 12.93 -6.77
C SER B 305 -25.16 11.53 -6.30
N PRO B 306 -25.31 10.50 -7.16
CA PRO B 306 -24.88 9.15 -6.80
C PRO B 306 -23.40 9.13 -6.37
N PHE B 307 -23.12 8.39 -5.29
CA PHE B 307 -21.80 8.18 -4.73
C PHE B 307 -21.23 9.36 -3.95
N MET B 308 -22.00 10.44 -3.82
CA MET B 308 -21.49 11.69 -3.20
C MET B 308 -22.11 12.01 -1.84
N ASP B 309 -22.71 11.00 -1.20
CA ASP B 309 -23.37 11.14 0.10
C ASP B 309 -22.51 10.52 1.19
N ARG B 310 -21.87 11.37 2.00
CA ARG B 310 -20.95 10.91 3.05
C ARG B 310 -21.65 10.05 4.10
N SER B 311 -22.96 10.28 4.30
CA SER B 311 -23.73 9.49 5.25
C SER B 311 -24.08 8.09 4.71
N ALA B 312 -24.01 7.92 3.37
CA ALA B 312 -24.27 6.63 2.72
C ALA B 312 -23.22 6.33 1.64
N PRO B 313 -21.95 6.05 2.05
CA PRO B 313 -20.86 5.87 1.08
C PRO B 313 -21.04 4.59 0.28
N GLN B 314 -20.59 4.61 -0.97
CA GLN B 314 -20.71 3.48 -1.88
C GLN B 314 -19.42 3.37 -2.68
N LEU B 315 -18.28 3.26 -1.98
CA LEU B 315 -16.97 3.22 -2.64
C LEU B 315 -16.92 2.10 -3.65
N ALA B 316 -17.34 0.90 -3.23
CA ALA B 316 -17.19 -0.29 -4.03
C ALA B 316 -18.02 -0.21 -5.33
N ASN B 317 -19.28 0.24 -5.23
CA ASN B 317 -20.15 0.40 -6.38
C ASN B 317 -19.58 1.45 -7.33
N LEU B 318 -19.08 2.55 -6.77
CA LEU B 318 -18.45 3.60 -7.56
C LEU B 318 -17.27 3.06 -8.36
N GLN B 319 -16.30 2.41 -7.68
CA GLN B 319 -15.08 1.98 -8.34
C GLN B 319 -15.29 0.76 -9.24
N GLU B 320 -16.15 -0.16 -8.83
CA GLU B 320 -16.46 -1.31 -9.67
C GLU B 320 -17.03 -0.83 -11.02
N SER B 321 -17.97 0.11 -10.97
CA SER B 321 -18.62 0.57 -12.19
C SER B 321 -17.69 1.47 -13.03
N PHE B 322 -16.86 2.27 -12.37
CA PHE B 322 -15.85 3.09 -13.04
C PHE B 322 -14.89 2.19 -13.83
N ILE B 323 -14.45 1.09 -13.22
CA ILE B 323 -13.55 0.15 -13.89
C ILE B 323 -14.26 -0.54 -15.05
N SER B 324 -15.45 -1.10 -14.79
CA SER B 324 -16.15 -1.86 -15.81
C SER B 324 -16.50 -1.00 -17.02
N HIS B 325 -16.94 0.24 -16.79
CA HIS B 325 -17.51 1.09 -17.85
C HIS B 325 -16.56 2.08 -18.50
N ILE B 326 -15.55 2.55 -17.76
CA ILE B 326 -14.64 3.59 -18.27
C ILE B 326 -13.19 3.09 -18.42
N VAL B 327 -12.57 2.64 -17.32
CA VAL B 327 -11.14 2.34 -17.35
C VAL B 327 -10.86 1.07 -18.15
N GLY B 328 -11.66 0.03 -17.90
CA GLY B 328 -11.55 -1.25 -18.58
C GLY B 328 -11.57 -1.12 -20.09
N PRO B 329 -12.63 -0.53 -20.70
CA PRO B 329 -12.69 -0.33 -22.15
C PRO B 329 -11.56 0.52 -22.70
N LEU B 330 -11.11 1.54 -21.96
CA LEU B 330 -9.97 2.34 -22.40
C LEU B 330 -8.70 1.49 -22.47
N CYS B 331 -8.43 0.72 -21.40
CA CYS B 331 -7.25 -0.16 -21.40
C CYS B 331 -7.31 -1.21 -22.50
N ASN B 332 -8.49 -1.81 -22.69
CA ASN B 332 -8.66 -2.79 -23.75
C ASN B 332 -8.37 -2.19 -25.12
N SER B 333 -8.87 -0.97 -25.34
CA SER B 333 -8.66 -0.27 -26.61
C SER B 333 -7.17 0.02 -26.84
N TYR B 334 -6.52 0.56 -25.80
CA TYR B 334 -5.10 0.92 -25.84
C TYR B 334 -4.22 -0.32 -26.02
N ASP B 335 -4.57 -1.39 -25.31
CA ASP B 335 -3.88 -2.68 -25.42
C ASP B 335 -4.06 -3.32 -26.80
N SER B 336 -5.27 -3.24 -27.36
CA SER B 336 -5.57 -3.74 -28.72
C SER B 336 -4.73 -3.05 -29.79
N ALA B 337 -4.38 -1.79 -29.55
CA ALA B 337 -3.50 -1.02 -30.43
C ALA B 337 -2.03 -1.42 -30.28
N GLY B 338 -1.73 -2.31 -29.33
CA GLY B 338 -0.38 -2.74 -29.03
C GLY B 338 0.50 -1.69 -28.36
N LEU B 339 -0.11 -0.78 -27.60
CA LEU B 339 0.64 0.32 -26.99
C LEU B 339 0.93 0.19 -25.49
N MET B 340 0.44 -0.87 -24.83
CA MET B 340 0.68 -1.01 -23.39
C MET B 340 2.13 -1.38 -23.14
N PRO B 341 2.83 -0.73 -22.19
CA PRO B 341 4.12 -1.24 -21.71
C PRO B 341 3.91 -2.66 -21.20
N GLY B 342 4.91 -3.51 -21.44
CA GLY B 342 4.85 -4.89 -21.02
C GLY B 342 6.16 -5.58 -21.27
N LYS B 343 6.18 -6.88 -20.96
CA LYS B 343 7.34 -7.74 -21.12
C LYS B 343 6.92 -9.00 -21.86
N TRP B 344 7.78 -9.46 -22.79
CA TRP B 344 7.60 -10.77 -23.41
C TRP B 344 7.72 -11.84 -22.35
N VAL B 345 6.81 -12.82 -22.39
CA VAL B 345 6.86 -13.95 -21.45
C VAL B 345 7.94 -14.95 -21.83
N ARG B 354 4.09 -15.78 -28.97
CA ARG B 354 4.43 -15.53 -27.57
C ARG B 354 3.34 -14.67 -26.89
N LYS B 355 3.23 -14.85 -25.57
CA LYS B 355 2.38 -14.02 -24.73
C LYS B 355 3.19 -12.85 -24.14
N ILE B 356 2.44 -11.87 -23.64
CA ILE B 356 2.98 -10.66 -23.05
C ILE B 356 2.46 -10.59 -21.61
N TYR B 357 3.32 -10.13 -20.68
CA TYR B 357 2.90 -9.84 -19.32
C TYR B 357 2.78 -8.32 -19.19
N CYS B 358 1.58 -7.85 -18.88
CA CYS B 358 1.27 -6.45 -18.75
C CYS B 358 0.86 -6.13 -17.30
N GLN B 359 1.77 -5.46 -16.61
CA GLN B 359 1.57 -5.09 -15.19
C GLN B 359 0.29 -4.25 -15.03
N ILE B 360 0.10 -3.30 -15.92
CA ILE B 360 -0.99 -2.34 -15.86
C ILE B 360 -2.36 -3.04 -15.87
N THR B 361 -2.59 -3.92 -16.84
CA THR B 361 -3.86 -4.62 -16.95
C THR B 361 -4.01 -5.66 -15.83
N GLN B 362 -2.91 -6.24 -15.38
CA GLN B 362 -2.96 -7.14 -14.22
C GLN B 362 -3.46 -6.45 -12.94
N HIS B 363 -2.91 -5.26 -12.66
CA HIS B 363 -3.38 -4.47 -11.53
C HIS B 363 -4.88 -4.13 -11.65
N LEU B 364 -5.31 -3.73 -12.85
CA LEU B 364 -6.70 -3.37 -13.05
C LEU B 364 -7.63 -4.55 -12.75
N LEU B 365 -7.25 -5.73 -13.22
CA LEU B 365 -7.99 -6.97 -12.95
C LEU B 365 -8.07 -7.23 -11.45
N GLN B 366 -6.94 -7.09 -10.76
CA GLN B 366 -6.85 -7.36 -9.32
C GLN B 366 -7.75 -6.40 -8.52
N ASN B 367 -7.70 -5.11 -8.88
CA ASN B 367 -8.52 -4.11 -8.22
C ASN B 367 -10.01 -4.32 -8.49
N HIS B 368 -10.35 -4.71 -9.70
CA HIS B 368 -11.74 -4.98 -10.08
C HIS B 368 -12.30 -6.15 -9.22
N LYS B 369 -11.51 -7.22 -9.12
CA LYS B 369 -11.84 -8.37 -8.29
C LYS B 369 -12.03 -7.98 -6.83
N MET B 370 -11.14 -7.13 -6.31
CA MET B 370 -11.23 -6.63 -4.95
C MET B 370 -12.59 -5.95 -4.67
N TRP B 371 -12.99 -5.03 -5.57
CA TRP B 371 -14.22 -4.29 -5.36
C TRP B 371 -15.45 -5.19 -5.48
N LYS B 372 -15.38 -6.16 -6.38
CA LYS B 372 -16.47 -7.12 -6.57
C LYS B 372 -16.71 -7.92 -5.29
N LYS B 373 -15.61 -8.30 -4.64
CA LYS B 373 -15.66 -9.04 -3.38
C LYS B 373 -16.26 -8.19 -2.24
N VAL B 374 -15.90 -6.91 -2.19
CA VAL B 374 -16.50 -5.97 -1.23
C VAL B 374 -18.03 -5.91 -1.46
N ILE B 375 -18.43 -5.73 -2.72
CA ILE B 375 -19.85 -5.70 -3.08
C ILE B 375 -20.59 -6.96 -2.65
N GLU B 376 -19.97 -8.14 -2.88
CA GLU B 376 -20.55 -9.42 -2.47
C GLU B 376 -20.85 -9.50 -0.96
N GLU B 377 -19.93 -8.95 -0.15
CA GLU B 377 -20.07 -8.99 1.30
C GLU B 377 -21.07 -7.94 1.80
N GLU B 378 -21.15 -6.80 1.08
CA GLU B 378 -22.16 -5.77 1.31
C GLU B 378 -23.59 -6.27 0.99
N GLN B 379 -23.71 -7.33 0.19
CA GLN B 379 -24.98 -8.05 -0.04
C GLN B 379 -24.88 -9.49 0.48
N PRO C 3 14.95 -36.62 -1.11
CA PRO C 3 15.01 -35.15 -0.90
C PRO C 3 13.97 -34.36 -1.73
N ILE C 4 13.38 -33.34 -1.11
CA ILE C 4 12.61 -32.33 -1.82
C ILE C 4 13.63 -31.45 -2.51
N LEU C 5 13.53 -31.33 -3.83
CA LEU C 5 14.41 -30.48 -4.63
C LEU C 5 13.64 -29.30 -5.21
N ALA C 6 14.32 -28.19 -5.44
CA ALA C 6 13.75 -26.98 -6.02
C ALA C 6 13.26 -27.26 -7.43
N PRO C 7 12.02 -26.85 -7.80
CA PRO C 7 11.53 -27.08 -9.16
C PRO C 7 12.25 -26.32 -10.27
N GLU C 8 12.16 -26.93 -11.47
CA GLU C 8 12.17 -26.39 -12.87
C GLU C 8 13.26 -25.37 -13.20
N PRO C 9 12.97 -24.24 -13.91
CA PRO C 9 13.84 -23.07 -13.77
C PRO C 9 13.78 -22.62 -12.32
N LEU C 10 14.94 -22.43 -11.70
CA LEU C 10 15.04 -22.14 -10.28
C LEU C 10 14.28 -20.86 -9.90
N VAL C 11 14.44 -19.84 -10.74
CA VAL C 11 13.80 -18.55 -10.55
C VAL C 11 12.58 -18.46 -11.46
N MET C 12 11.39 -18.22 -10.88
CA MET C 12 10.18 -18.02 -11.67
C MET C 12 10.21 -16.64 -12.36
N ASP C 13 10.07 -16.63 -13.69
CA ASP C 13 10.27 -15.42 -14.49
C ASP C 13 9.08 -14.46 -14.52
N ASN C 14 7.90 -14.97 -14.15
CA ASN C 14 6.63 -14.23 -14.29
C ASN C 14 6.30 -13.33 -13.08
N LEU C 15 7.23 -13.22 -12.14
CA LEU C 15 6.99 -12.52 -10.88
C LEU C 15 7.66 -11.15 -10.82
N ASP C 16 8.29 -10.71 -11.92
CA ASP C 16 9.18 -9.52 -11.89
C ASP C 16 8.49 -8.22 -11.42
N SER C 17 7.27 -7.97 -11.91
CA SER C 17 6.57 -6.72 -11.61
C SER C 17 6.10 -6.66 -10.16
N ILE C 18 5.75 -7.81 -9.57
CA ILE C 18 5.36 -7.86 -8.19
C ILE C 18 6.60 -7.84 -7.28
N MET C 19 7.68 -8.53 -7.69
CA MET C 19 8.93 -8.52 -6.90
C MET C 19 9.58 -7.14 -6.83
N GLU C 20 9.42 -6.33 -7.87
CA GLU C 20 9.84 -4.93 -7.88
C GLU C 20 9.29 -4.12 -6.70
N GLN C 21 8.14 -4.54 -6.16
CA GLN C 21 7.47 -3.86 -5.06
C GLN C 21 7.98 -4.29 -3.67
N LEU C 22 8.98 -5.16 -3.62
CA LEU C 22 9.53 -5.60 -2.33
C LEU C 22 10.05 -4.44 -1.47
N ASN C 23 10.52 -3.35 -2.11
CA ASN C 23 11.04 -2.22 -1.33
C ASN C 23 9.94 -1.25 -0.85
N THR C 24 8.75 -1.77 -0.59
CA THR C 24 7.68 -1.01 0.05
C THR C 24 7.31 -1.76 1.31
N TRP C 25 6.91 -1.01 2.33
CA TRP C 25 6.55 -1.63 3.61
C TRP C 25 5.29 -2.48 3.45
N ASN C 26 4.24 -1.91 2.84
CA ASN C 26 3.02 -2.65 2.57
C ASN C 26 3.12 -3.48 1.29
N PHE C 27 4.13 -4.38 1.26
CA PHE C 27 4.30 -5.25 0.11
C PHE C 27 3.02 -6.08 -0.05
N PRO C 28 2.43 -6.14 -1.27
CA PRO C 28 1.14 -6.84 -1.45
C PRO C 28 1.34 -8.35 -1.56
N ILE C 29 1.64 -8.93 -0.42
CA ILE C 29 1.99 -10.34 -0.35
C ILE C 29 0.88 -11.28 -0.81
N PHE C 30 -0.38 -10.92 -0.57
CA PHE C 30 -1.51 -11.75 -0.99
C PHE C 30 -1.74 -11.73 -2.50
N ASP C 31 -1.41 -10.61 -3.16
CA ASP C 31 -1.32 -10.54 -4.60
C ASP C 31 -0.21 -11.45 -5.16
N LEU C 32 0.94 -11.50 -4.46
CA LEU C 32 2.01 -12.42 -4.83
C LEU C 32 1.54 -13.88 -4.73
N VAL C 33 0.80 -14.19 -3.67
CA VAL C 33 0.19 -15.50 -3.48
C VAL C 33 -0.71 -15.88 -4.65
N GLU C 34 -1.56 -14.96 -5.08
CA GLU C 34 -2.47 -15.21 -6.19
C GLU C 34 -1.72 -15.37 -7.52
N ASN C 35 -0.64 -14.60 -7.67
CA ASN C 35 0.20 -14.63 -8.87
C ASN C 35 0.99 -15.95 -8.99
N ILE C 36 1.51 -16.45 -7.87
CA ILE C 36 2.23 -17.73 -7.83
C ILE C 36 1.26 -18.93 -7.87
N GLY C 37 0.11 -18.77 -7.21
CA GLY C 37 -0.87 -19.83 -7.01
C GLY C 37 -0.94 -20.22 -5.55
N ARG C 38 -2.16 -20.32 -5.00
CA ARG C 38 -2.33 -20.64 -3.59
C ARG C 38 -1.92 -22.09 -3.35
N LYS C 39 -0.94 -22.28 -2.46
CA LYS C 39 -0.39 -23.60 -2.13
C LYS C 39 0.43 -24.21 -3.29
N CYS C 40 0.92 -23.34 -4.18
CA CYS C 40 1.98 -23.68 -5.11
C CYS C 40 3.23 -24.15 -4.33
N GLY C 41 3.42 -23.58 -3.12
CA GLY C 41 4.54 -23.89 -2.28
C GLY C 41 5.86 -23.35 -2.81
N ARG C 42 5.87 -22.14 -3.36
CA ARG C 42 7.11 -21.53 -3.87
C ARG C 42 7.41 -20.10 -3.38
N ILE C 43 6.47 -19.50 -2.63
CA ILE C 43 6.56 -18.09 -2.30
C ILE C 43 7.80 -17.73 -1.47
N LEU C 44 8.13 -18.58 -0.50
CA LEU C 44 9.23 -18.28 0.42
C LEU C 44 10.57 -18.42 -0.29
N SER C 45 10.73 -19.47 -1.10
CA SER C 45 11.97 -19.66 -1.84
C SER C 45 12.19 -18.55 -2.88
N GLN C 46 11.11 -18.13 -3.54
CA GLN C 46 11.22 -17.10 -4.57
C GLN C 46 11.59 -15.74 -3.99
N VAL C 47 10.94 -15.35 -2.89
CA VAL C 47 11.28 -14.12 -2.21
C VAL C 47 12.70 -14.18 -1.63
N SER C 48 13.05 -15.30 -1.00
CA SER C 48 14.37 -15.47 -0.39
C SER C 48 15.48 -15.28 -1.44
N TYR C 49 15.29 -15.86 -2.63
CA TYR C 49 16.22 -15.64 -3.74
C TYR C 49 16.41 -14.15 -4.05
N ARG C 50 15.28 -13.44 -4.22
CA ARG C 50 15.35 -12.04 -4.60
C ARG C 50 16.05 -11.18 -3.57
N LEU C 51 15.80 -11.45 -2.28
CA LEU C 51 16.38 -10.66 -1.23
C LEU C 51 17.87 -10.95 -1.06
N PHE C 52 18.26 -12.23 -1.17
CA PHE C 52 19.68 -12.58 -1.11
C PHE C 52 20.45 -11.97 -2.30
N GLU C 53 19.82 -11.98 -3.48
CA GLU C 53 20.41 -11.35 -4.65
C GLU C 53 20.53 -9.83 -4.43
N ASP C 54 19.47 -9.22 -3.93
CA ASP C 54 19.45 -7.77 -3.67
C ASP C 54 20.61 -7.35 -2.73
N MET C 55 20.96 -8.22 -1.78
CA MET C 55 22.02 -7.92 -0.81
C MET C 55 23.40 -8.39 -1.25
N GLY C 56 23.49 -9.11 -2.38
CA GLY C 56 24.74 -9.70 -2.83
C GLY C 56 25.28 -10.76 -1.87
N LEU C 57 24.37 -11.44 -1.18
CA LEU C 57 24.74 -12.48 -0.23
C LEU C 57 25.27 -13.76 -0.90
N PHE C 58 24.81 -14.03 -2.14
CA PHE C 58 25.32 -15.18 -2.87
C PHE C 58 26.84 -15.04 -3.10
N GLU C 59 27.27 -13.85 -3.51
CA GLU C 59 28.68 -13.58 -3.74
C GLU C 59 29.45 -13.50 -2.44
N ALA C 60 28.90 -12.80 -1.45
CA ALA C 60 29.55 -12.61 -0.16
C ALA C 60 29.97 -13.91 0.50
N PHE C 61 29.13 -14.95 0.42
CA PHE C 61 29.41 -16.24 1.07
C PHE C 61 29.55 -17.40 0.08
N LYS C 62 29.73 -17.07 -1.21
CA LYS C 62 29.90 -18.05 -2.27
C LYS C 62 28.84 -19.15 -2.15
N ILE C 63 27.59 -18.72 -2.01
CA ILE C 63 26.45 -19.60 -1.83
C ILE C 63 26.05 -20.18 -3.19
N PRO C 64 26.03 -21.52 -3.36
CA PRO C 64 25.54 -22.11 -4.61
C PRO C 64 24.02 -22.02 -4.67
N ILE C 65 23.51 -21.45 -5.77
CA ILE C 65 22.07 -21.17 -5.86
C ILE C 65 21.20 -22.41 -5.85
N ARG C 66 21.68 -23.50 -6.45
CA ARG C 66 20.90 -24.72 -6.49
C ARG C 66 20.59 -25.25 -5.07
N GLU C 67 21.64 -25.34 -4.23
CA GLU C 67 21.49 -25.84 -2.87
C GLU C 67 20.65 -24.89 -2.02
N PHE C 68 20.85 -23.59 -2.22
CA PHE C 68 20.04 -22.58 -1.58
C PHE C 68 18.55 -22.80 -1.91
N MET C 69 18.23 -22.93 -3.20
CA MET C 69 16.83 -23.12 -3.60
C MET C 69 16.27 -24.45 -3.12
N ASN C 70 17.09 -25.51 -3.17
CA ASN C 70 16.68 -26.79 -2.64
C ASN C 70 16.26 -26.64 -1.18
N TYR C 71 17.13 -26.03 -0.36
CA TYR C 71 16.83 -25.93 1.07
C TYR C 71 15.58 -25.09 1.33
N PHE C 72 15.50 -23.91 0.70
CA PHE C 72 14.37 -23.03 0.97
C PHE C 72 13.05 -23.62 0.46
N HIS C 73 13.10 -24.43 -0.60
CA HIS C 73 11.91 -25.10 -1.09
C HIS C 73 11.49 -26.23 -0.12
N ALA C 74 12.45 -27.03 0.35
CA ALA C 74 12.17 -28.01 1.38
C ALA C 74 11.56 -27.37 2.63
N LEU C 75 12.11 -26.22 3.03
CA LEU C 75 11.70 -25.49 4.20
C LEU C 75 10.27 -25.03 4.00
N GLU C 76 9.97 -24.39 2.86
CA GLU C 76 8.62 -23.92 2.66
C GLU C 76 7.57 -25.00 2.59
N ILE C 77 7.94 -26.16 2.05
CA ILE C 77 7.05 -27.32 1.93
C ILE C 77 6.67 -27.85 3.33
N GLY C 78 7.57 -27.69 4.29
CA GLY C 78 7.34 -28.11 5.66
C GLY C 78 6.56 -27.17 6.55
N TYR C 79 6.20 -26.00 6.02
CA TYR C 79 5.18 -25.18 6.63
C TYR C 79 3.84 -25.80 6.27
N ARG C 80 2.98 -25.96 7.27
CA ARG C 80 1.70 -26.61 7.10
C ARG C 80 0.66 -25.71 6.43
N ASP C 81 -0.39 -26.34 5.92
CA ASP C 81 -1.51 -25.65 5.29
C ASP C 81 -2.49 -25.23 6.39
N ILE C 82 -2.06 -24.27 7.21
CA ILE C 82 -2.85 -23.76 8.31
C ILE C 82 -3.09 -22.27 8.07
N PRO C 83 -4.11 -21.65 8.71
CA PRO C 83 -4.55 -20.32 8.30
C PRO C 83 -3.60 -19.13 8.56
N TYR C 84 -2.70 -19.23 9.54
CA TYR C 84 -1.77 -18.14 9.86
C TYR C 84 -0.28 -18.53 9.79
N HIS C 85 0.13 -19.52 10.59
CA HIS C 85 1.58 -19.86 10.72
C HIS C 85 2.01 -20.74 9.55
N ASN C 86 1.96 -20.18 8.35
CA ASN C 86 2.18 -20.89 7.10
C ASN C 86 3.36 -20.19 6.38
N ARG C 87 3.68 -20.65 5.18
CA ARG C 87 4.84 -20.16 4.46
C ARG C 87 4.67 -18.71 4.03
N ILE C 88 3.41 -18.26 3.95
CA ILE C 88 3.14 -16.86 3.60
C ILE C 88 3.56 -15.92 4.75
N HIS C 89 3.20 -16.30 5.99
CA HIS C 89 3.67 -15.58 7.19
C HIS C 89 5.19 -15.57 7.27
N ALA C 90 5.84 -16.71 6.99
CA ALA C 90 7.30 -16.77 7.02
C ALA C 90 7.91 -15.75 6.03
N THR C 91 7.35 -15.72 4.81
CA THR C 91 7.76 -14.79 3.80
C THR C 91 7.57 -13.36 4.24
N ASP C 92 6.42 -13.08 4.87
CA ASP C 92 6.11 -11.76 5.44
C ASP C 92 7.14 -11.29 6.46
N VAL C 93 7.53 -12.20 7.35
CA VAL C 93 8.49 -11.89 8.41
C VAL C 93 9.90 -11.65 7.81
N LEU C 94 10.27 -12.47 6.82
CA LEU C 94 11.54 -12.27 6.11
C LEU C 94 11.57 -10.90 5.41
N HIS C 95 10.48 -10.57 4.71
CA HIS C 95 10.41 -9.29 4.07
C HIS C 95 10.58 -8.15 5.06
N ALA C 96 9.91 -8.25 6.20
CA ALA C 96 9.93 -7.20 7.22
C ALA C 96 11.35 -7.04 7.81
N VAL C 97 12.03 -8.15 8.11
CA VAL C 97 13.41 -8.03 8.63
C VAL C 97 14.36 -7.42 7.60
N TRP C 98 14.19 -7.79 6.33
CA TRP C 98 14.95 -7.20 5.25
C TRP C 98 14.67 -5.68 5.17
N TYR C 99 13.39 -5.32 5.22
CA TYR C 99 13.02 -3.92 5.12
C TYR C 99 13.61 -3.11 6.26
N LEU C 100 13.46 -3.60 7.49
CA LEU C 100 13.96 -2.89 8.64
C LEU C 100 15.50 -2.72 8.64
N THR C 101 16.21 -3.69 8.05
CA THR C 101 17.66 -3.67 8.04
C THR C 101 18.33 -2.99 6.83
N THR C 102 17.55 -2.67 5.81
CA THR C 102 18.08 -2.10 4.57
C THR C 102 17.59 -0.73 4.22
N GLN C 103 16.44 -0.33 4.77
CA GLN C 103 15.83 0.90 4.35
C GLN C 103 16.37 2.11 5.13
N PRO C 104 16.33 3.32 4.55
CA PRO C 104 16.94 4.48 5.17
C PRO C 104 16.37 4.79 6.55
N ILE C 105 17.28 5.02 7.51
CA ILE C 105 16.95 5.44 8.85
C ILE C 105 17.52 6.83 9.06
N PRO C 106 16.66 7.86 9.30
CA PRO C 106 17.16 9.23 9.41
C PRO C 106 18.07 9.41 10.62
N GLY C 107 19.26 9.96 10.39
CA GLY C 107 20.21 10.34 11.43
C GLY C 107 20.97 9.21 12.10
N LEU C 108 20.90 7.99 11.55
CA LEU C 108 21.64 6.85 12.08
C LEU C 108 23.13 7.01 11.73
N SER C 109 24.00 6.91 12.74
CA SER C 109 25.43 6.96 12.56
C SER C 109 25.97 5.59 12.11
N THR C 110 26.89 5.60 11.14
CA THR C 110 27.50 4.38 10.64
C THR C 110 28.81 4.19 11.39
N VAL C 111 29.04 2.97 11.88
CA VAL C 111 30.25 2.74 12.66
C VAL C 111 31.32 2.45 11.65
N GLY C 116 33.71 -8.00 13.41
CA GLY C 116 32.51 -8.62 12.86
C GLY C 116 32.60 -9.13 11.41
N GLY C 117 33.46 -8.47 10.60
CA GLY C 117 33.73 -8.86 9.24
C GLY C 117 33.12 -7.91 8.23
N SER C 118 32.82 -8.44 7.05
CA SER C 118 32.32 -7.63 5.93
C SER C 118 30.85 -7.19 6.10
N TYR C 119 30.49 -6.12 5.40
CA TYR C 119 29.12 -5.60 5.36
C TYR C 119 28.58 -5.68 3.94
N VAL C 120 27.27 -5.90 3.84
CA VAL C 120 26.55 -5.85 2.56
C VAL C 120 25.50 -4.74 2.63
N PHE C 121 25.14 -4.27 1.43
CA PHE C 121 24.12 -3.24 1.26
C PHE C 121 23.16 -3.65 0.15
N SER C 122 21.90 -3.27 0.33
CA SER C 122 20.85 -3.47 -0.64
C SER C 122 21.11 -2.65 -1.89
N LYS C 123 20.81 -3.21 -3.05
CA LYS C 123 20.73 -2.42 -4.31
C LYS C 123 19.73 -1.28 -4.24
N THR C 124 18.76 -1.35 -3.33
CA THR C 124 17.75 -0.29 -3.11
C THR C 124 18.27 0.91 -2.30
N TYR C 125 19.46 0.75 -1.71
CA TYR C 125 20.06 1.72 -0.81
C TYR C 125 21.07 2.56 -1.61
N ASN C 126 20.80 3.86 -1.79
CA ASN C 126 21.77 4.82 -2.38
C ASN C 126 22.45 5.70 -1.32
N VAL C 127 23.62 6.27 -1.65
CA VAL C 127 24.36 7.11 -0.70
C VAL C 127 24.67 8.51 -1.26
N THR C 128 23.87 8.95 -2.23
CA THR C 128 23.80 10.36 -2.62
C THR C 128 22.70 11.10 -1.81
N ASP C 129 21.90 10.34 -1.06
CA ASP C 129 21.17 10.86 0.11
C ASP C 129 22.02 10.58 1.35
N ASP C 130 22.56 11.64 1.96
CA ASP C 130 23.24 11.60 3.27
C ASP C 130 22.20 12.06 4.26
N LYS C 131 22.54 12.00 5.56
CA LYS C 131 21.60 12.17 6.69
C LYS C 131 20.72 10.95 6.97
N TYR C 132 21.05 9.85 6.28
CA TYR C 132 20.47 8.54 6.50
C TYR C 132 21.57 7.50 6.66
N GLY C 133 21.26 6.46 7.41
CA GLY C 133 21.98 5.20 7.44
C GLY C 133 21.00 4.04 7.30
N CYS C 134 21.54 2.81 7.35
CA CYS C 134 20.70 1.60 7.43
C CYS C 134 21.41 0.64 8.34
N LEU C 135 20.64 -0.31 8.90
CA LEU C 135 21.24 -1.27 9.85
C LEU C 135 22.30 -2.14 9.20
N SER C 136 22.20 -2.43 7.90
CA SER C 136 23.20 -3.27 7.24
C SER C 136 24.59 -2.62 7.15
N GLY C 137 24.66 -1.32 7.41
CA GLY C 137 25.91 -0.58 7.60
C GLY C 137 26.54 -0.74 8.99
N ASN C 138 25.75 -1.26 9.94
CA ASN C 138 26.22 -1.43 11.33
C ASN C 138 26.23 -2.88 11.80
N ILE C 139 25.59 -3.77 11.05
CA ILE C 139 25.48 -5.19 11.41
C ILE C 139 26.17 -6.00 10.32
N PRO C 140 27.26 -6.73 10.65
CA PRO C 140 27.99 -7.51 9.65
C PRO C 140 27.13 -8.48 8.88
N ALA C 141 27.53 -8.72 7.61
CA ALA C 141 26.80 -9.57 6.68
C ALA C 141 26.46 -10.95 7.23
N LEU C 142 27.39 -11.58 7.98
CA LEU C 142 27.13 -12.90 8.55
C LEU C 142 25.94 -12.87 9.50
N GLU C 143 25.86 -11.82 10.33
CA GLU C 143 24.82 -11.64 11.31
C GLU C 143 23.50 -11.30 10.65
N LEU C 144 23.56 -10.47 9.61
CA LEU C 144 22.36 -10.16 8.86
C LEU C 144 21.79 -11.41 8.17
N MET C 145 22.68 -12.19 7.55
CA MET C 145 22.26 -13.41 6.90
C MET C 145 21.61 -14.37 7.89
N ALA C 146 22.17 -14.47 9.10
CA ALA C 146 21.57 -15.29 10.15
C ALA C 146 20.16 -14.83 10.51
N LEU C 147 19.96 -13.52 10.61
CA LEU C 147 18.66 -12.95 10.87
C LEU C 147 17.64 -13.32 9.76
N TYR C 148 18.07 -13.21 8.49
CA TYR C 148 17.18 -13.51 7.36
C TYR C 148 16.81 -15.01 7.32
N VAL C 149 17.81 -15.88 7.53
CA VAL C 149 17.57 -17.29 7.58
C VAL C 149 16.66 -17.66 8.75
N ALA C 150 16.89 -17.03 9.90
CA ALA C 150 16.05 -17.23 11.08
C ALA C 150 14.60 -16.88 10.78
N ALA C 151 14.39 -15.74 10.11
CA ALA C 151 13.05 -15.36 9.74
C ALA C 151 12.35 -16.40 8.86
N ALA C 152 13.07 -16.93 7.87
CA ALA C 152 12.54 -17.96 6.98
C ALA C 152 12.16 -19.22 7.77
N MET C 153 12.95 -19.58 8.77
CA MET C 153 12.72 -20.87 9.48
C MET C 153 11.90 -20.72 10.76
N HIS C 154 11.47 -19.52 11.12
CA HIS C 154 11.11 -19.31 12.52
C HIS C 154 9.79 -19.93 12.99
N ASP C 155 8.88 -20.29 12.06
CA ASP C 155 7.64 -21.01 12.39
C ASP C 155 7.52 -22.39 11.70
N TYR C 156 8.66 -22.95 11.28
CA TYR C 156 8.69 -24.19 10.54
C TYR C 156 7.92 -25.30 11.26
N ASP C 157 7.03 -25.97 10.51
CA ASP C 157 6.23 -27.08 11.01
C ASP C 157 5.37 -26.71 12.24
N HIS C 158 4.88 -25.47 12.26
CA HIS C 158 3.92 -25.03 13.27
C HIS C 158 2.65 -25.86 13.15
N PRO C 159 2.15 -26.44 14.26
CA PRO C 159 0.94 -27.27 14.22
C PRO C 159 -0.38 -26.53 14.32
N GLY C 160 -0.35 -25.20 14.40
CA GLY C 160 -1.57 -24.40 14.52
C GLY C 160 -2.18 -24.43 15.92
N ARG C 161 -1.35 -24.71 16.94
CA ARG C 161 -1.71 -24.68 18.34
C ARG C 161 -0.65 -23.86 19.07
N THR C 162 -1.06 -23.18 20.14
CA THR C 162 -0.15 -22.37 20.96
C THR C 162 0.69 -23.25 21.91
N ASN C 163 1.78 -22.67 22.40
CA ASN C 163 2.58 -23.33 23.48
C ASN C 163 1.68 -23.72 24.65
N ALA C 164 0.77 -22.82 25.06
CA ALA C 164 -0.08 -23.09 26.23
C ALA C 164 -0.94 -24.35 26.00
N PHE C 165 -1.47 -24.51 24.79
CA PHE C 165 -2.25 -25.70 24.44
C PHE C 165 -1.42 -26.98 24.49
N LEU C 166 -0.23 -26.92 23.92
CA LEU C 166 0.67 -28.08 23.89
C LEU C 166 1.01 -28.50 25.32
N VAL C 167 1.29 -27.51 26.17
CA VAL C 167 1.63 -27.77 27.59
C VAL C 167 0.43 -28.32 28.33
N ALA C 168 -0.75 -27.69 28.15
CA ALA C 168 -1.95 -28.13 28.89
C ALA C 168 -2.39 -29.55 28.51
N THR C 169 -2.14 -29.96 27.27
CA THR C 169 -2.51 -31.29 26.78
C THR C 169 -1.41 -32.34 26.90
N SER C 170 -0.28 -31.96 27.50
CA SER C 170 0.90 -32.82 27.62
C SER C 170 1.28 -33.42 26.28
N ALA C 171 1.28 -32.59 25.22
CA ALA C 171 1.63 -33.04 23.91
C ALA C 171 3.07 -33.57 23.90
N PRO C 172 3.39 -34.58 23.06
CA PRO C 172 4.76 -35.08 22.97
C PRO C 172 5.81 -33.98 22.83
N GLN C 173 5.55 -32.94 22.04
CA GLN C 173 6.50 -31.85 21.89
C GLN C 173 6.75 -31.09 23.20
N ALA C 174 5.70 -30.90 24.01
CA ALA C 174 5.82 -30.21 25.26
C ALA C 174 6.65 -31.05 26.26
N VAL C 175 6.43 -32.36 26.25
CA VAL C 175 7.20 -33.27 27.07
C VAL C 175 8.66 -33.27 26.61
N LEU C 176 8.88 -33.30 25.29
CA LEU C 176 10.23 -33.30 24.73
C LEU C 176 11.05 -32.08 25.14
N TYR C 177 10.39 -30.91 25.16
CA TYR C 177 11.06 -29.63 25.47
C TYR C 177 10.83 -29.12 26.89
N ASN C 178 10.34 -30.00 27.77
CA ASN C 178 10.15 -29.69 29.20
C ASN C 178 9.34 -28.41 29.41
N ASP C 179 8.33 -28.22 28.53
CA ASP C 179 7.40 -27.07 28.56
C ASP C 179 8.04 -25.70 28.28
N ARG C 180 9.30 -25.68 27.85
CA ARG C 180 10.07 -24.42 27.67
C ARG C 180 10.18 -24.09 26.20
N SER C 181 9.64 -22.93 25.80
CA SER C 181 9.60 -22.49 24.41
C SER C 181 9.38 -23.65 23.45
N VAL C 182 8.28 -24.37 23.64
CA VAL C 182 8.05 -25.65 23.01
C VAL C 182 8.05 -25.53 21.49
N LEU C 183 7.21 -24.64 20.96
CA LEU C 183 7.16 -24.46 19.52
C LEU C 183 8.48 -23.92 18.93
N GLU C 184 9.04 -22.89 19.56
CA GLU C 184 10.22 -22.20 19.05
C GLU C 184 11.44 -23.11 19.03
N ASN C 185 11.60 -23.90 20.09
CA ASN C 185 12.62 -24.93 20.06
C ASN C 185 12.45 -25.87 18.87
N HIS C 186 11.21 -26.33 18.64
CA HIS C 186 10.90 -27.22 17.54
C HIS C 186 11.17 -26.60 16.17
N HIS C 187 10.75 -25.35 15.96
CA HIS C 187 10.98 -24.68 14.68
C HIS C 187 12.48 -24.69 14.36
N ALA C 188 13.31 -24.27 15.33
CA ALA C 188 14.75 -24.21 15.14
C ALA C 188 15.35 -25.61 14.90
N ALA C 189 14.97 -26.56 15.76
CA ALA C 189 15.54 -27.87 15.69
C ALA C 189 15.13 -28.62 14.44
N ALA C 190 13.85 -28.54 14.06
CA ALA C 190 13.36 -29.24 12.88
C ALA C 190 13.93 -28.58 11.59
N ALA C 191 14.04 -27.25 11.57
CA ALA C 191 14.63 -26.57 10.41
C ALA C 191 16.12 -26.93 10.25
N TRP C 192 16.85 -26.98 11.38
CA TRP C 192 18.26 -27.36 11.34
C TRP C 192 18.46 -28.84 10.98
N ASN C 193 17.63 -29.73 11.55
CA ASN C 193 17.67 -31.12 11.17
C ASN C 193 17.45 -31.31 9.66
N LEU C 194 16.45 -30.60 9.13
CA LEU C 194 16.20 -30.61 7.69
C LEU C 194 17.44 -30.23 6.92
N PHE C 195 18.05 -29.09 7.30
CA PHE C 195 19.26 -28.57 6.68
C PHE C 195 20.36 -29.62 6.63
N MET C 196 20.59 -30.26 7.77
CA MET C 196 21.69 -31.21 7.89
C MET C 196 21.44 -32.55 7.23
N SER C 197 20.18 -32.84 6.91
CA SER C 197 19.78 -34.17 6.46
C SER C 197 20.31 -34.56 5.08
N ARG C 198 20.59 -33.59 4.21
CA ARG C 198 20.92 -33.84 2.81
C ARG C 198 22.03 -32.92 2.33
N PRO C 199 23.03 -33.44 1.58
CA PRO C 199 24.05 -32.59 0.97
C PRO C 199 23.45 -31.59 -0.05
N GLU C 200 22.31 -31.96 -0.64
CA GLU C 200 21.62 -31.10 -1.61
C GLU C 200 21.09 -29.80 -1.00
N TYR C 201 21.10 -29.70 0.34
CA TYR C 201 20.66 -28.49 1.06
C TYR C 201 21.79 -27.59 1.56
N ASN C 202 23.05 -28.02 1.39
CA ASN C 202 24.19 -27.33 2.01
C ASN C 202 24.63 -26.08 1.28
N PHE C 203 23.85 -25.02 1.44
CA PHE C 203 24.13 -23.73 0.82
C PHE C 203 25.19 -22.93 1.60
N LEU C 204 25.57 -23.41 2.80
CA LEU C 204 26.55 -22.76 3.65
C LEU C 204 27.90 -23.45 3.60
N ILE C 205 28.11 -24.27 2.56
CA ILE C 205 29.33 -25.06 2.39
C ILE C 205 30.61 -24.23 2.40
N ASN C 206 30.57 -22.97 1.97
CA ASN C 206 31.75 -22.12 1.96
C ASN C 206 32.00 -21.24 3.18
N LEU C 207 31.17 -21.38 4.22
CA LEU C 207 31.50 -20.84 5.54
C LEU C 207 32.53 -21.79 6.15
N ASP C 208 33.55 -21.23 6.80
CA ASP C 208 34.50 -22.05 7.54
C ASP C 208 33.83 -22.52 8.84
N HIS C 209 34.51 -23.43 9.55
CA HIS C 209 33.93 -24.04 10.74
C HIS C 209 33.51 -23.03 11.84
N VAL C 210 34.35 -22.02 12.08
CA VAL C 210 34.09 -20.98 13.07
C VAL C 210 32.86 -20.18 12.67
N GLU C 211 32.85 -19.73 11.41
CA GLU C 211 31.74 -18.99 10.83
C GLU C 211 30.41 -19.75 10.93
N PHE C 212 30.44 -21.04 10.56
CA PHE C 212 29.27 -21.87 10.59
C PHE C 212 28.70 -21.98 11.99
N LYS C 213 29.57 -22.26 12.96
CA LYS C 213 29.09 -22.46 14.33
C LYS C 213 28.50 -21.19 14.89
N HIS C 214 29.11 -20.05 14.55
CA HIS C 214 28.60 -18.76 14.97
C HIS C 214 27.28 -18.46 14.30
N PHE C 215 27.21 -18.69 12.98
CA PHE C 215 25.97 -18.55 12.25
C PHE C 215 24.81 -19.34 12.89
N ARG C 216 25.05 -20.62 13.17
CA ARG C 216 24.04 -21.48 13.78
C ARG C 216 23.54 -20.93 15.14
N PHE C 217 24.47 -20.49 15.98
CA PHE C 217 24.14 -19.83 17.24
C PHE C 217 23.23 -18.64 17.06
N LEU C 218 23.59 -17.77 16.10
CA LEU C 218 22.79 -16.56 15.84
C LEU C 218 21.39 -16.89 15.35
N VAL C 219 21.27 -17.88 14.46
CA VAL C 219 19.96 -18.29 13.95
C VAL C 219 19.09 -18.78 15.10
N ILE C 220 19.64 -19.65 15.95
CA ILE C 220 18.88 -20.16 17.07
C ILE C 220 18.44 -19.05 18.03
N GLU C 221 19.36 -18.15 18.37
CA GLU C 221 19.06 -17.04 19.26
C GLU C 221 17.92 -16.21 18.73
N ALA C 222 17.90 -15.98 17.40
CA ALA C 222 16.84 -15.17 16.79
C ALA C 222 15.49 -15.90 16.81
N ILE C 223 15.48 -17.19 16.45
CA ILE C 223 14.22 -17.94 16.43
C ILE C 223 13.64 -18.03 17.86
N LEU C 224 14.49 -18.33 18.83
CA LEU C 224 14.04 -18.49 20.20
C LEU C 224 13.49 -17.16 20.78
N ALA C 225 13.98 -16.01 20.26
CA ALA C 225 13.53 -14.69 20.69
C ALA C 225 12.08 -14.39 20.29
N THR C 226 11.53 -15.19 19.37
CA THR C 226 10.14 -15.02 18.96
C THR C 226 9.08 -15.57 19.92
N ASP C 227 9.50 -16.23 21.00
CA ASP C 227 8.58 -16.71 22.05
C ASP C 227 8.09 -15.50 22.86
N LEU C 228 6.79 -15.18 22.74
CA LEU C 228 6.26 -14.01 23.45
C LEU C 228 6.24 -14.11 24.97
N LYS C 229 6.41 -15.30 25.53
CA LYS C 229 6.64 -15.45 26.96
C LYS C 229 7.85 -14.61 27.42
N LYS C 230 8.81 -14.39 26.52
CA LYS C 230 10.04 -13.63 26.80
C LYS C 230 9.94 -12.15 26.38
N HIS C 231 8.78 -11.74 25.86
CA HIS C 231 8.62 -10.42 25.27
C HIS C 231 9.06 -9.29 26.20
N PHE C 232 8.52 -9.28 27.43
CA PHE C 232 8.77 -8.20 28.38
C PHE C 232 10.21 -8.11 28.82
N ASP C 233 10.86 -9.28 28.93
CA ASP C 233 12.28 -9.36 29.25
C ASP C 233 13.14 -8.73 28.16
N PHE C 234 12.84 -9.02 26.88
CA PHE C 234 13.58 -8.44 25.76
C PHE C 234 13.40 -6.93 25.71
N VAL C 235 12.15 -6.47 25.84
CA VAL C 235 11.84 -5.06 25.80
C VAL C 235 12.49 -4.31 26.95
N ALA C 236 12.43 -4.89 28.16
CA ALA C 236 13.08 -4.29 29.32
C ALA C 236 14.60 -4.19 29.12
N LYS C 237 15.19 -5.27 28.61
CA LYS C 237 16.63 -5.33 28.35
C LYS C 237 17.04 -4.31 27.30
N PHE C 238 16.27 -4.21 26.22
CA PHE C 238 16.58 -3.27 25.15
C PHE C 238 16.46 -1.83 25.63
N ASN C 239 15.37 -1.50 26.32
CA ASN C 239 15.16 -0.18 26.92
C ASN C 239 16.29 0.18 27.89
N GLY C 240 16.77 -0.82 28.63
CA GLY C 240 17.92 -0.69 29.51
C GLY C 240 19.15 -0.27 28.73
N LYS C 241 19.46 -0.99 27.64
CA LYS C 241 20.65 -0.73 26.82
C LYS C 241 20.58 0.64 26.15
N VAL C 242 19.40 1.03 25.69
CA VAL C 242 19.19 2.33 25.06
C VAL C 242 19.42 3.48 26.05
N ASN C 243 18.95 3.29 27.28
CA ASN C 243 18.89 4.35 28.28
C ASN C 243 19.96 4.34 29.37
N ASP C 244 20.64 3.21 29.57
CA ASP C 244 21.56 3.08 30.71
C ASP C 244 22.92 3.45 30.17
N ASP C 245 23.46 4.56 30.67
CA ASP C 245 24.70 5.17 30.22
C ASP C 245 24.70 5.51 28.73
N VAL C 246 25.41 4.73 27.91
CA VAL C 246 25.91 5.19 26.62
C VAL C 246 25.15 4.65 25.41
N GLY C 247 24.17 3.80 25.67
CA GLY C 247 23.30 3.29 24.62
C GLY C 247 23.94 2.15 23.84
N ILE C 248 23.37 1.86 22.67
CA ILE C 248 23.79 0.72 21.84
C ILE C 248 25.22 0.94 21.37
N ASP C 249 26.06 -0.06 21.60
CA ASP C 249 27.44 -0.07 21.12
C ASP C 249 27.52 -1.06 19.94
N TRP C 250 27.59 -0.53 18.71
CA TRP C 250 27.59 -1.33 17.50
C TRP C 250 28.84 -2.20 17.32
N THR C 251 29.91 -1.92 18.08
CA THR C 251 31.12 -2.74 18.07
C THR C 251 31.02 -3.93 19.02
N ASN C 252 29.94 -3.97 19.81
CA ASN C 252 29.70 -5.04 20.80
C ASN C 252 28.77 -6.11 20.23
N GLU C 253 29.27 -7.35 20.12
CA GLU C 253 28.52 -8.43 19.51
C GLU C 253 27.18 -8.71 20.19
N ASN C 254 27.14 -8.51 21.51
CA ASN C 254 25.94 -8.79 22.29
C ASN C 254 24.84 -7.74 22.07
N ASP C 255 25.24 -6.47 22.01
CA ASP C 255 24.35 -5.39 21.61
C ASP C 255 23.78 -5.63 20.21
N ARG C 256 24.63 -6.02 19.26
CA ARG C 256 24.17 -6.30 17.89
C ARG C 256 23.15 -7.45 17.86
N LEU C 257 23.40 -8.51 18.65
CA LEU C 257 22.46 -9.60 18.73
C LEU C 257 21.11 -9.12 19.27
N LEU C 258 21.13 -8.27 20.31
CA LEU C 258 19.91 -7.75 20.89
C LEU C 258 19.13 -6.94 19.84
N VAL C 259 19.84 -6.14 19.04
CA VAL C 259 19.18 -5.40 17.96
C VAL C 259 18.53 -6.37 16.95
N CYS C 260 19.27 -7.42 16.55
CA CYS C 260 18.73 -8.41 15.65
C CYS C 260 17.48 -9.11 16.21
N GLN C 261 17.49 -9.40 17.52
CA GLN C 261 16.36 -10.00 18.17
C GLN C 261 15.15 -9.09 18.20
N MET C 262 15.37 -7.79 18.45
CA MET C 262 14.27 -6.83 18.45
C MET C 262 13.71 -6.71 17.03
N CYS C 263 14.60 -6.77 16.03
CA CYS C 263 14.21 -6.72 14.62
C CYS C 263 13.30 -7.89 14.20
N ILE C 264 13.72 -9.13 14.51
CA ILE C 264 12.89 -10.29 14.19
C ILE C 264 11.59 -10.28 15.00
N LYS C 265 11.65 -9.79 16.25
CA LYS C 265 10.45 -9.66 17.06
C LYS C 265 9.43 -8.72 16.44
N LEU C 266 9.88 -7.55 15.98
CA LEU C 266 9.00 -6.57 15.35
C LEU C 266 8.47 -7.12 14.05
N ALA C 267 9.36 -7.76 13.25
CA ALA C 267 8.95 -8.37 11.99
C ALA C 267 7.85 -9.43 12.20
N ASP C 268 8.00 -10.22 13.26
CA ASP C 268 7.01 -11.29 13.53
C ASP C 268 5.62 -10.68 13.77
N ILE C 269 5.56 -9.58 14.52
CA ILE C 269 4.27 -9.00 14.92
C ILE C 269 4.00 -7.69 14.18
N ASN C 270 4.45 -7.62 12.93
CA ASN C 270 4.38 -6.39 12.12
C ASN C 270 2.98 -5.99 11.72
N GLY C 271 2.04 -6.95 11.72
CA GLY C 271 0.72 -6.79 11.14
C GLY C 271 -0.02 -5.49 11.51
N PRO C 272 -0.15 -5.16 12.81
CA PRO C 272 -0.82 -3.93 13.22
C PRO C 272 -0.11 -2.65 12.78
N ALA C 273 1.14 -2.77 12.31
CA ALA C 273 1.86 -1.60 11.76
C ALA C 273 1.86 -1.54 10.22
N LYS C 274 1.03 -2.38 9.60
CA LYS C 274 0.78 -2.34 8.15
C LYS C 274 -0.47 -1.52 7.86
N CYS C 275 -0.70 -1.24 6.58
CA CYS C 275 -1.95 -0.61 6.16
C CYS C 275 -3.13 -1.45 6.61
N LYS C 276 -4.27 -0.79 6.79
CA LYS C 276 -5.49 -1.44 7.26
C LYS C 276 -5.83 -2.73 6.49
N GLU C 277 -5.78 -2.65 5.15
CA GLU C 277 -6.17 -3.76 4.29
C GLU C 277 -5.35 -5.03 4.62
N LEU C 278 -4.03 -4.87 4.74
CA LEU C 278 -3.16 -5.99 5.06
C LEU C 278 -3.40 -6.50 6.46
N HIS C 279 -3.44 -5.58 7.43
CA HIS C 279 -3.69 -5.93 8.83
C HIS C 279 -4.99 -6.74 9.01
N LEU C 280 -6.08 -6.28 8.37
CA LEU C 280 -7.36 -6.98 8.47
C LEU C 280 -7.32 -8.39 7.87
N GLN C 281 -6.60 -8.55 6.74
CA GLN C 281 -6.42 -9.87 6.13
C GLN C 281 -5.64 -10.82 7.03
N TRP C 282 -4.54 -10.32 7.64
CA TRP C 282 -3.78 -11.15 8.58
C TRP C 282 -4.62 -11.50 9.81
N THR C 283 -5.40 -10.53 10.31
CA THR C 283 -6.26 -10.74 11.48
C THR C 283 -7.21 -11.91 11.26
N ASP C 284 -7.81 -11.98 10.07
CA ASP C 284 -8.67 -13.10 9.67
C ASP C 284 -7.96 -14.45 9.77
N GLY C 285 -6.68 -14.49 9.35
CA GLY C 285 -5.89 -15.70 9.40
C GLY C 285 -5.63 -16.12 10.85
N ILE C 286 -5.24 -15.16 11.69
CA ILE C 286 -4.92 -15.41 13.11
C ILE C 286 -6.13 -16.02 13.82
N VAL C 287 -7.30 -15.41 13.66
CA VAL C 287 -8.46 -15.93 14.36
C VAL C 287 -8.96 -17.25 13.79
N ASN C 288 -8.83 -17.45 12.47
CA ASN C 288 -9.25 -18.70 11.87
C ASN C 288 -8.41 -19.86 12.39
N GLU C 289 -7.12 -19.59 12.63
CA GLU C 289 -6.24 -20.57 13.23
C GLU C 289 -6.64 -20.83 14.68
N PHE C 290 -6.87 -19.76 15.45
CA PHE C 290 -7.36 -19.88 16.81
C PHE C 290 -8.64 -20.72 16.90
N TYR C 291 -9.59 -20.52 15.99
CA TYR C 291 -10.84 -21.25 16.06
C TYR C 291 -10.68 -22.74 15.90
N GLU C 292 -9.67 -23.18 15.13
CA GLU C 292 -9.39 -24.60 15.00
C GLU C 292 -8.91 -25.15 16.35
N GLN C 293 -8.13 -24.32 17.06
CA GLN C 293 -7.66 -24.65 18.42
C GLN C 293 -8.84 -24.72 19.38
N GLY C 294 -9.70 -23.70 19.34
CA GLY C 294 -10.94 -23.67 20.13
C GLY C 294 -11.81 -24.88 19.94
N ASP C 295 -11.97 -25.30 18.67
CA ASP C 295 -12.76 -26.47 18.35
C ASP C 295 -12.17 -27.70 19.06
N GLU C 296 -10.85 -27.84 18.99
CA GLU C 296 -10.19 -28.99 19.62
C GLU C 296 -10.30 -28.92 21.15
N GLU C 297 -10.10 -27.74 21.71
CA GLU C 297 -10.25 -27.53 23.16
C GLU C 297 -11.62 -28.03 23.63
N ALA C 298 -12.68 -27.57 22.97
CA ALA C 298 -14.04 -27.97 23.28
C ALA C 298 -14.19 -29.49 23.19
N SER C 299 -13.66 -30.07 22.10
CA SER C 299 -13.68 -31.50 21.85
C SER C 299 -13.06 -32.30 23.01
N LEU C 300 -11.99 -31.75 23.58
CA LEU C 300 -11.24 -32.38 24.66
C LEU C 300 -11.83 -32.05 26.03
N GLY C 301 -12.88 -31.23 26.08
CA GLY C 301 -13.52 -30.84 27.32
C GLY C 301 -12.65 -29.86 28.12
N LEU C 302 -11.78 -29.14 27.42
CA LEU C 302 -11.03 -28.03 28.00
C LEU C 302 -11.82 -26.76 27.79
N PRO C 303 -11.60 -25.71 28.62
CA PRO C 303 -12.22 -24.41 28.38
C PRO C 303 -11.66 -23.81 27.09
N ILE C 304 -12.53 -23.13 26.31
CA ILE C 304 -12.10 -22.50 25.09
C ILE C 304 -11.31 -21.24 25.44
N SER C 305 -10.09 -21.17 24.93
CA SER C 305 -9.16 -20.08 25.28
C SER C 305 -9.78 -18.75 24.84
N PRO C 306 -9.42 -17.63 25.49
CA PRO C 306 -9.94 -16.32 25.07
C PRO C 306 -9.63 -16.04 23.60
N PHE C 307 -10.62 -15.49 22.88
CA PHE C 307 -10.54 -15.11 21.48
C PHE C 307 -10.58 -16.29 20.49
N MET C 308 -10.73 -17.52 20.99
CA MET C 308 -10.67 -18.72 20.15
C MET C 308 -12.00 -19.45 19.93
N ASP C 309 -13.10 -18.77 20.23
CA ASP C 309 -14.46 -19.31 20.10
C ASP C 309 -15.14 -18.72 18.86
N ARG C 310 -15.27 -19.57 17.82
CA ARG C 310 -15.84 -19.12 16.54
C ARG C 310 -17.26 -18.65 16.67
N SER C 311 -17.99 -19.20 17.64
CA SER C 311 -19.38 -18.80 17.87
C SER C 311 -19.48 -17.43 18.58
N ALA C 312 -18.39 -16.99 19.23
CA ALA C 312 -18.32 -15.70 19.93
C ALA C 312 -17.02 -14.94 19.61
N PRO C 313 -16.85 -14.47 18.35
CA PRO C 313 -15.60 -13.82 17.94
C PRO C 313 -15.37 -12.49 18.62
N GLN C 314 -14.10 -12.15 18.87
CA GLN C 314 -13.72 -10.94 19.60
C GLN C 314 -12.52 -10.26 18.98
N LEU C 315 -12.62 -9.97 17.68
CA LEU C 315 -11.45 -9.49 16.91
C LEU C 315 -10.92 -8.20 17.51
N ALA C 316 -11.81 -7.25 17.79
CA ALA C 316 -11.40 -5.93 18.24
C ALA C 316 -10.70 -5.98 19.60
N ASN C 317 -11.25 -6.74 20.54
CA ASN C 317 -10.65 -6.90 21.86
C ASN C 317 -9.28 -7.55 21.75
N LEU C 318 -9.19 -8.58 20.89
CA LEU C 318 -7.94 -9.25 20.64
C LEU C 318 -6.86 -8.29 20.14
N GLN C 319 -7.16 -7.56 19.06
CA GLN C 319 -6.17 -6.71 18.43
C GLN C 319 -5.87 -5.44 19.22
N GLU C 320 -6.88 -4.86 19.84
CA GLU C 320 -6.67 -3.67 20.65
C GLU C 320 -5.71 -4.00 21.79
N SER C 321 -5.93 -5.14 22.46
CA SER C 321 -5.11 -5.48 23.61
C SER C 321 -3.69 -5.95 23.17
N PHE C 322 -3.60 -6.63 22.03
CA PHE C 322 -2.32 -7.03 21.47
C PHE C 322 -1.48 -5.78 21.17
N ILE C 323 -2.09 -4.76 20.60
CA ILE C 323 -1.38 -3.52 20.32
C ILE C 323 -0.98 -2.79 21.61
N SER C 324 -1.93 -2.61 22.52
CA SER C 324 -1.66 -1.88 23.76
C SER C 324 -0.55 -2.55 24.59
N HIS C 325 -0.57 -3.88 24.65
CA HIS C 325 0.33 -4.62 25.56
C HIS C 325 1.64 -5.08 24.97
N ILE C 326 1.63 -5.44 23.68
CA ILE C 326 2.76 -6.09 23.03
C ILE C 326 3.38 -5.23 21.91
N VAL C 327 2.60 -4.94 20.87
CA VAL C 327 3.18 -4.29 19.69
C VAL C 327 3.54 -2.85 19.93
N GLY C 328 2.63 -2.12 20.58
CA GLY C 328 2.80 -0.71 20.89
C GLY C 328 4.10 -0.45 21.65
N PRO C 329 4.31 -1.07 22.82
CA PRO C 329 5.55 -0.87 23.57
C PRO C 329 6.81 -1.29 22.80
N LEU C 330 6.74 -2.36 21.99
CA LEU C 330 7.88 -2.76 21.18
C LEU C 330 8.23 -1.68 20.14
N CYS C 331 7.22 -1.18 19.42
CA CYS C 331 7.46 -0.11 18.42
C CYS C 331 7.98 1.15 19.06
N ASN C 332 7.40 1.52 20.22
CA ASN C 332 7.85 2.70 20.92
C ASN C 332 9.31 2.56 21.32
N SER C 333 9.67 1.39 21.83
CA SER C 333 11.04 1.10 22.27
C SER C 333 12.01 1.19 21.09
N TYR C 334 11.65 0.55 19.96
CA TYR C 334 12.47 0.53 18.76
C TYR C 334 12.63 1.93 18.17
N ASP C 335 11.52 2.68 18.14
CA ASP C 335 11.51 4.05 17.64
C ASP C 335 12.36 4.99 18.57
N SER C 336 12.25 4.82 19.88
CA SER C 336 13.04 5.57 20.87
C SER C 336 14.54 5.37 20.70
N ALA C 337 14.93 4.19 20.22
CA ALA C 337 16.33 3.87 19.92
C ALA C 337 16.79 4.53 18.59
N GLY C 338 15.87 5.17 17.89
CA GLY C 338 16.15 5.82 16.61
C GLY C 338 16.37 4.84 15.45
N LEU C 339 15.78 3.65 15.53
CA LEU C 339 16.00 2.65 14.51
C LEU C 339 14.88 2.45 13.45
N MET C 340 13.76 3.18 13.58
CA MET C 340 12.68 3.02 12.62
C MET C 340 13.08 3.65 11.28
N PRO C 341 12.83 2.96 10.15
CA PRO C 341 12.89 3.62 8.85
C PRO C 341 11.95 4.81 8.85
N GLY C 342 12.37 5.88 8.18
CA GLY C 342 11.60 7.11 8.06
C GLY C 342 12.25 8.04 7.07
N LYS C 343 11.62 9.19 6.86
CA LYS C 343 12.06 10.20 5.91
C LYS C 343 12.11 11.54 6.59
N TRP C 344 13.17 12.32 6.33
CA TRP C 344 13.22 13.72 6.74
C TRP C 344 12.20 14.45 5.89
N VAL C 345 11.42 15.33 6.54
CA VAL C 345 10.54 16.27 5.83
C VAL C 345 11.39 17.45 5.30
N GLU C 346 11.77 17.39 4.02
CA GLU C 346 12.73 18.35 3.43
C GLU C 346 12.22 19.76 3.17
N GLY C 347 10.92 19.99 3.35
CA GLY C 347 10.33 21.31 3.23
C GLY C 347 10.68 22.18 4.41
N ARG C 354 14.36 18.61 9.63
CA ARG C 354 14.06 18.75 11.06
C ARG C 354 13.01 17.77 11.59
N LYS C 355 11.87 17.65 10.89
CA LYS C 355 10.84 16.65 11.26
C LYS C 355 11.04 15.36 10.51
N ILE C 356 10.53 14.27 11.07
CA ILE C 356 10.61 12.95 10.46
C ILE C 356 9.20 12.44 10.19
N TYR C 357 8.98 11.84 9.02
CA TYR C 357 7.75 11.12 8.73
C TYR C 357 8.04 9.62 8.80
N CYS C 358 7.35 8.93 9.72
CA CYS C 358 7.52 7.51 9.92
C CYS C 358 6.22 6.74 9.62
N GLN C 359 6.22 6.09 8.45
CA GLN C 359 5.05 5.37 7.96
C GLN C 359 4.62 4.27 8.95
N ILE C 360 5.61 3.53 9.45
CA ILE C 360 5.33 2.39 10.30
C ILE C 360 4.55 2.76 11.57
N THR C 361 5.03 3.79 12.29
CA THR C 361 4.39 4.22 13.52
C THR C 361 3.04 4.90 13.23
N GLN C 362 2.94 5.58 12.07
CA GLN C 362 1.65 6.14 11.65
C GLN C 362 0.58 5.08 11.45
N HIS C 363 0.91 4.00 10.75
CA HIS C 363 -0.01 2.88 10.56
C HIS C 363 -0.46 2.28 11.91
N LEU C 364 0.51 2.09 12.82
CA LEU C 364 0.19 1.50 14.13
C LEU C 364 -0.82 2.36 14.88
N LEU C 365 -0.61 3.68 14.86
CA LEU C 365 -1.56 4.62 15.52
C LEU C 365 -2.94 4.47 14.87
N GLN C 366 -3.00 4.52 13.53
CA GLN C 366 -4.31 4.43 12.81
C GLN C 366 -5.01 3.14 13.20
N ASN C 367 -4.32 1.99 13.11
CA ASN C 367 -4.95 0.72 13.40
C ASN C 367 -5.43 0.60 14.85
N HIS C 368 -4.65 1.16 15.78
CA HIS C 368 -5.04 1.15 17.19
C HIS C 368 -6.35 1.95 17.37
N LYS C 369 -6.37 3.14 16.78
CA LYS C 369 -7.57 3.98 16.78
C LYS C 369 -8.78 3.27 16.18
N MET C 370 -8.56 2.57 15.07
CA MET C 370 -9.63 1.81 14.39
C MET C 370 -10.27 0.79 15.34
N TRP C 371 -9.44 0.00 16.02
CA TRP C 371 -9.97 -1.05 16.90
C TRP C 371 -10.69 -0.44 18.10
N LYS C 372 -10.17 0.68 18.61
CA LYS C 372 -10.79 1.39 19.73
C LYS C 372 -12.18 1.86 19.38
N LYS C 373 -12.33 2.34 18.15
CA LYS C 373 -13.62 2.82 17.64
C LYS C 373 -14.61 1.67 17.46
N VAL C 374 -14.14 0.51 17.00
CA VAL C 374 -14.98 -0.69 16.92
C VAL C 374 -15.48 -1.04 18.32
N ILE C 375 -14.57 -1.08 19.29
CA ILE C 375 -14.91 -1.39 20.68
C ILE C 375 -15.95 -0.41 21.23
N GLU C 376 -15.77 0.89 20.95
CA GLU C 376 -16.71 1.93 21.39
C GLU C 376 -18.15 1.68 20.89
N GLU C 377 -18.28 1.22 19.64
CA GLU C 377 -19.59 0.99 19.04
C GLU C 377 -20.18 -0.35 19.51
N GLU C 378 -19.30 -1.33 19.80
CA GLU C 378 -19.70 -2.60 20.44
C GLU C 378 -20.20 -2.36 21.85
N LYS D 2 5.75 -55.34 27.46
CA LYS D 2 6.69 -54.20 27.29
C LYS D 2 7.12 -53.56 28.63
N PRO D 3 6.27 -53.27 29.66
CA PRO D 3 6.78 -52.50 30.80
C PRO D 3 7.83 -53.22 31.65
N ILE D 4 8.86 -52.47 32.07
CA ILE D 4 9.80 -52.93 33.07
C ILE D 4 9.05 -52.82 34.38
N LEU D 5 8.95 -53.93 35.11
CA LEU D 5 8.28 -53.98 36.41
C LEU D 5 9.32 -54.26 37.50
N ALA D 6 9.03 -53.79 38.73
CA ALA D 6 9.91 -53.96 39.88
C ALA D 6 10.03 -55.44 40.22
N PRO D 7 11.23 -56.01 40.56
CA PRO D 7 11.30 -57.43 40.97
C PRO D 7 10.30 -57.81 42.08
N GLU D 8 9.73 -59.01 42.01
CA GLU D 8 8.70 -59.48 42.99
C GLU D 8 9.00 -59.03 44.43
N PRO D 9 10.16 -59.31 45.07
CA PRO D 9 10.44 -58.78 46.42
C PRO D 9 10.66 -57.28 46.33
N LEU D 10 9.59 -56.47 46.41
CA LEU D 10 9.70 -55.00 46.24
C LEU D 10 10.86 -54.48 47.11
N VAL D 11 10.88 -54.82 48.40
CA VAL D 11 11.91 -54.33 49.29
C VAL D 11 12.86 -55.47 49.60
N MET D 12 14.16 -55.28 49.31
CA MET D 12 15.18 -56.28 49.67
C MET D 12 15.45 -56.20 51.17
N ASP D 13 15.26 -57.29 51.92
CA ASP D 13 15.29 -57.26 53.38
C ASP D 13 16.71 -57.34 53.97
N ASN D 14 17.67 -57.76 53.14
CA ASN D 14 19.04 -58.04 53.57
C ASN D 14 19.96 -56.80 53.59
N LEU D 15 19.39 -55.61 53.35
CA LEU D 15 20.16 -54.38 53.26
C LEU D 15 20.10 -53.52 54.54
N ASP D 16 19.40 -54.01 55.57
CA ASP D 16 19.05 -53.21 56.75
C ASP D 16 20.24 -52.58 57.48
N SER D 17 21.32 -53.35 57.69
CA SER D 17 22.46 -52.87 58.50
C SER D 17 23.24 -51.78 57.75
N ILE D 18 23.31 -51.88 56.42
CA ILE D 18 23.97 -50.85 55.64
C ILE D 18 23.04 -49.64 55.47
N MET D 19 21.72 -49.85 55.31
CA MET D 19 20.77 -48.74 55.19
C MET D 19 20.66 -47.91 56.46
N GLU D 20 20.89 -48.51 57.62
CA GLU D 20 21.01 -47.81 58.88
C GLU D 20 22.07 -46.69 58.89
N GLN D 21 23.06 -46.81 58.00
CA GLN D 21 24.12 -45.80 57.84
C GLN D 21 23.78 -44.66 56.88
N LEU D 22 22.56 -44.64 56.34
CA LEU D 22 22.18 -43.58 55.41
C LEU D 22 22.32 -42.19 56.02
N ASN D 23 22.13 -42.08 57.34
CA ASN D 23 22.20 -40.76 57.98
C ASN D 23 23.63 -40.33 58.32
N THR D 24 24.60 -40.75 57.52
CA THR D 24 25.99 -40.30 57.62
C THR D 24 26.35 -39.70 56.28
N TRP D 25 27.21 -38.69 56.30
CA TRP D 25 27.62 -38.01 55.07
C TRP D 25 28.44 -38.95 54.19
N ASN D 26 29.45 -39.59 54.78
CA ASN D 26 30.24 -40.59 54.03
C ASN D 26 29.59 -41.98 54.01
N PHE D 27 28.35 -42.03 53.56
CA PHE D 27 27.63 -43.30 53.42
C PHE D 27 28.46 -44.23 52.54
N PRO D 28 28.69 -45.49 52.94
CA PRO D 28 29.53 -46.41 52.17
C PRO D 28 28.75 -47.00 50.98
N ILE D 29 28.53 -46.15 49.98
CA ILE D 29 27.75 -46.50 48.83
C ILE D 29 28.38 -47.63 48.02
N PHE D 30 29.71 -47.70 47.96
CA PHE D 30 30.36 -48.76 47.19
C PHE D 30 30.31 -50.11 47.86
N ASP D 31 30.26 -50.13 49.20
CA ASP D 31 29.95 -51.34 49.97
C ASP D 31 28.52 -51.82 49.67
N LEU D 32 27.56 -50.88 49.58
CA LEU D 32 26.18 -51.21 49.20
C LEU D 32 26.15 -51.85 47.82
N VAL D 33 26.92 -51.28 46.87
CA VAL D 33 27.04 -51.84 45.52
C VAL D 33 27.54 -53.28 45.55
N GLU D 34 28.57 -53.55 46.34
CA GLU D 34 29.14 -54.88 46.40
C GLU D 34 28.18 -55.87 47.06
N ASN D 35 27.42 -55.39 48.04
CA ASN D 35 26.47 -56.21 48.79
C ASN D 35 25.25 -56.58 47.91
N ILE D 36 24.78 -55.62 47.12
CA ILE D 36 23.62 -55.84 46.24
C ILE D 36 24.04 -56.55 44.94
N GLY D 37 25.30 -56.35 44.49
CA GLY D 37 25.81 -56.87 43.25
C GLY D 37 26.02 -55.75 42.23
N ARG D 38 27.20 -55.77 41.59
CA ARG D 38 27.68 -54.67 40.76
C ARG D 38 26.82 -54.26 39.55
N LYS D 39 26.03 -55.17 38.96
CA LYS D 39 25.10 -54.84 37.88
C LYS D 39 23.64 -55.26 38.19
N CYS D 40 23.32 -55.25 39.50
CA CYS D 40 22.05 -55.76 40.00
C CYS D 40 20.87 -54.99 39.40
N GLY D 41 21.09 -53.71 39.15
CA GLY D 41 20.09 -52.77 38.69
C GLY D 41 18.97 -52.51 39.69
N ARG D 42 19.30 -52.43 40.98
CA ARG D 42 18.30 -52.19 42.02
C ARG D 42 18.64 -51.11 43.04
N ILE D 43 19.87 -50.60 42.98
CA ILE D 43 20.37 -49.73 44.06
C ILE D 43 19.54 -48.45 44.20
N LEU D 44 19.15 -47.85 43.06
CA LEU D 44 18.44 -46.58 43.10
C LEU D 44 17.02 -46.76 43.65
N SER D 45 16.32 -47.80 43.20
CA SER D 45 14.98 -48.06 43.70
C SER D 45 14.98 -48.42 45.19
N GLN D 46 15.98 -49.20 45.63
CA GLN D 46 16.04 -49.61 47.03
C GLN D 46 16.32 -48.45 47.98
N VAL D 47 17.28 -47.60 47.61
CA VAL D 47 17.58 -46.40 48.40
C VAL D 47 16.38 -45.43 48.37
N SER D 48 15.79 -45.22 47.19
CA SER D 48 14.63 -44.33 47.05
C SER D 48 13.50 -44.74 47.97
N TYR D 49 13.19 -46.03 48.02
CA TYR D 49 12.19 -46.55 48.95
C TYR D 49 12.50 -46.17 50.40
N ARG D 50 13.73 -46.41 50.84
CA ARG D 50 14.11 -46.14 52.22
C ARG D 50 13.98 -44.68 52.59
N LEU D 51 14.39 -43.79 51.67
CA LEU D 51 14.35 -42.38 51.95
C LEU D 51 12.93 -41.83 51.94
N PHE D 52 12.09 -42.30 51.01
CA PHE D 52 10.66 -41.93 50.99
C PHE D 52 9.96 -42.42 52.25
N GLU D 53 10.28 -43.62 52.69
CA GLU D 53 9.73 -44.17 53.93
C GLU D 53 10.19 -43.33 55.12
N ASP D 54 11.49 -43.02 55.17
CA ASP D 54 12.05 -42.22 56.25
C ASP D 54 11.34 -40.87 56.40
N MET D 55 10.92 -40.29 55.26
CA MET D 55 10.26 -38.98 55.24
C MET D 55 8.75 -39.05 55.35
N GLY D 56 8.18 -40.26 55.38
CA GLY D 56 6.75 -40.45 55.43
C GLY D 56 6.04 -39.94 54.18
N LEU D 57 6.74 -39.96 53.05
CA LEU D 57 6.23 -39.43 51.79
C LEU D 57 5.17 -40.35 51.19
N PHE D 58 5.25 -41.67 51.45
CA PHE D 58 4.23 -42.59 50.94
C PHE D 58 2.86 -42.24 51.51
N GLU D 59 2.81 -41.97 52.82
CA GLU D 59 1.57 -41.59 53.49
C GLU D 59 1.14 -40.19 53.09
N ALA D 60 2.08 -39.24 53.10
CA ALA D 60 1.80 -37.84 52.79
C ALA D 60 1.08 -37.66 51.45
N PHE D 61 1.49 -38.43 50.42
CA PHE D 61 0.90 -38.29 49.09
C PHE D 61 0.18 -39.55 48.60
N LYS D 62 -0.13 -40.45 49.54
CA LYS D 62 -0.85 -41.69 49.25
C LYS D 62 -0.26 -42.38 48.04
N ILE D 63 1.06 -42.53 48.04
CA ILE D 63 1.81 -43.09 46.94
C ILE D 63 1.69 -44.62 47.00
N PRO D 64 1.18 -45.28 45.93
CA PRO D 64 1.16 -46.75 45.91
C PRO D 64 2.57 -47.27 45.68
N ILE D 65 3.01 -48.18 46.56
CA ILE D 65 4.41 -48.60 46.59
C ILE D 65 4.80 -49.40 45.33
N ARG D 66 3.88 -50.21 44.83
CA ARG D 66 4.13 -51.01 43.64
C ARG D 66 4.50 -50.10 42.44
N GLU D 67 3.68 -49.08 42.17
CA GLU D 67 3.89 -48.20 41.05
C GLU D 67 5.17 -47.35 41.24
N PHE D 68 5.43 -46.92 42.48
CA PHE D 68 6.65 -46.25 42.84
C PHE D 68 7.86 -47.13 42.46
N MET D 69 7.87 -48.39 42.92
CA MET D 69 8.98 -49.28 42.65
C MET D 69 9.09 -49.62 41.16
N ASN D 70 7.96 -49.79 40.48
CA ASN D 70 7.98 -50.01 39.06
C ASN D 70 8.71 -48.84 38.36
N TYR D 71 8.30 -47.62 38.68
CA TYR D 71 8.87 -46.46 38.01
C TYR D 71 10.37 -46.33 38.31
N PHE D 72 10.74 -46.40 39.58
CA PHE D 72 12.13 -46.21 39.95
C PHE D 72 13.04 -47.33 39.40
N HIS D 73 12.49 -48.54 39.26
CA HIS D 73 13.23 -49.61 38.62
C HIS D 73 13.41 -49.38 37.12
N ALA D 74 12.34 -48.99 36.44
CA ALA D 74 12.44 -48.60 35.02
C ALA D 74 13.49 -47.49 34.82
N LEU D 75 13.47 -46.52 35.74
CA LEU D 75 14.36 -45.38 35.70
C LEU D 75 15.80 -45.86 35.87
N GLU D 76 16.04 -46.68 36.89
CA GLU D 76 17.41 -47.13 37.13
C GLU D 76 17.96 -47.98 36.02
N ILE D 77 17.10 -48.77 35.38
CA ILE D 77 17.48 -49.63 34.25
C ILE D 77 17.94 -48.81 33.06
N GLY D 78 17.37 -47.61 32.90
CA GLY D 78 17.70 -46.69 31.81
C GLY D 78 18.93 -45.85 32.01
N TYR D 79 19.56 -45.95 33.19
CA TYR D 79 20.92 -45.45 33.38
C TYR D 79 21.84 -46.49 32.73
N ARG D 80 22.76 -46.02 31.89
CA ARG D 80 23.67 -46.88 31.14
C ARG D 80 24.80 -47.43 32.01
N ASP D 81 25.43 -48.50 31.53
CA ASP D 81 26.58 -49.12 32.21
C ASP D 81 27.84 -48.36 31.79
N ILE D 82 27.97 -47.13 32.25
CA ILE D 82 29.10 -46.27 31.97
C ILE D 82 29.81 -45.96 33.29
N PRO D 83 31.09 -45.53 33.28
CA PRO D 83 31.87 -45.46 34.52
C PRO D 83 31.47 -44.46 35.60
N TYR D 84 30.82 -43.35 35.23
CA TYR D 84 30.40 -42.33 36.21
C TYR D 84 28.90 -42.04 36.25
N HIS D 85 28.33 -41.62 35.10
CA HIS D 85 26.93 -41.16 35.11
C HIS D 85 25.97 -42.33 34.98
N ASN D 86 26.00 -43.19 36.02
CA ASN D 86 25.26 -44.43 36.10
C ASN D 86 24.33 -44.34 37.31
N ARG D 87 23.59 -45.43 37.58
CA ARG D 87 22.55 -45.39 38.60
C ARG D 87 23.16 -45.26 40.01
N ILE D 88 24.45 -45.60 40.16
CA ILE D 88 25.13 -45.42 41.43
C ILE D 88 25.35 -43.93 41.75
N HIS D 89 25.78 -43.16 40.75
CA HIS D 89 25.85 -41.69 40.89
C HIS D 89 24.49 -41.09 41.19
N ALA D 90 23.44 -41.55 40.50
CA ALA D 90 22.09 -41.04 40.77
C ALA D 90 21.70 -41.27 42.25
N THR D 91 21.98 -42.48 42.74
CA THR D 91 21.72 -42.85 44.12
C THR D 91 22.51 -41.95 45.07
N ASP D 92 23.79 -41.69 44.75
CA ASP D 92 24.65 -40.82 45.53
C ASP D 92 24.09 -39.38 45.64
N VAL D 93 23.61 -38.85 44.51
CA VAL D 93 23.04 -37.52 44.46
C VAL D 93 21.74 -37.44 45.26
N LEU D 94 20.89 -38.47 45.16
CA LEU D 94 19.67 -38.54 45.96
C LEU D 94 20.00 -38.58 47.46
N HIS D 95 20.95 -39.42 47.84
CA HIS D 95 21.36 -39.47 49.24
C HIS D 95 21.84 -38.10 49.74
N ALA D 96 22.63 -37.40 48.93
CA ALA D 96 23.17 -36.11 49.29
C ALA D 96 22.06 -35.06 49.45
N VAL D 97 21.10 -35.01 48.52
CA VAL D 97 19.99 -34.04 48.68
C VAL D 97 19.14 -34.34 49.90
N TRP D 98 18.92 -35.63 50.18
CA TRP D 98 18.20 -36.03 51.37
C TRP D 98 18.99 -35.61 52.63
N TYR D 99 20.30 -35.86 52.63
CA TYR D 99 21.13 -35.54 53.77
C TYR D 99 21.11 -34.04 54.03
N LEU D 100 21.29 -33.24 52.97
CA LEU D 100 21.32 -31.80 53.11
C LEU D 100 20.01 -31.22 53.61
N THR D 101 18.88 -31.87 53.26
CA THR D 101 17.56 -31.35 53.63
C THR D 101 16.97 -31.89 54.93
N THR D 102 17.62 -32.91 55.53
CA THR D 102 17.09 -33.56 56.71
C THR D 102 17.99 -33.46 57.95
N GLN D 103 19.29 -33.23 57.75
CA GLN D 103 20.23 -33.32 58.84
C GLN D 103 20.38 -31.98 59.58
N PRO D 104 20.78 -31.98 60.86
CA PRO D 104 20.81 -30.75 61.64
C PRO D 104 21.74 -29.69 61.08
N ILE D 105 21.22 -28.46 61.01
CA ILE D 105 21.93 -27.28 60.61
C ILE D 105 21.98 -26.32 61.80
N PRO D 106 23.17 -25.98 62.33
CA PRO D 106 23.24 -25.12 63.52
C PRO D 106 22.71 -23.70 63.25
N GLY D 107 21.79 -23.27 64.11
CA GLY D 107 21.25 -21.91 64.09
C GLY D 107 20.21 -21.62 63.03
N LEU D 108 19.76 -22.65 62.31
CA LEU D 108 18.71 -22.47 61.32
C LEU D 108 17.39 -22.39 62.03
N SER D 109 16.62 -21.32 61.75
CA SER D 109 15.30 -21.12 62.32
C SER D 109 14.28 -21.91 61.51
N THR D 110 13.32 -22.50 62.22
CA THR D 110 12.23 -23.25 61.61
C THR D 110 11.08 -22.28 61.36
N VAL D 111 10.46 -22.38 60.18
CA VAL D 111 9.36 -21.48 59.85
C VAL D 111 8.15 -21.79 60.72
N ILE D 112 7.46 -20.73 61.16
CA ILE D 112 6.19 -20.91 61.84
C ILE D 112 5.29 -21.72 60.87
N GLY D 113 4.75 -22.85 61.36
CA GLY D 113 3.98 -23.77 60.55
C GLY D 113 4.76 -24.93 59.94
N GLY D 114 6.07 -24.99 60.22
CA GLY D 114 7.01 -25.94 59.62
C GLY D 114 6.82 -27.44 59.90
N SER D 115 5.98 -27.74 60.90
CA SER D 115 5.62 -29.11 61.33
C SER D 115 4.13 -29.45 61.07
N GLY D 116 3.46 -28.57 60.31
CA GLY D 116 2.06 -28.76 59.95
C GLY D 116 1.91 -29.79 58.84
N GLY D 117 0.67 -30.01 58.41
CA GLY D 117 0.31 -31.00 57.40
C GLY D 117 1.02 -30.92 56.06
N SER D 118 1.54 -29.74 55.71
CA SER D 118 2.24 -29.53 54.47
C SER D 118 3.73 -29.92 54.50
N TYR D 119 4.25 -30.22 55.69
CA TYR D 119 5.66 -30.50 55.90
C TYR D 119 5.88 -31.91 56.42
N VAL D 120 7.02 -32.51 56.04
CA VAL D 120 7.45 -33.80 56.54
C VAL D 120 8.79 -33.65 57.26
N PHE D 121 9.15 -34.68 58.03
CA PHE D 121 10.36 -34.73 58.86
C PHE D 121 10.98 -36.12 58.76
N SER D 122 12.32 -36.19 58.74
CA SER D 122 13.03 -37.47 58.78
C SER D 122 12.84 -38.11 60.15
N LYS D 123 12.63 -39.43 60.15
CA LYS D 123 12.69 -40.21 61.38
C LYS D 123 14.07 -40.16 62.06
N THR D 124 15.10 -39.80 61.29
CA THR D 124 16.49 -39.70 61.80
C THR D 124 16.76 -38.39 62.54
N TYR D 125 15.81 -37.44 62.47
CA TYR D 125 15.97 -36.09 62.99
C TYR D 125 15.41 -36.12 64.41
N ASN D 126 16.31 -36.42 65.35
CA ASN D 126 15.98 -36.73 66.76
C ASN D 126 16.47 -35.60 67.67
N VAL D 127 17.12 -34.61 67.07
CA VAL D 127 17.51 -33.34 67.71
C VAL D 127 16.30 -32.67 68.36
N THR D 128 16.35 -32.53 69.69
CA THR D 128 15.36 -31.78 70.45
C THR D 128 15.86 -30.36 70.71
N ASP D 129 17.12 -30.08 70.30
CA ASP D 129 17.84 -28.86 70.67
C ASP D 129 17.45 -27.71 69.74
N ASP D 130 16.80 -26.68 70.31
CA ASP D 130 16.32 -25.53 69.54
C ASP D 130 17.45 -24.79 68.80
N LYS D 131 18.72 -25.17 69.06
CA LYS D 131 19.87 -24.57 68.41
C LYS D 131 20.21 -25.20 67.03
N TYR D 132 19.38 -26.15 66.58
CA TYR D 132 19.47 -26.71 65.24
C TYR D 132 18.13 -26.64 64.55
N GLY D 133 18.17 -26.59 63.22
CA GLY D 133 17.03 -26.85 62.37
C GLY D 133 17.42 -27.76 61.22
N CYS D 134 16.44 -28.05 60.35
CA CYS D 134 16.71 -28.75 59.08
C CYS D 134 15.84 -28.13 58.01
N LEU D 135 16.24 -28.30 56.76
CA LEU D 135 15.51 -27.72 55.63
C LEU D 135 14.10 -28.29 55.50
N SER D 136 13.87 -29.53 55.95
CA SER D 136 12.54 -30.14 55.88
C SER D 136 11.50 -29.44 56.81
N GLY D 137 12.01 -28.65 57.76
CA GLY D 137 11.22 -27.77 58.59
C GLY D 137 10.84 -26.46 57.90
N ASN D 138 11.45 -26.18 56.74
CA ASN D 138 11.27 -24.93 56.02
C ASN D 138 10.75 -25.07 54.60
N ILE D 139 10.83 -26.27 54.04
CA ILE D 139 10.50 -26.51 52.63
C ILE D 139 9.37 -27.53 52.60
N PRO D 140 8.18 -27.16 52.08
CA PRO D 140 7.04 -28.07 52.01
C PRO D 140 7.38 -29.43 51.39
N ALA D 141 6.67 -30.45 51.86
CA ALA D 141 6.81 -31.81 51.41
C ALA D 141 6.75 -31.97 49.89
N LEU D 142 5.84 -31.25 49.21
CA LEU D 142 5.72 -31.37 47.77
C LEU D 142 7.02 -30.94 47.06
N GLU D 143 7.64 -29.86 47.56
CA GLU D 143 8.84 -29.31 46.99
C GLU D 143 10.04 -30.19 47.31
N LEU D 144 10.08 -30.75 48.51
CA LEU D 144 11.11 -31.70 48.87
C LEU D 144 11.02 -32.94 47.98
N MET D 145 9.80 -33.46 47.81
CA MET D 145 9.61 -34.66 46.99
C MET D 145 10.08 -34.40 45.56
N ALA D 146 9.78 -33.20 45.03
CA ALA D 146 10.25 -32.82 43.70
C ALA D 146 11.78 -32.85 43.59
N LEU D 147 12.44 -32.32 44.63
CA LEU D 147 13.89 -32.33 44.67
C LEU D 147 14.44 -33.76 44.66
N TYR D 148 13.83 -34.66 45.46
CA TYR D 148 14.27 -36.05 45.55
C TYR D 148 14.08 -36.79 44.22
N VAL D 149 12.89 -36.62 43.61
CA VAL D 149 12.61 -37.24 42.33
C VAL D 149 13.58 -36.69 41.25
N ALA D 150 13.83 -35.37 41.29
CA ALA D 150 14.79 -34.76 40.39
C ALA D 150 16.15 -35.38 40.49
N ALA D 151 16.61 -35.58 41.72
CA ALA D 151 17.91 -36.19 41.93
C ALA D 151 17.96 -37.59 41.32
N ALA D 152 16.91 -38.39 41.51
CA ALA D 152 16.87 -39.74 40.95
C ALA D 152 16.91 -39.73 39.42
N MET D 153 16.26 -38.75 38.80
CA MET D 153 16.16 -38.75 37.31
C MET D 153 17.22 -37.87 36.65
N HIS D 154 18.12 -37.26 37.39
CA HIS D 154 18.81 -36.07 36.83
C HIS D 154 19.88 -36.38 35.77
N ASP D 155 20.31 -37.65 35.66
CA ASP D 155 21.33 -38.06 34.65
C ASP D 155 20.81 -39.25 33.85
N TYR D 156 19.48 -39.44 33.77
CA TYR D 156 18.86 -40.54 33.10
C TYR D 156 19.31 -40.65 31.65
N ASP D 157 19.75 -41.84 31.25
CA ASP D 157 20.16 -42.13 29.89
C ASP D 157 21.34 -41.25 29.40
N HIS D 158 22.25 -40.91 30.32
CA HIS D 158 23.46 -40.21 30.00
C HIS D 158 24.32 -41.09 29.08
N PRO D 159 24.82 -40.57 27.95
CA PRO D 159 25.62 -41.34 27.01
C PRO D 159 27.13 -41.42 27.31
N GLY D 160 27.58 -40.79 28.39
CA GLY D 160 28.99 -40.78 28.72
C GLY D 160 29.86 -39.84 27.89
N ARG D 161 29.21 -38.79 27.34
CA ARG D 161 29.87 -37.72 26.62
C ARG D 161 29.33 -36.41 27.21
N THR D 162 30.17 -35.36 27.19
CA THR D 162 29.78 -34.03 27.67
C THR D 162 28.89 -33.29 26.67
N ASN D 163 28.19 -32.27 27.16
CA ASN D 163 27.44 -31.35 26.28
C ASN D 163 28.34 -30.81 25.16
N ALA D 164 29.56 -30.40 25.54
CA ALA D 164 30.48 -29.81 24.55
C ALA D 164 30.80 -30.77 23.41
N PHE D 165 31.00 -32.06 23.73
CA PHE D 165 31.24 -33.08 22.71
C PHE D 165 30.02 -33.27 21.79
N LEU D 166 28.83 -33.33 22.38
CA LEU D 166 27.59 -33.49 21.62
C LEU D 166 27.42 -32.32 20.64
N VAL D 167 27.70 -31.12 21.12
CA VAL D 167 27.58 -29.89 20.32
C VAL D 167 28.63 -29.87 19.22
N ALA D 168 29.90 -30.17 19.58
CA ALA D 168 30.98 -30.13 18.59
C ALA D 168 30.81 -31.14 17.48
N THR D 169 30.17 -32.28 17.76
CA THR D 169 29.96 -33.34 16.78
C THR D 169 28.61 -33.27 16.08
N SER D 170 27.82 -32.24 16.36
CA SER D 170 26.46 -32.10 15.83
C SER D 170 25.64 -33.35 16.06
N ALA D 171 25.72 -33.90 17.27
CA ALA D 171 24.98 -35.10 17.60
C ALA D 171 23.48 -34.84 17.49
N PRO D 172 22.66 -35.84 17.12
CA PRO D 172 21.21 -35.66 17.05
C PRO D 172 20.60 -34.97 18.27
N GLN D 173 21.05 -35.31 19.47
CA GLN D 173 20.51 -34.66 20.67
C GLN D 173 20.83 -33.17 20.74
N ALA D 174 22.03 -32.79 20.27
CA ALA D 174 22.42 -31.38 20.25
C ALA D 174 21.59 -30.61 19.25
N VAL D 175 21.33 -31.22 18.08
CA VAL D 175 20.45 -30.60 17.08
C VAL D 175 19.03 -30.49 17.64
N LEU D 176 18.55 -31.54 18.30
CA LEU D 176 17.20 -31.55 18.87
C LEU D 176 16.97 -30.43 19.90
N TYR D 177 17.99 -30.16 20.72
CA TYR D 177 17.90 -29.16 21.79
C TYR D 177 18.58 -27.82 21.48
N ASN D 178 18.93 -27.61 20.20
CA ASN D 178 19.49 -26.33 19.73
C ASN D 178 20.74 -25.93 20.57
N ASP D 179 21.53 -26.95 20.91
CA ASP D 179 22.81 -26.79 21.64
C ASP D 179 22.67 -26.31 23.11
N ARG D 180 21.43 -26.21 23.62
CA ARG D 180 21.16 -25.61 24.92
C ARG D 180 20.86 -26.69 25.94
N SER D 181 21.68 -26.75 26.99
CA SER D 181 21.54 -27.74 28.07
C SER D 181 21.13 -29.10 27.49
N VAL D 182 21.92 -29.60 26.53
CA VAL D 182 21.54 -30.74 25.72
C VAL D 182 21.23 -31.98 26.55
N LEU D 183 22.21 -32.37 27.37
CA LEU D 183 22.03 -33.56 28.20
C LEU D 183 20.89 -33.37 29.24
N GLU D 184 20.88 -32.23 29.93
CA GLU D 184 19.94 -31.98 31.00
C GLU D 184 18.50 -31.93 30.51
N ASN D 185 18.29 -31.27 29.36
CA ASN D 185 16.99 -31.35 28.74
C ASN D 185 16.56 -32.80 28.49
N HIS D 186 17.48 -33.61 27.94
CA HIS D 186 17.20 -35.00 27.64
C HIS D 186 16.88 -35.81 28.90
N HIS D 187 17.69 -35.66 29.97
CA HIS D 187 17.43 -36.39 31.21
C HIS D 187 16.00 -36.15 31.68
N ALA D 188 15.60 -34.89 31.75
CA ALA D 188 14.25 -34.52 32.20
C ALA D 188 13.17 -35.05 31.27
N ALA D 189 13.36 -34.84 29.97
CA ALA D 189 12.35 -35.19 29.00
C ALA D 189 12.17 -36.70 28.87
N ALA D 190 13.31 -37.42 28.86
CA ALA D 190 13.23 -38.87 28.74
C ALA D 190 12.71 -39.52 30.03
N ALA D 191 13.09 -38.97 31.19
CA ALA D 191 12.54 -39.50 32.46
C ALA D 191 11.03 -39.27 32.56
N TRP D 192 10.57 -38.09 32.12
CA TRP D 192 9.12 -37.78 32.15
C TRP D 192 8.34 -38.59 31.12
N ASN D 193 8.89 -38.75 29.92
CA ASN D 193 8.30 -39.61 28.92
C ASN D 193 8.11 -41.04 29.42
N LEU D 194 9.15 -41.55 30.05
CA LEU D 194 9.13 -42.87 30.69
C LEU D 194 7.97 -42.96 31.67
N PHE D 195 7.89 -41.97 32.57
CA PHE D 195 6.84 -41.92 33.59
C PHE D 195 5.45 -41.97 32.97
N MET D 196 5.24 -41.18 31.92
CA MET D 196 3.93 -41.07 31.30
C MET D 196 3.56 -42.27 30.43
N SER D 197 4.55 -43.10 30.07
CA SER D 197 4.36 -44.16 29.10
C SER D 197 3.46 -45.32 29.57
N ARG D 198 3.40 -45.56 30.88
CA ARG D 198 2.70 -46.73 31.42
C ARG D 198 1.91 -46.37 32.67
N PRO D 199 0.64 -46.85 32.80
CA PRO D 199 -0.10 -46.68 34.05
C PRO D 199 0.58 -47.38 35.25
N GLU D 200 1.35 -48.43 34.97
CA GLU D 200 2.11 -49.14 36.00
C GLU D 200 3.17 -48.30 36.71
N TYR D 201 3.49 -47.12 36.15
CA TYR D 201 4.47 -46.20 36.73
C TYR D 201 3.84 -45.01 37.50
N ASN D 202 2.51 -44.90 37.51
CA ASN D 202 1.85 -43.70 38.03
C ASN D 202 1.78 -43.67 39.57
N PHE D 203 2.92 -43.38 40.20
CA PHE D 203 3.01 -43.28 41.64
C PHE D 203 2.48 -41.93 42.17
N LEU D 204 2.21 -40.98 41.26
CA LEU D 204 1.70 -39.66 41.63
C LEU D 204 0.19 -39.53 41.39
N ILE D 205 -0.50 -40.67 41.28
CA ILE D 205 -1.92 -40.73 40.97
C ILE D 205 -2.81 -39.94 41.95
N ASN D 206 -2.39 -39.81 43.21
CA ASN D 206 -3.17 -39.07 44.20
C ASN D 206 -2.82 -37.59 44.39
N LEU D 207 -1.92 -37.06 43.55
CA LEU D 207 -1.77 -35.61 43.42
C LEU D 207 -2.95 -35.13 42.58
N ASP D 208 -3.51 -33.97 42.96
CA ASP D 208 -4.49 -33.31 42.10
C ASP D 208 -3.78 -32.66 40.90
N HIS D 209 -4.57 -32.18 39.94
CA HIS D 209 -4.02 -31.63 38.70
C HIS D 209 -3.08 -30.44 38.93
N VAL D 210 -3.45 -29.53 39.82
CA VAL D 210 -2.64 -28.35 40.15
C VAL D 210 -1.30 -28.79 40.75
N GLU D 211 -1.37 -29.70 41.74
CA GLU D 211 -0.20 -30.26 42.37
C GLU D 211 0.74 -30.93 41.39
N PHE D 212 0.17 -31.76 40.49
CA PHE D 212 0.97 -32.49 39.52
C PHE D 212 1.73 -31.51 38.61
N LYS D 213 1.03 -30.49 38.11
CA LYS D 213 1.66 -29.57 37.19
C LYS D 213 2.76 -28.79 37.86
N HIS D 214 2.53 -28.41 39.13
CA HIS D 214 3.54 -27.70 39.89
C HIS D 214 4.72 -28.61 40.18
N PHE D 215 4.44 -29.84 40.61
CA PHE D 215 5.46 -30.84 40.84
C PHE D 215 6.38 -31.02 39.61
N ARG D 216 5.77 -31.20 38.43
CA ARG D 216 6.52 -31.37 37.18
C ARG D 216 7.46 -30.18 36.91
N PHE D 217 6.94 -28.95 37.08
CA PHE D 217 7.72 -27.74 36.94
C PHE D 217 8.94 -27.75 37.86
N LEU D 218 8.72 -28.08 39.13
CA LEU D 218 9.82 -28.11 40.13
C LEU D 218 10.88 -29.14 39.80
N VAL D 219 10.46 -30.32 39.35
CA VAL D 219 11.38 -31.36 38.93
C VAL D 219 12.25 -30.90 37.77
N ILE D 220 11.61 -30.31 36.77
CA ILE D 220 12.35 -29.83 35.60
C ILE D 220 13.34 -28.72 35.97
N GLU D 221 12.90 -27.77 36.79
CA GLU D 221 13.76 -26.67 37.22
C GLU D 221 14.99 -27.20 37.94
N ALA D 222 14.82 -28.26 38.75
CA ALA D 222 15.94 -28.81 39.47
C ALA D 222 16.91 -29.55 38.55
N ILE D 223 16.40 -30.37 37.62
CA ILE D 223 17.25 -31.13 36.73
C ILE D 223 18.05 -30.15 35.84
N LEU D 224 17.35 -29.15 35.30
CA LEU D 224 18.00 -28.20 34.43
C LEU D 224 19.09 -27.39 35.14
N ALA D 225 18.95 -27.20 36.46
CA ALA D 225 19.93 -26.47 37.29
C ALA D 225 21.27 -27.17 37.37
N THR D 226 21.31 -28.47 37.03
CA THR D 226 22.56 -29.21 37.05
C THR D 226 23.52 -28.95 35.90
N ASP D 227 23.12 -28.17 34.90
CA ASP D 227 24.02 -27.78 33.79
C ASP D 227 25.06 -26.78 34.29
N LEU D 228 26.33 -27.21 34.35
CA LEU D 228 27.39 -26.36 34.88
C LEU D 228 27.70 -25.11 34.07
N LYS D 229 27.23 -25.07 32.81
CA LYS D 229 27.31 -23.83 32.04
C LYS D 229 26.59 -22.67 32.77
N LYS D 230 25.58 -23.01 33.58
CA LYS D 230 24.79 -22.05 34.35
C LYS D 230 25.28 -21.85 35.80
N HIS D 231 26.39 -22.49 36.14
CA HIS D 231 26.86 -22.55 37.53
C HIS D 231 27.00 -21.19 38.18
N PHE D 232 27.74 -20.30 37.53
CA PHE D 232 28.04 -18.98 38.04
C PHE D 232 26.80 -18.10 38.11
N ASP D 233 25.86 -18.28 37.19
CA ASP D 233 24.57 -17.58 37.24
C ASP D 233 23.76 -17.95 38.48
N PHE D 234 23.70 -19.24 38.82
CA PHE D 234 22.97 -19.70 40.00
C PHE D 234 23.65 -19.18 41.27
N VAL D 235 24.98 -19.31 41.34
CA VAL D 235 25.72 -18.84 42.48
C VAL D 235 25.59 -17.34 42.67
N ALA D 236 25.69 -16.59 41.57
CA ALA D 236 25.55 -15.12 41.63
C ALA D 236 24.15 -14.74 42.12
N LYS D 237 23.13 -15.41 41.58
CA LYS D 237 21.76 -15.14 41.96
C LYS D 237 21.50 -15.43 43.44
N PHE D 238 22.02 -16.58 43.90
CA PHE D 238 21.86 -16.97 45.28
C PHE D 238 22.57 -16.00 46.24
N ASN D 239 23.83 -15.67 45.93
CA ASN D 239 24.62 -14.69 46.70
C ASN D 239 23.92 -13.34 46.75
N GLY D 240 23.27 -12.95 45.64
CA GLY D 240 22.45 -11.76 45.57
C GLY D 240 21.33 -11.79 46.61
N LYS D 241 20.57 -12.89 46.62
CA LYS D 241 19.42 -13.05 47.53
C LYS D 241 19.84 -13.10 49.00
N VAL D 242 20.97 -13.77 49.28
CA VAL D 242 21.50 -13.86 50.64
C VAL D 242 21.92 -12.50 51.17
N ASN D 243 22.53 -11.69 50.30
CA ASN D 243 23.16 -10.42 50.68
C ASN D 243 22.35 -9.14 50.39
N ASP D 244 21.06 -9.32 50.06
CA ASP D 244 20.08 -8.23 50.02
C ASP D 244 19.62 -7.89 51.46
N ASP D 245 20.22 -8.58 52.43
CA ASP D 245 20.24 -8.23 53.84
C ASP D 245 18.98 -8.52 54.66
N VAL D 246 17.87 -8.89 54.01
CA VAL D 246 16.80 -9.68 54.62
C VAL D 246 17.02 -11.20 54.49
N GLY D 247 17.82 -11.59 53.48
CA GLY D 247 18.21 -12.97 53.26
C GLY D 247 17.09 -13.83 52.68
N ILE D 248 17.22 -15.14 52.86
CA ILE D 248 16.22 -16.09 52.40
C ILE D 248 14.91 -15.90 53.14
N ASP D 249 13.81 -15.75 52.39
CA ASP D 249 12.45 -15.72 52.94
C ASP D 249 11.77 -17.07 52.69
N TRP D 250 11.65 -17.87 53.75
CA TRP D 250 11.11 -19.23 53.65
C TRP D 250 9.63 -19.32 53.26
N THR D 251 8.90 -18.20 53.38
CA THR D 251 7.51 -18.13 52.94
C THR D 251 7.39 -17.80 51.45
N ASN D 252 8.52 -17.49 50.80
CA ASN D 252 8.57 -17.12 49.38
C ASN D 252 8.93 -18.32 48.50
N GLU D 253 8.00 -18.70 47.61
CA GLU D 253 8.15 -19.86 46.74
C GLU D 253 9.40 -19.81 45.87
N ASN D 254 9.77 -18.61 45.42
CA ASN D 254 10.90 -18.43 44.52
C ASN D 254 12.23 -18.58 45.24
N ASP D 255 12.33 -18.04 46.46
CA ASP D 255 13.46 -18.28 47.34
C ASP D 255 13.64 -19.78 47.61
N ARG D 256 12.54 -20.47 47.93
CA ARG D 256 12.59 -21.91 48.19
C ARG D 256 13.09 -22.70 46.97
N LEU D 257 12.64 -22.32 45.77
CA LEU D 257 13.09 -22.98 44.56
C LEU D 257 14.62 -22.82 44.40
N LEU D 258 15.10 -21.60 44.62
CA LEU D 258 16.52 -21.32 44.48
C LEU D 258 17.33 -22.14 45.48
N VAL D 259 16.81 -22.27 46.70
CA VAL D 259 17.48 -23.12 47.72
C VAL D 259 17.53 -24.58 47.24
N CYS D 260 16.41 -25.09 46.71
CA CYS D 260 16.36 -26.45 46.19
C CYS D 260 17.37 -26.65 45.04
N GLN D 261 17.49 -25.65 44.16
CA GLN D 261 18.43 -25.72 43.06
C GLN D 261 19.89 -25.73 43.54
N MET D 262 20.19 -24.92 44.56
CA MET D 262 21.53 -24.90 45.13
C MET D 262 21.83 -26.25 45.77
N CYS D 263 20.82 -26.84 46.41
CA CYS D 263 20.91 -28.14 47.06
CA CYS D 263 20.92 -28.15 47.07
C CYS D 263 21.24 -29.27 46.08
N ILE D 264 20.49 -29.37 44.99
CA ILE D 264 20.75 -30.40 43.97
C ILE D 264 22.09 -30.15 43.30
N LYS D 265 22.45 -28.87 43.10
CA LYS D 265 23.75 -28.55 42.52
C LYS D 265 24.92 -29.07 43.41
N LEU D 266 24.83 -28.82 44.72
CA LEU D 266 25.85 -29.27 45.67
C LEU D 266 25.87 -30.80 45.72
N ALA D 267 24.68 -31.40 45.77
CA ALA D 267 24.54 -32.86 45.78
C ALA D 267 25.21 -33.49 44.57
N ASP D 268 25.01 -32.88 43.41
CA ASP D 268 25.58 -33.42 42.14
C ASP D 268 27.10 -33.46 42.23
N ILE D 269 27.73 -32.42 42.79
CA ILE D 269 29.19 -32.28 42.81
C ILE D 269 29.76 -32.49 44.20
N ASN D 270 29.12 -33.37 44.96
CA ASN D 270 29.47 -33.59 46.38
C ASN D 270 30.80 -34.30 46.57
N GLY D 271 31.24 -35.03 45.53
CA GLY D 271 32.40 -35.94 45.65
C GLY D 271 33.62 -35.37 46.37
N PRO D 272 34.14 -34.20 45.95
CA PRO D 272 35.31 -33.61 46.59
C PRO D 272 35.08 -33.19 48.05
N ALA D 273 33.80 -33.16 48.50
CA ALA D 273 33.47 -32.89 49.89
C ALA D 273 33.21 -34.14 50.73
N LYS D 274 33.54 -35.31 50.17
CA LYS D 274 33.46 -36.58 50.90
C LYS D 274 34.87 -36.93 51.43
N CYS D 275 34.94 -37.96 52.28
CA CYS D 275 36.22 -38.50 52.69
C CYS D 275 37.06 -38.89 51.47
N LYS D 276 38.38 -38.89 51.67
CA LYS D 276 39.33 -39.20 50.63
C LYS D 276 38.98 -40.49 49.85
N GLU D 277 38.69 -41.57 50.58
CA GLU D 277 38.45 -42.87 49.98
C GLU D 277 37.30 -42.80 48.95
N LEU D 278 36.19 -42.17 49.33
CA LEU D 278 35.05 -42.03 48.45
C LEU D 278 35.38 -41.13 47.27
N HIS D 279 35.97 -39.97 47.56
CA HIS D 279 36.33 -39.00 46.51
C HIS D 279 37.26 -39.63 45.45
N LEU D 280 38.26 -40.39 45.88
CA LEU D 280 39.19 -41.03 44.96
C LEU D 280 38.51 -42.09 44.08
N GLN D 281 37.54 -42.82 44.64
CA GLN D 281 36.79 -43.80 43.88
C GLN D 281 35.90 -43.14 42.84
N TRP D 282 35.24 -42.04 43.20
CA TRP D 282 34.46 -41.29 42.23
C TRP D 282 35.37 -40.70 41.14
N THR D 283 36.54 -40.21 41.52
CA THR D 283 37.49 -39.60 40.58
C THR D 283 37.89 -40.60 39.52
N ASP D 284 38.14 -41.84 39.92
CA ASP D 284 38.44 -42.92 38.98
C ASP D 284 37.32 -43.12 37.96
N GLY D 285 36.06 -43.05 38.41
CA GLY D 285 34.91 -43.16 37.52
C GLY D 285 34.84 -42.02 36.50
N ILE D 286 35.02 -40.79 37.00
CA ILE D 286 34.93 -39.58 36.18
C ILE D 286 35.96 -39.64 35.06
N VAL D 287 37.22 -39.95 35.40
CA VAL D 287 38.26 -39.95 34.39
C VAL D 287 38.13 -41.11 33.42
N ASN D 288 37.65 -42.26 33.92
CA ASN D 288 37.48 -43.43 33.04
C ASN D 288 36.41 -43.14 31.98
N GLU D 289 35.39 -42.38 32.38
CA GLU D 289 34.36 -41.96 31.46
C GLU D 289 34.94 -40.95 30.46
N PHE D 290 35.69 -39.95 30.96
CA PHE D 290 36.41 -39.00 30.10
C PHE D 290 37.30 -39.70 29.06
N TYR D 291 38.04 -40.72 29.48
CA TYR D 291 38.95 -41.37 28.54
C TYR D 291 38.25 -42.01 27.36
N GLU D 292 37.03 -42.51 27.58
CA GLU D 292 36.24 -43.09 26.51
C GLU D 292 35.88 -41.97 25.50
N GLN D 293 35.62 -40.78 26.04
CA GLN D 293 35.34 -39.59 25.21
C GLN D 293 36.59 -39.19 24.43
N GLY D 294 37.74 -39.11 25.13
CA GLY D 294 39.01 -38.85 24.48
C GLY D 294 39.34 -39.80 23.33
N ASP D 295 39.06 -41.10 23.55
CA ASP D 295 39.31 -42.10 22.53
C ASP D 295 38.47 -41.77 21.28
N GLU D 296 37.20 -41.42 21.49
CA GLU D 296 36.33 -41.11 20.36
C GLU D 296 36.76 -39.81 19.67
N GLU D 297 37.11 -38.79 20.47
CA GLU D 297 37.65 -37.52 19.91
C GLU D 297 38.79 -37.78 18.93
N ALA D 298 39.78 -38.56 19.39
CA ALA D 298 40.92 -38.94 18.59
C ALA D 298 40.48 -39.64 17.30
N SER D 299 39.55 -40.59 17.45
CA SER D 299 38.99 -41.36 16.34
CA SER D 299 39.06 -41.35 16.31
C SER D 299 38.38 -40.45 15.27
N LEU D 300 37.73 -39.36 15.73
CA LEU D 300 37.06 -38.40 14.86
C LEU D 300 38.01 -37.32 14.34
N GLY D 301 39.27 -37.37 14.75
CA GLY D 301 40.26 -36.41 14.32
C GLY D 301 40.08 -35.06 14.98
N LEU D 302 39.45 -35.07 16.16
CA LEU D 302 39.29 -33.88 16.99
C LEU D 302 40.45 -33.88 17.97
N PRO D 303 40.85 -32.69 18.50
CA PRO D 303 41.83 -32.66 19.59
C PRO D 303 41.22 -33.30 20.85
N ILE D 304 42.02 -34.00 21.63
CA ILE D 304 41.57 -34.64 22.85
C ILE D 304 41.36 -33.55 23.91
N SER D 305 40.15 -33.49 24.46
CA SER D 305 39.79 -32.46 25.43
C SER D 305 40.72 -32.54 26.63
N PRO D 306 40.97 -31.41 27.34
CA PRO D 306 41.79 -31.44 28.54
C PRO D 306 41.28 -32.49 29.54
N PHE D 307 42.23 -33.21 30.15
CA PHE D 307 41.98 -34.23 31.16
C PHE D 307 41.40 -35.55 30.64
N MET D 308 41.19 -35.66 29.32
CA MET D 308 40.53 -36.84 28.73
C MET D 308 41.45 -37.78 27.94
N ASP D 309 42.76 -37.64 28.15
CA ASP D 309 43.79 -38.43 27.43
C ASP D 309 44.36 -39.49 28.38
N ARG D 310 43.96 -40.75 28.16
CA ARG D 310 44.36 -41.85 29.02
C ARG D 310 45.88 -42.05 29.05
N SER D 311 46.55 -41.69 27.95
CA SER D 311 48.01 -41.83 27.87
C SER D 311 48.73 -40.73 28.65
N ALA D 312 48.03 -39.62 28.95
CA ALA D 312 48.58 -38.48 29.71
C ALA D 312 47.59 -37.99 30.76
N PRO D 313 47.33 -38.80 31.82
CA PRO D 313 46.32 -38.45 32.81
C PRO D 313 46.74 -37.26 33.64
N GLN D 314 45.76 -36.45 34.07
CA GLN D 314 46.02 -35.24 34.85
C GLN D 314 44.97 -35.16 35.94
N LEU D 315 44.87 -36.20 36.78
CA LEU D 315 43.83 -36.26 37.80
C LEU D 315 43.95 -35.06 38.72
N ALA D 316 45.17 -34.78 39.19
CA ALA D 316 45.38 -33.74 40.18
C ALA D 316 45.00 -32.33 39.65
N ASN D 317 45.43 -32.02 38.42
CA ASN D 317 45.09 -30.75 37.80
C ASN D 317 43.59 -30.61 37.59
N LEU D 318 42.95 -31.70 37.16
CA LEU D 318 41.50 -31.76 37.00
C LEU D 318 40.79 -31.44 38.30
N GLN D 319 41.11 -32.18 39.37
CA GLN D 319 40.35 -32.07 40.62
C GLN D 319 40.70 -30.81 41.38
N GLU D 320 41.97 -30.40 41.35
CA GLU D 320 42.36 -29.16 42.01
C GLU D 320 41.58 -27.99 41.40
N SER D 321 41.49 -27.93 40.06
CA SER D 321 40.84 -26.82 39.41
C SER D 321 39.31 -26.88 39.58
N PHE D 322 38.75 -28.09 39.55
CA PHE D 322 37.31 -28.28 39.77
C PHE D 322 36.93 -27.78 41.18
N ILE D 323 37.76 -28.09 42.18
CA ILE D 323 37.49 -27.63 43.53
C ILE D 323 37.63 -26.12 43.64
N SER D 324 38.75 -25.58 43.16
CA SER D 324 39.01 -24.14 43.26
C SER D 324 37.91 -23.32 42.58
N HIS D 325 37.50 -23.76 41.39
CA HIS D 325 36.64 -22.94 40.51
C HIS D 325 35.17 -23.21 40.58
N ILE D 326 34.77 -24.44 40.90
CA ILE D 326 33.36 -24.83 40.89
C ILE D 326 32.83 -25.20 42.28
N VAL D 327 33.43 -26.21 42.92
CA VAL D 327 32.87 -26.74 44.16
C VAL D 327 33.07 -25.79 45.32
N GLY D 328 34.27 -25.25 45.43
CA GLY D 328 34.62 -24.28 46.48
C GLY D 328 33.68 -23.09 46.55
N PRO D 329 33.51 -22.32 45.45
CA PRO D 329 32.58 -21.19 45.45
C PRO D 329 31.12 -21.59 45.73
N LEU D 330 30.68 -22.75 45.26
CA LEU D 330 29.34 -23.21 45.56
C LEU D 330 29.17 -23.47 47.06
N CYS D 331 30.12 -24.19 47.66
CA CYS D 331 30.07 -24.45 49.12
C CYS D 331 30.11 -23.17 49.92
N ASN D 332 30.98 -22.25 49.52
CA ASN D 332 31.07 -20.96 50.20
C ASN D 332 29.75 -20.21 50.16
N SER D 333 29.11 -20.21 48.98
CA SER D 333 27.83 -19.53 48.80
C SER D 333 26.74 -20.16 49.70
N TYR D 334 26.65 -21.49 49.66
CA TYR D 334 25.68 -22.26 50.45
C TYR D 334 25.92 -22.08 51.95
N ASP D 335 27.19 -22.11 52.36
CA ASP D 335 27.59 -21.90 53.75
C ASP D 335 27.28 -20.46 54.22
N SER D 336 27.51 -19.46 53.37
CA SER D 336 27.18 -18.06 53.67
C SER D 336 25.69 -17.85 53.95
N ALA D 337 24.85 -18.66 53.31
CA ALA D 337 23.40 -18.64 53.54
C ALA D 337 23.02 -19.36 54.86
N GLY D 338 24.00 -19.94 55.54
CA GLY D 338 23.80 -20.66 56.79
C GLY D 338 23.13 -22.01 56.64
N LEU D 339 23.28 -22.65 55.47
CA LEU D 339 22.57 -23.90 55.21
C LEU D 339 23.39 -25.20 55.33
N MET D 340 24.68 -25.12 55.61
CA MET D 340 25.48 -26.34 55.70
C MET D 340 25.15 -27.12 56.97
N PRO D 341 24.94 -28.45 56.89
CA PRO D 341 24.89 -29.27 58.09
C PRO D 341 26.18 -29.11 58.87
N GLY D 342 26.07 -29.14 60.19
CA GLY D 342 27.24 -28.98 61.05
C GLY D 342 26.85 -29.22 62.49
N LYS D 343 27.81 -29.02 63.39
CA LYS D 343 27.67 -29.27 64.82
C LYS D 343 28.23 -28.07 65.58
N TRP D 344 27.52 -27.65 66.63
CA TRP D 344 28.06 -26.66 67.56
C TRP D 344 29.20 -27.32 68.31
N VAL D 345 30.31 -26.59 68.45
CA VAL D 345 31.36 -26.90 69.40
C VAL D 345 30.97 -26.21 70.68
N ARG D 354 29.34 -19.57 70.27
CA ARG D 354 29.93 -20.87 69.96
C ARG D 354 30.53 -20.93 68.56
N LYS D 355 31.43 -21.90 68.34
CA LYS D 355 31.98 -22.20 67.00
C LYS D 355 31.15 -23.30 66.35
N ILE D 356 31.29 -23.45 65.03
CA ILE D 356 30.63 -24.52 64.30
C ILE D 356 31.69 -25.41 63.67
N TYR D 357 31.48 -26.72 63.73
CA TYR D 357 32.32 -27.67 63.03
C TYR D 357 31.54 -28.19 61.84
N CYS D 358 32.07 -27.96 60.63
CA CYS D 358 31.40 -28.35 59.39
C CYS D 358 32.20 -29.42 58.65
N GLN D 359 31.73 -30.67 58.74
CA GLN D 359 32.42 -31.81 58.17
C GLN D 359 32.61 -31.63 56.66
N ILE D 360 31.57 -31.15 55.99
CA ILE D 360 31.57 -31.00 54.56
C ILE D 360 32.71 -30.11 54.04
N THR D 361 32.82 -28.90 54.59
CA THR D 361 33.85 -27.96 54.19
C THR D 361 35.23 -28.42 54.68
N GLN D 362 35.28 -29.12 55.81
CA GLN D 362 36.57 -29.72 56.26
C GLN D 362 37.09 -30.75 55.24
N HIS D 363 36.24 -31.66 54.77
CA HIS D 363 36.64 -32.63 53.76
C HIS D 363 37.09 -31.95 52.46
N LEU D 364 36.34 -30.92 52.03
CA LEU D 364 36.72 -30.21 50.81
C LEU D 364 38.09 -29.59 50.92
N LEU D 365 38.39 -28.98 52.06
CA LEU D 365 39.72 -28.43 52.35
C LEU D 365 40.78 -29.50 52.29
N GLN D 366 40.49 -30.64 52.93
CA GLN D 366 41.44 -31.78 53.00
C GLN D 366 41.78 -32.32 51.61
N ASN D 367 40.73 -32.50 50.79
CA ASN D 367 40.90 -33.00 49.44
C ASN D 367 41.63 -32.01 48.53
N HIS D 368 41.35 -30.72 48.71
CA HIS D 368 42.03 -29.68 47.95
C HIS D 368 43.52 -29.69 48.26
N LYS D 369 43.86 -29.76 49.54
CA LYS D 369 45.23 -29.85 50.00
C LYS D 369 45.93 -31.08 49.44
N MET D 370 45.24 -32.22 49.44
CA MET D 370 45.76 -33.48 48.89
C MET D 370 46.19 -33.31 47.43
N TRP D 371 45.30 -32.73 46.61
CA TRP D 371 45.60 -32.58 45.19
C TRP D 371 46.74 -31.60 44.95
N LYS D 372 46.79 -30.54 45.75
CA LYS D 372 47.86 -29.55 45.68
C LYS D 372 49.23 -30.19 45.94
N LYS D 373 49.26 -31.11 46.92
CA LYS D 373 50.47 -31.84 47.28
C LYS D 373 50.90 -32.80 46.16
N VAL D 374 49.93 -33.46 45.51
CA VAL D 374 50.21 -34.30 44.34
C VAL D 374 50.84 -33.44 43.25
N ILE D 375 50.22 -32.29 42.96
CA ILE D 375 50.73 -31.35 41.95
C ILE D 375 52.16 -30.92 42.27
N GLU D 376 52.45 -30.61 43.54
CA GLU D 376 53.80 -30.23 43.96
C GLU D 376 54.87 -31.27 43.65
N GLU D 377 54.51 -32.54 43.85
CA GLU D 377 55.44 -33.64 43.62
C GLU D 377 55.56 -33.97 42.11
N GLU D 378 54.47 -33.76 41.36
CA GLU D 378 54.46 -33.83 39.89
C GLU D 378 55.35 -32.75 39.24
N GLN D 379 55.62 -31.66 39.97
CA GLN D 379 56.58 -30.62 39.56
C GLN D 379 57.72 -30.55 40.54
MN MN E . -24.21 37.17 -38.14
MG MG F . -21.08 35.69 -36.38
C ACT G . -31.17 51.34 -34.36
O ACT G . -29.99 51.50 -33.97
OXT ACT G . -32.12 51.08 -33.59
CH3 ACT G . -31.46 51.47 -35.84
MN MN H . -7.24 14.82 -13.92
MG MG I . -10.16 16.91 -15.25
C ACT J . 2.78 19.36 -2.08
O ACT J . 3.82 19.89 -2.54
OXT ACT J . 1.67 19.93 -2.01
CH3 ACT J . 2.89 17.92 -1.55
MN MN K . 5.81 -16.05 13.38
MG MG L . 6.17 -18.45 16.37
CA CA M . 31.10 -9.60 -8.36
C ACT N . 2.47 -20.59 -1.79
O ACT N . 2.05 -21.56 -1.15
OXT ACT N . 3.49 -20.62 -2.53
CH3 ACT N . 1.66 -19.29 -1.69
MN MN O . 25.01 -35.85 37.96
MG MG P . 24.42 -34.16 34.56
C ACT Q . 23.12 -51.75 41.00
O ACT Q . 22.03 -51.87 41.61
OXT ACT Q . 23.24 -51.73 39.74
CH3 ACT Q . 24.40 -51.60 41.83
#